data_2V81
# 
_entry.id   2V81 
# 
_audit_conform.dict_name       mmcif_pdbx.dic 
_audit_conform.dict_version    5.397 
_audit_conform.dict_location   http://mmcif.pdb.org/dictionaries/ascii/mmcif_pdbx.dic 
# 
loop_
_database_2.database_id 
_database_2.database_code 
_database_2.pdbx_database_accession 
_database_2.pdbx_DOI 
PDB   2V81         pdb_00002v81 10.2210/pdb2v81/pdb 
PDBE  EBI-33359    ?            ?                   
WWPDB D_1290033359 ?            ?                   
# 
loop_
_pdbx_audit_revision_history.ordinal 
_pdbx_audit_revision_history.data_content_type 
_pdbx_audit_revision_history.major_revision 
_pdbx_audit_revision_history.minor_revision 
_pdbx_audit_revision_history.revision_date 
1 'Structure model' 1 0 2007-08-14 
2 'Structure model' 1 1 2011-07-13 
3 'Structure model' 1 2 2018-03-28 
4 'Structure model' 1 3 2024-10-16 
# 
_pdbx_audit_revision_details.ordinal             1 
_pdbx_audit_revision_details.revision_ordinal    1 
_pdbx_audit_revision_details.data_content_type   'Structure model' 
_pdbx_audit_revision_details.provider            repository 
_pdbx_audit_revision_details.type                'Initial release' 
_pdbx_audit_revision_details.description         ? 
_pdbx_audit_revision_details.details             ? 
# 
loop_
_pdbx_audit_revision_group.ordinal 
_pdbx_audit_revision_group.revision_ordinal 
_pdbx_audit_revision_group.data_content_type 
_pdbx_audit_revision_group.group 
1 2 'Structure model' Advisory                    
2 2 'Structure model' 'Version format compliance' 
3 3 'Structure model' 'Database references'       
4 4 'Structure model' 'Data collection'           
5 4 'Structure model' 'Database references'       
6 4 'Structure model' 'Derived calculations'      
7 4 'Structure model' Other                       
8 4 'Structure model' 'Structure summary'         
# 
loop_
_pdbx_audit_revision_category.ordinal 
_pdbx_audit_revision_category.revision_ordinal 
_pdbx_audit_revision_category.data_content_type 
_pdbx_audit_revision_category.category 
1 3 'Structure model' citation                  
2 3 'Structure model' citation_author           
3 4 'Structure model' chem_comp_atom            
4 4 'Structure model' chem_comp_bond            
5 4 'Structure model' database_2                
6 4 'Structure model' pdbx_database_status      
7 4 'Structure model' pdbx_entry_details        
8 4 'Structure model' pdbx_modification_feature 
9 4 'Structure model' struct_conn               
# 
loop_
_pdbx_audit_revision_item.ordinal 
_pdbx_audit_revision_item.revision_ordinal 
_pdbx_audit_revision_item.data_content_type 
_pdbx_audit_revision_item.item 
1  3 'Structure model' '_citation.journal_abbrev'             
2  3 'Structure model' '_citation.journal_id_ISSN'            
3  3 'Structure model' '_citation.page_last'                  
4  3 'Structure model' '_citation.pdbx_database_id_DOI'       
5  3 'Structure model' '_citation.title'                      
6  3 'Structure model' '_citation_author.name'                
7  4 'Structure model' '_database_2.pdbx_DOI'                 
8  4 'Structure model' '_database_2.pdbx_database_accession'  
9  4 'Structure model' '_pdbx_database_status.status_code_sf' 
10 4 'Structure model' '_struct_conn.pdbx_leaving_atom_flag'  
# 
_pdbx_database_status.status_code                     REL 
_pdbx_database_status.entry_id                        2V81 
_pdbx_database_status.deposit_site                    PDBE 
_pdbx_database_status.process_site                    PDBE 
_pdbx_database_status.SG_entry                        . 
_pdbx_database_status.recvd_initial_deposition_date   2007-08-02 
_pdbx_database_status.pdb_format_compatible           Y 
_pdbx_database_status.status_code_sf                  REL 
_pdbx_database_status.status_code_mr                  ? 
_pdbx_database_status.status_code_cs                  ? 
_pdbx_database_status.methods_development_category    ? 
_pdbx_database_status.status_code_nmr_data            ? 
# 
loop_
_pdbx_database_related.db_name 
_pdbx_database_related.db_id 
_pdbx_database_related.content_type 
_pdbx_database_related.details 
PDB 2J6N unspecified 'THE NATIVE STRUCTURE OF KDPGAL ALDOLASE' 
PDB 2J6Q unspecified 'THE NATIVE STRUCTURE OF KDPGAL ALDOLASE' 
PDB 2V82 unspecified 'KDPGAL COMPLEXED TO KDPGAL'              
# 
_audit_author.name               'Naismith, J.H.' 
_audit_author.pdbx_ordinal       1 
_audit_author.identifier_ORCID   ? 
# 
_citation.id                        primary 
_citation.title                     'Characterization and crystal structure of Escherichia coli KDPGal aldolase.' 
_citation.journal_abbrev            'Bioorg. Med. Chem.' 
_citation.journal_volume            16 
_citation.page_first                710 
_citation.page_last                 720 
_citation.year                      2008 
_citation.journal_id_ASTM           BMECEP 
_citation.country                   UK 
_citation.journal_id_ISSN           1464-3391 
_citation.journal_id_CSD            1200 
_citation.book_publisher            ? 
_citation.pdbx_database_id_PubMed   17981470 
_citation.pdbx_database_id_DOI      10.1016/j.bmc.2007.10.043 
# 
loop_
_citation_author.citation_id 
_citation_author.name 
_citation_author.ordinal 
_citation_author.identifier_ORCID 
primary 'Walters, M.J.'      1 ? 
primary 'Srikannathasan, V.' 2 ? 
primary 'McEwan, A.R.'       3 ? 
primary 'Naismith, J.H.'     4 ? 
primary 'Fierke, C.A.'       5 ? 
primary 'Toone, E.J.'        6 ? 
# 
loop_
_entity.id 
_entity.type 
_entity.src_method 
_entity.pdbx_description 
_entity.formula_weight 
_entity.pdbx_number_of_molecules 
_entity.pdbx_ec 
_entity.pdbx_mutation 
_entity.pdbx_fragment 
_entity.details 
1 polymer man '2-DEHYDRO-3-DEOXY-6-PHOSPHOGALACTONATE ALDOLASE' 22489.225 1  4.1.2.21 ? ? ? 
2 water   nat water                                             18.015    53 ?        ? ? ? 
# 
_entity_name_com.entity_id   1 
_entity_name_com.name        '6-PHOSPHO-2-DEHYDRO-3-DEOXYGALACTONATE ALDOLASE, 2-OXO-3-DEOXYGALACTONATE 6-PHOSPHATE ALDOLASE' 
# 
_entity_poly.entity_id                      1 
_entity_poly.type                           'polypeptide(L)' 
_entity_poly.nstd_linkage                   no 
_entity_poly.nstd_monomer                   yes 
_entity_poly.pdbx_seq_one_letter_code       
;(MSE)QWQTKLPLIAILRGITPDEALAHVGAVIDAGFDAVEIPLNSPQWEQSIPAIVDAYGDKALIGAGTVLKPEQVDAL
AR(MSE)GCQLIVTPNIHSEVIRRAVGYG(MSE)TVCPGCATATEAFTALEAGAQALKIFPSSAFGPQYIKALKAVLPSD
IAVFAVGGVTPENLAQWIDAGCAGAGLGSDLYRAGQSVERTAQQAAAFVKAYREAVQLHHHHHH
;
_entity_poly.pdbx_seq_one_letter_code_can   
;MQWQTKLPLIAILRGITPDEALAHVGAVIDAGFDAVEIPLNSPQWEQSIPAIVDAYGDKALIGAGTVLKPEQVDALARMG
CQLIVTPNIHSEVIRRAVGYGMTVCPGCATATEAFTALEAGAQALKIFPSSAFGPQYIKALKAVLPSDIAVFAVGGVTPE
NLAQWIDAGCAGAGLGSDLYRAGQSVERTAQQAAAFVKAYREAVQLHHHHHH
;
_entity_poly.pdbx_strand_id                 A 
_entity_poly.pdbx_target_identifier         ? 
# 
_pdbx_entity_nonpoly.entity_id   2 
_pdbx_entity_nonpoly.name        water 
_pdbx_entity_nonpoly.comp_id     HOH 
# 
loop_
_entity_poly_seq.entity_id 
_entity_poly_seq.num 
_entity_poly_seq.mon_id 
_entity_poly_seq.hetero 
1 1   MSE n 
1 2   GLN n 
1 3   TRP n 
1 4   GLN n 
1 5   THR n 
1 6   LYS n 
1 7   LEU n 
1 8   PRO n 
1 9   LEU n 
1 10  ILE n 
1 11  ALA n 
1 12  ILE n 
1 13  LEU n 
1 14  ARG n 
1 15  GLY n 
1 16  ILE n 
1 17  THR n 
1 18  PRO n 
1 19  ASP n 
1 20  GLU n 
1 21  ALA n 
1 22  LEU n 
1 23  ALA n 
1 24  HIS n 
1 25  VAL n 
1 26  GLY n 
1 27  ALA n 
1 28  VAL n 
1 29  ILE n 
1 30  ASP n 
1 31  ALA n 
1 32  GLY n 
1 33  PHE n 
1 34  ASP n 
1 35  ALA n 
1 36  VAL n 
1 37  GLU n 
1 38  ILE n 
1 39  PRO n 
1 40  LEU n 
1 41  ASN n 
1 42  SER n 
1 43  PRO n 
1 44  GLN n 
1 45  TRP n 
1 46  GLU n 
1 47  GLN n 
1 48  SER n 
1 49  ILE n 
1 50  PRO n 
1 51  ALA n 
1 52  ILE n 
1 53  VAL n 
1 54  ASP n 
1 55  ALA n 
1 56  TYR n 
1 57  GLY n 
1 58  ASP n 
1 59  LYS n 
1 60  ALA n 
1 61  LEU n 
1 62  ILE n 
1 63  GLY n 
1 64  ALA n 
1 65  GLY n 
1 66  THR n 
1 67  VAL n 
1 68  LEU n 
1 69  LYS n 
1 70  PRO n 
1 71  GLU n 
1 72  GLN n 
1 73  VAL n 
1 74  ASP n 
1 75  ALA n 
1 76  LEU n 
1 77  ALA n 
1 78  ARG n 
1 79  MSE n 
1 80  GLY n 
1 81  CYS n 
1 82  GLN n 
1 83  LEU n 
1 84  ILE n 
1 85  VAL n 
1 86  THR n 
1 87  PRO n 
1 88  ASN n 
1 89  ILE n 
1 90  HIS n 
1 91  SER n 
1 92  GLU n 
1 93  VAL n 
1 94  ILE n 
1 95  ARG n 
1 96  ARG n 
1 97  ALA n 
1 98  VAL n 
1 99  GLY n 
1 100 TYR n 
1 101 GLY n 
1 102 MSE n 
1 103 THR n 
1 104 VAL n 
1 105 CYS n 
1 106 PRO n 
1 107 GLY n 
1 108 CYS n 
1 109 ALA n 
1 110 THR n 
1 111 ALA n 
1 112 THR n 
1 113 GLU n 
1 114 ALA n 
1 115 PHE n 
1 116 THR n 
1 117 ALA n 
1 118 LEU n 
1 119 GLU n 
1 120 ALA n 
1 121 GLY n 
1 122 ALA n 
1 123 GLN n 
1 124 ALA n 
1 125 LEU n 
1 126 LYS n 
1 127 ILE n 
1 128 PHE n 
1 129 PRO n 
1 130 SER n 
1 131 SER n 
1 132 ALA n 
1 133 PHE n 
1 134 GLY n 
1 135 PRO n 
1 136 GLN n 
1 137 TYR n 
1 138 ILE n 
1 139 LYS n 
1 140 ALA n 
1 141 LEU n 
1 142 LYS n 
1 143 ALA n 
1 144 VAL n 
1 145 LEU n 
1 146 PRO n 
1 147 SER n 
1 148 ASP n 
1 149 ILE n 
1 150 ALA n 
1 151 VAL n 
1 152 PHE n 
1 153 ALA n 
1 154 VAL n 
1 155 GLY n 
1 156 GLY n 
1 157 VAL n 
1 158 THR n 
1 159 PRO n 
1 160 GLU n 
1 161 ASN n 
1 162 LEU n 
1 163 ALA n 
1 164 GLN n 
1 165 TRP n 
1 166 ILE n 
1 167 ASP n 
1 168 ALA n 
1 169 GLY n 
1 170 CYS n 
1 171 ALA n 
1 172 GLY n 
1 173 ALA n 
1 174 GLY n 
1 175 LEU n 
1 176 GLY n 
1 177 SER n 
1 178 ASP n 
1 179 LEU n 
1 180 TYR n 
1 181 ARG n 
1 182 ALA n 
1 183 GLY n 
1 184 GLN n 
1 185 SER n 
1 186 VAL n 
1 187 GLU n 
1 188 ARG n 
1 189 THR n 
1 190 ALA n 
1 191 GLN n 
1 192 GLN n 
1 193 ALA n 
1 194 ALA n 
1 195 ALA n 
1 196 PHE n 
1 197 VAL n 
1 198 LYS n 
1 199 ALA n 
1 200 TYR n 
1 201 ARG n 
1 202 GLU n 
1 203 ALA n 
1 204 VAL n 
1 205 GLN n 
1 206 LEU n 
1 207 HIS n 
1 208 HIS n 
1 209 HIS n 
1 210 HIS n 
1 211 HIS n 
1 212 HIS n 
# 
_entity_src_gen.entity_id                          1 
_entity_src_gen.pdbx_src_id                        1 
_entity_src_gen.pdbx_alt_source_flag               sample 
_entity_src_gen.pdbx_seq_type                      ? 
_entity_src_gen.pdbx_beg_seq_num                   ? 
_entity_src_gen.pdbx_end_seq_num                   ? 
_entity_src_gen.gene_src_common_name               ? 
_entity_src_gen.gene_src_genus                     ? 
_entity_src_gen.pdbx_gene_src_gene                 ? 
_entity_src_gen.gene_src_species                   ? 
_entity_src_gen.gene_src_strain                    ? 
_entity_src_gen.gene_src_tissue                    ? 
_entity_src_gen.gene_src_tissue_fraction           ? 
_entity_src_gen.gene_src_details                   ? 
_entity_src_gen.pdbx_gene_src_fragment             ? 
_entity_src_gen.pdbx_gene_src_scientific_name      'ESCHERICHIA COLI' 
_entity_src_gen.pdbx_gene_src_ncbi_taxonomy_id     562 
_entity_src_gen.pdbx_gene_src_variant              ? 
_entity_src_gen.pdbx_gene_src_cell_line            ? 
_entity_src_gen.pdbx_gene_src_atcc                 ? 
_entity_src_gen.pdbx_gene_src_organ                ? 
_entity_src_gen.pdbx_gene_src_organelle            ? 
_entity_src_gen.pdbx_gene_src_cell                 ? 
_entity_src_gen.pdbx_gene_src_cellular_location    ? 
_entity_src_gen.host_org_common_name               ? 
_entity_src_gen.pdbx_host_org_scientific_name      'ESCHERICHIA COLI' 
_entity_src_gen.pdbx_host_org_ncbi_taxonomy_id     562 
_entity_src_gen.host_org_genus                     ? 
_entity_src_gen.pdbx_host_org_gene                 ? 
_entity_src_gen.pdbx_host_org_organ                ? 
_entity_src_gen.host_org_species                   ? 
_entity_src_gen.pdbx_host_org_tissue               ? 
_entity_src_gen.pdbx_host_org_tissue_fraction      ? 
_entity_src_gen.pdbx_host_org_strain               ? 
_entity_src_gen.pdbx_host_org_variant              ? 
_entity_src_gen.pdbx_host_org_cell_line            ? 
_entity_src_gen.pdbx_host_org_atcc                 ? 
_entity_src_gen.pdbx_host_org_culture_collection   ? 
_entity_src_gen.pdbx_host_org_cell                 ? 
_entity_src_gen.pdbx_host_org_organelle            ? 
_entity_src_gen.pdbx_host_org_cellular_location    ? 
_entity_src_gen.pdbx_host_org_vector_type          ? 
_entity_src_gen.pdbx_host_org_vector               ? 
_entity_src_gen.host_org_details                   ? 
_entity_src_gen.expression_system_id               ? 
_entity_src_gen.plasmid_name                       ? 
_entity_src_gen.plasmid_details                    ? 
_entity_src_gen.pdbx_description                   ? 
# 
loop_
_chem_comp.id 
_chem_comp.type 
_chem_comp.mon_nstd_flag 
_chem_comp.name 
_chem_comp.pdbx_synonyms 
_chem_comp.formula 
_chem_comp.formula_weight 
ALA 'L-peptide linking' y ALANINE          ? 'C3 H7 N O2'     89.093  
ARG 'L-peptide linking' y ARGININE         ? 'C6 H15 N4 O2 1' 175.209 
ASN 'L-peptide linking' y ASPARAGINE       ? 'C4 H8 N2 O3'    132.118 
ASP 'L-peptide linking' y 'ASPARTIC ACID'  ? 'C4 H7 N O4'     133.103 
CYS 'L-peptide linking' y CYSTEINE         ? 'C3 H7 N O2 S'   121.158 
GLN 'L-peptide linking' y GLUTAMINE        ? 'C5 H10 N2 O3'   146.144 
GLU 'L-peptide linking' y 'GLUTAMIC ACID'  ? 'C5 H9 N O4'     147.129 
GLY 'peptide linking'   y GLYCINE          ? 'C2 H5 N O2'     75.067  
HIS 'L-peptide linking' y HISTIDINE        ? 'C6 H10 N3 O2 1' 156.162 
HOH non-polymer         . WATER            ? 'H2 O'           18.015  
ILE 'L-peptide linking' y ISOLEUCINE       ? 'C6 H13 N O2'    131.173 
LEU 'L-peptide linking' y LEUCINE          ? 'C6 H13 N O2'    131.173 
LYS 'L-peptide linking' y LYSINE           ? 'C6 H15 N2 O2 1' 147.195 
MSE 'L-peptide linking' n SELENOMETHIONINE ? 'C5 H11 N O2 Se' 196.106 
PHE 'L-peptide linking' y PHENYLALANINE    ? 'C9 H11 N O2'    165.189 
PRO 'L-peptide linking' y PROLINE          ? 'C5 H9 N O2'     115.130 
SER 'L-peptide linking' y SERINE           ? 'C3 H7 N O3'     105.093 
THR 'L-peptide linking' y THREONINE        ? 'C4 H9 N O3'     119.119 
TRP 'L-peptide linking' y TRYPTOPHAN       ? 'C11 H12 N2 O2'  204.225 
TYR 'L-peptide linking' y TYROSINE         ? 'C9 H11 N O3'    181.189 
VAL 'L-peptide linking' y VALINE           ? 'C5 H11 N O2'    117.146 
# 
loop_
_pdbx_poly_seq_scheme.asym_id 
_pdbx_poly_seq_scheme.entity_id 
_pdbx_poly_seq_scheme.seq_id 
_pdbx_poly_seq_scheme.mon_id 
_pdbx_poly_seq_scheme.ndb_seq_num 
_pdbx_poly_seq_scheme.pdb_seq_num 
_pdbx_poly_seq_scheme.auth_seq_num 
_pdbx_poly_seq_scheme.pdb_mon_id 
_pdbx_poly_seq_scheme.auth_mon_id 
_pdbx_poly_seq_scheme.pdb_strand_id 
_pdbx_poly_seq_scheme.pdb_ins_code 
_pdbx_poly_seq_scheme.hetero 
A 1 1   MSE 1   1   1   MSE MSE A . n 
A 1 2   GLN 2   2   2   GLN GLN A . n 
A 1 3   TRP 3   3   3   TRP TRP A . n 
A 1 4   GLN 4   4   4   GLN GLN A . n 
A 1 5   THR 5   5   5   THR THR A . n 
A 1 6   LYS 6   6   6   LYS LYS A . n 
A 1 7   LEU 7   7   7   LEU LEU A . n 
A 1 8   PRO 8   8   8   PRO PRO A . n 
A 1 9   LEU 9   9   9   LEU LEU A . n 
A 1 10  ILE 10  10  10  ILE ILE A . n 
A 1 11  ALA 11  11  11  ALA ALA A . n 
A 1 12  ILE 12  12  12  ILE ILE A . n 
A 1 13  LEU 13  13  13  LEU LEU A . n 
A 1 14  ARG 14  14  14  ARG ARG A . n 
A 1 15  GLY 15  15  15  GLY GLY A . n 
A 1 16  ILE 16  16  16  ILE ILE A . n 
A 1 17  THR 17  17  17  THR THR A . n 
A 1 18  PRO 18  18  18  PRO PRO A . n 
A 1 19  ASP 19  19  19  ASP ASP A . n 
A 1 20  GLU 20  20  20  GLU GLU A . n 
A 1 21  ALA 21  21  21  ALA ALA A . n 
A 1 22  LEU 22  22  22  LEU LEU A . n 
A 1 23  ALA 23  23  23  ALA ALA A . n 
A 1 24  HIS 24  24  24  HIS HIS A . n 
A 1 25  VAL 25  25  25  VAL VAL A . n 
A 1 26  GLY 26  26  26  GLY GLY A . n 
A 1 27  ALA 27  27  27  ALA ALA A . n 
A 1 28  VAL 28  28  28  VAL VAL A . n 
A 1 29  ILE 29  29  29  ILE ILE A . n 
A 1 30  ASP 30  30  30  ASP ASP A . n 
A 1 31  ALA 31  31  31  ALA ALA A . n 
A 1 32  GLY 32  32  32  GLY GLY A . n 
A 1 33  PHE 33  33  33  PHE PHE A . n 
A 1 34  ASP 34  34  34  ASP ASP A . n 
A 1 35  ALA 35  35  35  ALA ALA A . n 
A 1 36  VAL 36  36  36  VAL VAL A . n 
A 1 37  GLU 37  37  37  GLU GLU A . n 
A 1 38  ILE 38  38  38  ILE ILE A . n 
A 1 39  PRO 39  39  39  PRO PRO A . n 
A 1 40  LEU 40  40  40  LEU LEU A . n 
A 1 41  ASN 41  41  41  ASN ASN A . n 
A 1 42  SER 42  42  42  SER SER A . n 
A 1 43  PRO 43  43  43  PRO PRO A . n 
A 1 44  GLN 44  44  44  GLN GLN A . n 
A 1 45  TRP 45  45  45  TRP TRP A . n 
A 1 46  GLU 46  46  46  GLU GLU A . n 
A 1 47  GLN 47  47  47  GLN GLN A . n 
A 1 48  SER 48  48  48  SER SER A . n 
A 1 49  ILE 49  49  49  ILE ILE A . n 
A 1 50  PRO 50  50  50  PRO PRO A . n 
A 1 51  ALA 51  51  51  ALA ALA A . n 
A 1 52  ILE 52  52  52  ILE ILE A . n 
A 1 53  VAL 53  53  53  VAL VAL A . n 
A 1 54  ASP 54  54  54  ASP ASP A . n 
A 1 55  ALA 55  55  55  ALA ALA A . n 
A 1 56  TYR 56  56  56  TYR TYR A . n 
A 1 57  GLY 57  57  57  GLY GLY A . n 
A 1 58  ASP 58  58  58  ASP ASP A . n 
A 1 59  LYS 59  59  59  LYS LYS A . n 
A 1 60  ALA 60  60  60  ALA ALA A . n 
A 1 61  LEU 61  61  61  LEU LEU A . n 
A 1 62  ILE 62  62  62  ILE ILE A . n 
A 1 63  GLY 63  63  63  GLY GLY A . n 
A 1 64  ALA 64  64  64  ALA ALA A . n 
A 1 65  GLY 65  65  65  GLY GLY A . n 
A 1 66  THR 66  66  66  THR THR A . n 
A 1 67  VAL 67  67  67  VAL VAL A . n 
A 1 68  LEU 68  68  68  LEU LEU A . n 
A 1 69  LYS 69  69  69  LYS LYS A . n 
A 1 70  PRO 70  70  70  PRO PRO A . n 
A 1 71  GLU 71  71  71  GLU GLU A . n 
A 1 72  GLN 72  72  72  GLN GLN A . n 
A 1 73  VAL 73  73  73  VAL VAL A . n 
A 1 74  ASP 74  74  74  ASP ASP A . n 
A 1 75  ALA 75  75  75  ALA ALA A . n 
A 1 76  LEU 76  76  76  LEU LEU A . n 
A 1 77  ALA 77  77  77  ALA ALA A . n 
A 1 78  ARG 78  78  78  ARG ARG A . n 
A 1 79  MSE 79  79  79  MSE MSE A . n 
A 1 80  GLY 80  80  80  GLY GLY A . n 
A 1 81  CYS 81  81  81  CYS CYS A . n 
A 1 82  GLN 82  82  82  GLN GLN A . n 
A 1 83  LEU 83  83  83  LEU LEU A . n 
A 1 84  ILE 84  84  84  ILE ILE A . n 
A 1 85  VAL 85  85  85  VAL VAL A . n 
A 1 86  THR 86  86  86  THR THR A . n 
A 1 87  PRO 87  87  87  PRO PRO A . n 
A 1 88  ASN 88  88  88  ASN ASN A . n 
A 1 89  ILE 89  89  89  ILE ILE A . n 
A 1 90  HIS 90  90  90  HIS HIS A . n 
A 1 91  SER 91  91  91  SER SER A . n 
A 1 92  GLU 92  92  92  GLU GLU A . n 
A 1 93  VAL 93  93  93  VAL VAL A . n 
A 1 94  ILE 94  94  94  ILE ILE A . n 
A 1 95  ARG 95  95  95  ARG ARG A . n 
A 1 96  ARG 96  96  96  ARG ARG A . n 
A 1 97  ALA 97  97  97  ALA ALA A . n 
A 1 98  VAL 98  98  98  VAL VAL A . n 
A 1 99  GLY 99  99  99  GLY GLY A . n 
A 1 100 TYR 100 100 100 TYR TYR A . n 
A 1 101 GLY 101 101 101 GLY GLY A . n 
A 1 102 MSE 102 102 102 MSE MSE A . n 
A 1 103 THR 103 103 103 THR THR A . n 
A 1 104 VAL 104 104 104 VAL VAL A . n 
A 1 105 CYS 105 105 105 CYS CYS A . n 
A 1 106 PRO 106 106 106 PRO PRO A . n 
A 1 107 GLY 107 107 107 GLY GLY A . n 
A 1 108 CYS 108 108 108 CYS CYS A . n 
A 1 109 ALA 109 109 109 ALA ALA A . n 
A 1 110 THR 110 110 110 THR THR A . n 
A 1 111 ALA 111 111 111 ALA ALA A . n 
A 1 112 THR 112 112 112 THR THR A . n 
A 1 113 GLU 113 113 113 GLU GLU A . n 
A 1 114 ALA 114 114 114 ALA ALA A . n 
A 1 115 PHE 115 115 115 PHE PHE A . n 
A 1 116 THR 116 116 116 THR THR A . n 
A 1 117 ALA 117 117 117 ALA ALA A . n 
A 1 118 LEU 118 118 118 LEU LEU A . n 
A 1 119 GLU 119 119 119 GLU GLU A . n 
A 1 120 ALA 120 120 120 ALA ALA A . n 
A 1 121 GLY 121 121 121 GLY GLY A . n 
A 1 122 ALA 122 122 122 ALA ALA A . n 
A 1 123 GLN 123 123 123 GLN GLN A . n 
A 1 124 ALA 124 124 124 ALA ALA A . n 
A 1 125 LEU 125 125 125 LEU LEU A . n 
A 1 126 LYS 126 126 126 LYS LYS A . n 
A 1 127 ILE 127 127 127 ILE ILE A . n 
A 1 128 PHE 128 128 128 PHE PHE A . n 
A 1 129 PRO 129 129 129 PRO PRO A . n 
A 1 130 SER 130 130 130 SER SER A . n 
A 1 131 SER 131 131 131 SER SER A . n 
A 1 132 ALA 132 132 132 ALA ALA A . n 
A 1 133 PHE 133 133 133 PHE PHE A . n 
A 1 134 GLY 134 134 134 GLY GLY A . n 
A 1 135 PRO 135 135 135 PRO PRO A . n 
A 1 136 GLN 136 136 136 GLN GLN A . n 
A 1 137 TYR 137 137 137 TYR TYR A . n 
A 1 138 ILE 138 138 138 ILE ILE A . n 
A 1 139 LYS 139 139 139 LYS LYS A . n 
A 1 140 ALA 140 140 140 ALA ALA A . n 
A 1 141 LEU 141 141 141 LEU LEU A . n 
A 1 142 LYS 142 142 142 LYS LYS A . n 
A 1 143 ALA 143 143 143 ALA ALA A . n 
A 1 144 VAL 144 144 144 VAL VAL A . n 
A 1 145 LEU 145 145 145 LEU LEU A . n 
A 1 146 PRO 146 146 146 PRO PRO A . n 
A 1 147 SER 147 147 147 SER SER A . n 
A 1 148 ASP 148 148 148 ASP ASP A . n 
A 1 149 ILE 149 149 149 ILE ILE A . n 
A 1 150 ALA 150 150 150 ALA ALA A . n 
A 1 151 VAL 151 151 151 VAL VAL A . n 
A 1 152 PHE 152 152 152 PHE PHE A . n 
A 1 153 ALA 153 153 153 ALA ALA A . n 
A 1 154 VAL 154 154 154 VAL VAL A . n 
A 1 155 GLY 155 155 155 GLY GLY A . n 
A 1 156 GLY 156 156 156 GLY GLY A . n 
A 1 157 VAL 157 157 157 VAL VAL A . n 
A 1 158 THR 158 158 158 THR THR A . n 
A 1 159 PRO 159 159 159 PRO PRO A . n 
A 1 160 GLU 160 160 160 GLU GLU A . n 
A 1 161 ASN 161 161 161 ASN ASN A . n 
A 1 162 LEU 162 162 162 LEU LEU A . n 
A 1 163 ALA 163 163 163 ALA ALA A . n 
A 1 164 GLN 164 164 164 GLN GLN A . n 
A 1 165 TRP 165 165 165 TRP TRP A . n 
A 1 166 ILE 166 166 166 ILE ILE A . n 
A 1 167 ASP 167 167 167 ASP ASP A . n 
A 1 168 ALA 168 168 168 ALA ALA A . n 
A 1 169 GLY 169 169 169 GLY GLY A . n 
A 1 170 CYS 170 170 170 CYS CYS A . n 
A 1 171 ALA 171 171 171 ALA ALA A . n 
A 1 172 GLY 172 172 172 GLY GLY A . n 
A 1 173 ALA 173 173 173 ALA ALA A . n 
A 1 174 GLY 174 174 174 GLY GLY A . n 
A 1 175 LEU 175 175 175 LEU LEU A . n 
A 1 176 GLY 176 176 176 GLY GLY A . n 
A 1 177 SER 177 177 177 SER SER A . n 
A 1 178 ASP 178 178 178 ASP ASP A . n 
A 1 179 LEU 179 179 179 LEU LEU A . n 
A 1 180 TYR 180 180 180 TYR TYR A . n 
A 1 181 ARG 181 181 181 ARG ARG A . n 
A 1 182 ALA 182 182 182 ALA ALA A . n 
A 1 183 GLY 183 183 183 GLY GLY A . n 
A 1 184 GLN 184 184 184 GLN GLN A . n 
A 1 185 SER 185 185 185 SER SER A . n 
A 1 186 VAL 186 186 186 VAL VAL A . n 
A 1 187 GLU 187 187 187 GLU GLU A . n 
A 1 188 ARG 188 188 188 ARG ARG A . n 
A 1 189 THR 189 189 189 THR THR A . n 
A 1 190 ALA 190 190 190 ALA ALA A . n 
A 1 191 GLN 191 191 191 GLN GLN A . n 
A 1 192 GLN 192 192 192 GLN GLN A . n 
A 1 193 ALA 193 193 193 ALA ALA A . n 
A 1 194 ALA 194 194 194 ALA ALA A . n 
A 1 195 ALA 195 195 195 ALA ALA A . n 
A 1 196 PHE 196 196 196 PHE PHE A . n 
A 1 197 VAL 197 197 197 VAL VAL A . n 
A 1 198 LYS 198 198 198 LYS LYS A . n 
A 1 199 ALA 199 199 199 ALA ALA A . n 
A 1 200 TYR 200 200 200 TYR TYR A . n 
A 1 201 ARG 201 201 201 ARG ARG A . n 
A 1 202 GLU 202 202 202 GLU GLU A . n 
A 1 203 ALA 203 203 203 ALA ALA A . n 
A 1 204 VAL 204 204 204 VAL VAL A . n 
A 1 205 GLN 205 205 205 GLN GLN A . n 
A 1 206 LEU 206 206 206 LEU LEU A . n 
A 1 207 HIS 207 207 ?   ?   ?   A . n 
A 1 208 HIS 208 208 ?   ?   ?   A . n 
A 1 209 HIS 209 209 ?   ?   ?   A . n 
A 1 210 HIS 210 210 ?   ?   ?   A . n 
A 1 211 HIS 211 211 ?   ?   ?   A . n 
A 1 212 HIS 212 212 ?   ?   ?   A . n 
# 
loop_
_pdbx_nonpoly_scheme.asym_id 
_pdbx_nonpoly_scheme.entity_id 
_pdbx_nonpoly_scheme.mon_id 
_pdbx_nonpoly_scheme.ndb_seq_num 
_pdbx_nonpoly_scheme.pdb_seq_num 
_pdbx_nonpoly_scheme.auth_seq_num 
_pdbx_nonpoly_scheme.pdb_mon_id 
_pdbx_nonpoly_scheme.auth_mon_id 
_pdbx_nonpoly_scheme.pdb_strand_id 
_pdbx_nonpoly_scheme.pdb_ins_code 
B 2 HOH 1  2001 2001 HOH HOH A . 
B 2 HOH 2  2002 2002 HOH HOH A . 
B 2 HOH 3  2003 2003 HOH HOH A . 
B 2 HOH 4  2004 2004 HOH HOH A . 
B 2 HOH 5  2005 2005 HOH HOH A . 
B 2 HOH 6  2006 2006 HOH HOH A . 
B 2 HOH 7  2007 2007 HOH HOH A . 
B 2 HOH 8  2008 2008 HOH HOH A . 
B 2 HOH 9  2009 2009 HOH HOH A . 
B 2 HOH 10 2010 2010 HOH HOH A . 
B 2 HOH 11 2011 2011 HOH HOH A . 
B 2 HOH 12 2012 2012 HOH HOH A . 
B 2 HOH 13 2013 2013 HOH HOH A . 
B 2 HOH 14 2014 2014 HOH HOH A . 
B 2 HOH 15 2015 2015 HOH HOH A . 
B 2 HOH 16 2016 2016 HOH HOH A . 
B 2 HOH 17 2017 2017 HOH HOH A . 
B 2 HOH 18 2018 2018 HOH HOH A . 
B 2 HOH 19 2019 2019 HOH HOH A . 
B 2 HOH 20 2020 2020 HOH HOH A . 
B 2 HOH 21 2021 2021 HOH HOH A . 
B 2 HOH 22 2022 2022 HOH HOH A . 
B 2 HOH 23 2023 2023 HOH HOH A . 
B 2 HOH 24 2024 2024 HOH HOH A . 
B 2 HOH 25 2025 2025 HOH HOH A . 
B 2 HOH 26 2026 2026 HOH HOH A . 
B 2 HOH 27 2027 2027 HOH HOH A . 
B 2 HOH 28 2028 2028 HOH HOH A . 
B 2 HOH 29 2029 2029 HOH HOH A . 
B 2 HOH 30 2030 2030 HOH HOH A . 
B 2 HOH 31 2031 2031 HOH HOH A . 
B 2 HOH 32 2032 2032 HOH HOH A . 
B 2 HOH 33 2033 2033 HOH HOH A . 
B 2 HOH 34 2034 2034 HOH HOH A . 
B 2 HOH 35 2035 2035 HOH HOH A . 
B 2 HOH 36 2036 2036 HOH HOH A . 
B 2 HOH 37 2037 2037 HOH HOH A . 
B 2 HOH 38 2038 2038 HOH HOH A . 
B 2 HOH 39 2039 2039 HOH HOH A . 
B 2 HOH 40 2040 2040 HOH HOH A . 
B 2 HOH 41 2041 2041 HOH HOH A . 
B 2 HOH 42 2042 2042 HOH HOH A . 
B 2 HOH 43 2043 2043 HOH HOH A . 
B 2 HOH 44 2044 2044 HOH HOH A . 
B 2 HOH 45 2045 2045 HOH HOH A . 
B 2 HOH 46 2046 2046 HOH HOH A . 
B 2 HOH 47 2047 2047 HOH HOH A . 
B 2 HOH 48 2048 2048 HOH HOH A . 
B 2 HOH 49 2049 2049 HOH HOH A . 
B 2 HOH 50 2050 2050 HOH HOH A . 
B 2 HOH 51 2051 2051 HOH HOH A . 
B 2 HOH 52 2052 2052 HOH HOH A . 
B 2 HOH 53 2053 2053 HOH HOH A . 
# 
loop_
_software.name 
_software.classification 
_software.version 
_software.citation_id 
_software.pdbx_ordinal 
REFMAC refinement       5.2.0019 ? 1 
MOSFLM 'data reduction' .        ? 2 
SCALA  'data scaling'   .        ? 3 
# 
_cell.entry_id           2V81 
_cell.length_a           107.185 
_cell.length_b           107.185 
_cell.length_c           76.509 
_cell.angle_alpha        90.00 
_cell.angle_beta         90.00 
_cell.angle_gamma        120.00 
_cell.Z_PDB              9 
_cell.pdbx_unique_axis   ? 
# 
_symmetry.entry_id                         2V81 
_symmetry.space_group_name_H-M             'H 3' 
_symmetry.pdbx_full_space_group_name_H-M   ? 
_symmetry.cell_setting                     ? 
_symmetry.Int_Tables_number                146 
# 
_exptl.entry_id          2V81 
_exptl.method            'X-RAY DIFFRACTION' 
_exptl.crystals_number   1 
# 
_exptl_crystal.id                    1 
_exptl_crystal.density_meas          ? 
_exptl_crystal.density_Matthews      3.86 
_exptl_crystal.density_percent_sol   67.89 
_exptl_crystal.description           NONE 
# 
_exptl_crystal_grow.crystal_id      1 
_exptl_crystal_grow.method          ? 
_exptl_crystal_grow.temp            ? 
_exptl_crystal_grow.temp_details    ? 
_exptl_crystal_grow.pH              5 
_exptl_crystal_grow.pdbx_pH_range   ? 
_exptl_crystal_grow.pdbx_details    'pH 5' 
# 
_diffrn.id                     1 
_diffrn.ambient_temp           100 
_diffrn.ambient_temp_details   ? 
_diffrn.crystal_id             1 
# 
_diffrn_detector.diffrn_id              1 
_diffrn_detector.detector               CCD 
_diffrn_detector.type                   'ADSC CCD' 
_diffrn_detector.pdbx_collection_date   ? 
_diffrn_detector.details                ? 
# 
_diffrn_radiation.diffrn_id                        1 
_diffrn_radiation.wavelength_id                    1 
_diffrn_radiation.pdbx_monochromatic_or_laue_m_l   M 
_diffrn_radiation.monochromator                    ? 
_diffrn_radiation.pdbx_diffrn_protocol             'SINGLE WAVELENGTH' 
_diffrn_radiation.pdbx_scattering_type             x-ray 
# 
_diffrn_radiation_wavelength.id           1 
_diffrn_radiation_wavelength.wavelength   0.9871 
_diffrn_radiation_wavelength.wt           1.0 
# 
_diffrn_source.diffrn_id                   1 
_diffrn_source.source                      SYNCHROTRON 
_diffrn_source.type                        'ESRF BEAMLINE BM14' 
_diffrn_source.pdbx_synchrotron_site       ESRF 
_diffrn_source.pdbx_synchrotron_beamline   BM14 
_diffrn_source.pdbx_wavelength             0.9871 
_diffrn_source.pdbx_wavelength_list        ? 
# 
_reflns.pdbx_diffrn_id               1 
_reflns.pdbx_ordinal                 1 
_reflns.entry_id                     2V81 
_reflns.observed_criterion_sigma_I   0.0 
_reflns.observed_criterion_sigma_F   ? 
_reflns.d_resolution_low             59.00 
_reflns.d_resolution_high            2.40 
_reflns.number_obs                   12814 
_reflns.number_all                   ? 
_reflns.percent_possible_obs         100.0 
_reflns.pdbx_Rmerge_I_obs            0.11 
_reflns.pdbx_Rsym_value              ? 
_reflns.pdbx_netI_over_sigmaI        13.40 
_reflns.B_iso_Wilson_estimate        ? 
_reflns.pdbx_redundancy              3.1 
# 
_reflns_shell.pdbx_diffrn_id         1 
_reflns_shell.pdbx_ordinal           1 
_reflns_shell.d_res_high             2.40 
_reflns_shell.d_res_low              2.46 
_reflns_shell.percent_possible_all   100.0 
_reflns_shell.Rmerge_I_obs           0.22 
_reflns_shell.pdbx_Rsym_value        ? 
_reflns_shell.meanI_over_sigI_obs    5.00 
_reflns_shell.pdbx_redundancy        3.0 
# 
_refine.pdbx_refine_id                           'X-RAY DIFFRACTION' 
_refine.entry_id                                 2V81 
_refine.pdbx_diffrn_id                           1 
_refine.pdbx_TLS_residual_ADP_flag               'LIKELY RESIDUAL' 
_refine.ls_number_reflns_obs                     12185 
_refine.ls_number_reflns_all                     ? 
_refine.pdbx_ls_sigma_I                          ? 
_refine.pdbx_ls_sigma_F                          ? 
_refine.pdbx_data_cutoff_high_absF               ? 
_refine.pdbx_data_cutoff_low_absF                ? 
_refine.pdbx_data_cutoff_high_rms_absF           ? 
_refine.ls_d_res_low                             59.03 
_refine.ls_d_res_high                            2.40 
_refine.ls_percent_reflns_obs                    100.0 
_refine.ls_R_factor_obs                          0.196 
_refine.ls_R_factor_all                          ? 
_refine.ls_R_factor_R_work                       0.195 
_refine.ls_R_factor_R_free                       0.219 
_refine.ls_R_factor_R_free_error                 ? 
_refine.ls_R_factor_R_free_error_details         ? 
_refine.ls_percent_reflns_R_free                 4.900 
_refine.ls_number_reflns_R_free                  626 
_refine.ls_number_parameters                     ? 
_refine.ls_number_restraints                     ? 
_refine.occupancy_min                            ? 
_refine.occupancy_max                            ? 
_refine.correlation_coeff_Fo_to_Fc               0.936 
_refine.correlation_coeff_Fo_to_Fc_free          0.923 
_refine.B_iso_mean                               39.53 
_refine.aniso_B[1][1]                            -1.14000 
_refine.aniso_B[2][2]                            -1.14000 
_refine.aniso_B[3][3]                            1.71000 
_refine.aniso_B[1][2]                            -0.57000 
_refine.aniso_B[1][3]                            0.00000 
_refine.aniso_B[2][3]                            0.00000 
_refine.solvent_model_details                    'BABINET MODEL WITH MASK' 
_refine.solvent_model_param_ksol                 ? 
_refine.solvent_model_param_bsol                 ? 
_refine.pdbx_solvent_vdw_probe_radii             1.20 
_refine.pdbx_solvent_ion_probe_radii             0.80 
_refine.pdbx_solvent_shrinkage_radii             0.80 
_refine.pdbx_ls_cross_valid_method               THROUGHOUT 
_refine.details                                  'HYDROGENS HAVE BEEN ADDED IN THE RIDING POSITIONS.' 
_refine.pdbx_starting_model                      NONE 
_refine.pdbx_method_to_determine_struct          SAD 
_refine.pdbx_isotropic_thermal_model             ? 
_refine.pdbx_stereochemistry_target_values       'MAXIMUM LIKELIHOOD' 
_refine.pdbx_stereochem_target_val_spec_case     ? 
_refine.pdbx_R_Free_selection_details            RANDOM 
_refine.pdbx_overall_ESU_R                       0.244 
_refine.pdbx_overall_ESU_R_Free                  0.192 
_refine.overall_SU_ML                            0.139 
_refine.pdbx_overall_phase_error                 ? 
_refine.overall_SU_B                             11.589 
_refine.overall_SU_R_Cruickshank_DPI             ? 
_refine.pdbx_overall_SU_R_free_Cruickshank_DPI   ? 
_refine.pdbx_overall_SU_R_Blow_DPI               ? 
_refine.pdbx_overall_SU_R_free_Blow_DPI          ? 
# 
_refine_hist.pdbx_refine_id                   'X-RAY DIFFRACTION' 
_refine_hist.cycle_id                         LAST 
_refine_hist.pdbx_number_atoms_protein        1512 
_refine_hist.pdbx_number_atoms_nucleic_acid   0 
_refine_hist.pdbx_number_atoms_ligand         0 
_refine_hist.number_atoms_solvent             53 
_refine_hist.number_atoms_total               1565 
_refine_hist.d_res_high                       2.40 
_refine_hist.d_res_low                        59.03 
# 
loop_
_refine_ls_restr.type 
_refine_ls_restr.dev_ideal 
_refine_ls_restr.dev_ideal_target 
_refine_ls_restr.weight 
_refine_ls_restr.number 
_refine_ls_restr.pdbx_refine_id 
_refine_ls_restr.pdbx_restraint_function 
r_bond_refined_d             0.010  0.022  ? 1542 'X-RAY DIFFRACTION' ? 
r_bond_other_d               ?      ?      ? ?    'X-RAY DIFFRACTION' ? 
r_angle_refined_deg          1.090  1.963  ? 2104 'X-RAY DIFFRACTION' ? 
r_angle_other_deg            ?      ?      ? ?    'X-RAY DIFFRACTION' ? 
r_dihedral_angle_1_deg       5.468  5.000  ? 205  'X-RAY DIFFRACTION' ? 
r_dihedral_angle_2_deg       34.115 24.828 ? 58   'X-RAY DIFFRACTION' ? 
r_dihedral_angle_3_deg       14.381 15.000 ? 235  'X-RAY DIFFRACTION' ? 
r_dihedral_angle_4_deg       13.566 15.000 ? 7    'X-RAY DIFFRACTION' ? 
r_chiral_restr               0.075  0.200  ? 246  'X-RAY DIFFRACTION' ? 
r_gen_planes_refined         0.003  0.020  ? 1167 'X-RAY DIFFRACTION' ? 
r_gen_planes_other           ?      ?      ? ?    'X-RAY DIFFRACTION' ? 
r_nbd_refined                0.196  0.200  ? 636  'X-RAY DIFFRACTION' ? 
r_nbd_other                  ?      ?      ? ?    'X-RAY DIFFRACTION' ? 
r_nbtor_refined              0.295  0.200  ? 1079 'X-RAY DIFFRACTION' ? 
r_nbtor_other                ?      ?      ? ?    'X-RAY DIFFRACTION' ? 
r_xyhbond_nbd_refined        0.131  0.200  ? 51   'X-RAY DIFFRACTION' ? 
r_xyhbond_nbd_other          ?      ?      ? ?    'X-RAY DIFFRACTION' ? 
r_metal_ion_refined          ?      ?      ? ?    'X-RAY DIFFRACTION' ? 
r_metal_ion_other            ?      ?      ? ?    'X-RAY DIFFRACTION' ? 
r_symmetry_vdw_refined       0.143  0.200  ? 18   'X-RAY DIFFRACTION' ? 
r_symmetry_vdw_other         ?      ?      ? ?    'X-RAY DIFFRACTION' ? 
r_symmetry_hbond_refined     0.184  0.200  ? 7    'X-RAY DIFFRACTION' ? 
r_symmetry_hbond_other       ?      ?      ? ?    'X-RAY DIFFRACTION' ? 
r_symmetry_metal_ion_refined ?      ?      ? ?    'X-RAY DIFFRACTION' ? 
r_symmetry_metal_ion_other   ?      ?      ? ?    'X-RAY DIFFRACTION' ? 
r_mcbond_it                  0.635  1.500  ? 1049 'X-RAY DIFFRACTION' ? 
r_mcbond_other               ?      ?      ? ?    'X-RAY DIFFRACTION' ? 
r_mcangle_it                 0.857  2.000  ? 1630 'X-RAY DIFFRACTION' ? 
r_mcangle_other              ?      ?      ? ?    'X-RAY DIFFRACTION' ? 
r_scbond_it                  1.345  3.000  ? 564  'X-RAY DIFFRACTION' ? 
r_scbond_other               ?      ?      ? ?    'X-RAY DIFFRACTION' ? 
r_scangle_it                 2.205  4.500  ? 474  'X-RAY DIFFRACTION' ? 
r_scangle_other              ?      ?      ? ?    'X-RAY DIFFRACTION' ? 
r_long_range_B_refined       ?      ?      ? ?    'X-RAY DIFFRACTION' ? 
r_long_range_B_other         ?      ?      ? ?    'X-RAY DIFFRACTION' ? 
r_rigid_bond_restr           ?      ?      ? ?    'X-RAY DIFFRACTION' ? 
r_sphericity_free            ?      ?      ? ?    'X-RAY DIFFRACTION' ? 
r_sphericity_bonded          ?      ?      ? ?    'X-RAY DIFFRACTION' ? 
# 
_refine_ls_shell.pdbx_refine_id                   'X-RAY DIFFRACTION' 
_refine_ls_shell.pdbx_total_number_of_bins_used   20 
_refine_ls_shell.d_res_high                       2.40 
_refine_ls_shell.d_res_low                        2.46 
_refine_ls_shell.number_reflns_R_work             879 
_refine_ls_shell.R_factor_R_work                  0.2050 
_refine_ls_shell.percent_reflns_obs               ? 
_refine_ls_shell.R_factor_R_free                  0.2530 
_refine_ls_shell.R_factor_R_free_error            ? 
_refine_ls_shell.percent_reflns_R_free            ? 
_refine_ls_shell.number_reflns_R_free             47 
_refine_ls_shell.number_reflns_all                ? 
_refine_ls_shell.R_factor_all                     ? 
# 
_struct.entry_id                  2V81 
_struct.title                     'Native KDPGal structure' 
_struct.pdbx_model_details        ? 
_struct.pdbx_CASP_flag            ? 
_struct.pdbx_model_type_details   ? 
# 
_struct_keywords.entry_id        2V81 
_struct_keywords.pdbx_keywords   LYASE 
_struct_keywords.text            'LYASE, KDPGAL, ALDOLASE' 
# 
loop_
_struct_asym.id 
_struct_asym.pdbx_blank_PDB_chainid_flag 
_struct_asym.pdbx_modified 
_struct_asym.entity_id 
_struct_asym.details 
A N N 1 ? 
B N N 2 ? 
# 
loop_
_struct_ref.id 
_struct_ref.db_name 
_struct_ref.db_code 
_struct_ref.entity_id 
_struct_ref.pdbx_seq_one_letter_code 
_struct_ref.pdbx_align_begin 
_struct_ref.pdbx_db_accession 
_struct_ref.pdbx_db_isoform 
1 UNP DGOA_ECOLI 1 ? ? Q6BF16 ? 
2 PDB 2V81       1 ? ? 2V81   ? 
# 
loop_
_struct_ref_seq.align_id 
_struct_ref_seq.ref_id 
_struct_ref_seq.pdbx_PDB_id_code 
_struct_ref_seq.pdbx_strand_id 
_struct_ref_seq.seq_align_beg 
_struct_ref_seq.pdbx_seq_align_beg_ins_code 
_struct_ref_seq.seq_align_end 
_struct_ref_seq.pdbx_seq_align_end_ins_code 
_struct_ref_seq.pdbx_db_accession 
_struct_ref_seq.db_align_beg 
_struct_ref_seq.pdbx_db_align_beg_ins_code 
_struct_ref_seq.db_align_end 
_struct_ref_seq.pdbx_db_align_end_ins_code 
_struct_ref_seq.pdbx_auth_seq_align_beg 
_struct_ref_seq.pdbx_auth_seq_align_end 
1 1 2V81 A 1   ? 205 ? Q6BF16 1   ? 205 ? 1   205 
2 2 2V81 A 206 ? 212 ? 2V81   206 ? 212 ? 206 212 
# 
_pdbx_struct_assembly.id                   1 
_pdbx_struct_assembly.details              author_and_software_defined_assembly 
_pdbx_struct_assembly.method_details       PQS 
_pdbx_struct_assembly.oligomeric_details   trimeric 
_pdbx_struct_assembly.oligomeric_count     3 
# 
loop_
_pdbx_struct_assembly_prop.biol_id 
_pdbx_struct_assembly_prop.type 
_pdbx_struct_assembly_prop.value 
_pdbx_struct_assembly_prop.details 
1 'ABSA (A^2)' 3460  ? 
1 MORE         -34.9 ? 
1 'SSA (A^2)'  30040 ? 
# 
_pdbx_struct_assembly_gen.assembly_id       1 
_pdbx_struct_assembly_gen.oper_expression   1,2,3 
_pdbx_struct_assembly_gen.asym_id_list      A,B 
# 
loop_
_pdbx_struct_oper_list.id 
_pdbx_struct_oper_list.type 
_pdbx_struct_oper_list.name 
_pdbx_struct_oper_list.symmetry_operation 
_pdbx_struct_oper_list.matrix[1][1] 
_pdbx_struct_oper_list.matrix[1][2] 
_pdbx_struct_oper_list.matrix[1][3] 
_pdbx_struct_oper_list.vector[1] 
_pdbx_struct_oper_list.matrix[2][1] 
_pdbx_struct_oper_list.matrix[2][2] 
_pdbx_struct_oper_list.matrix[2][3] 
_pdbx_struct_oper_list.vector[2] 
_pdbx_struct_oper_list.matrix[3][1] 
_pdbx_struct_oper_list.matrix[3][2] 
_pdbx_struct_oper_list.matrix[3][3] 
_pdbx_struct_oper_list.vector[3] 
1 'identity operation'         1_555 x,y,z     1.0000000000 0.0000000000 0.0000000000  0.0000000000  0.0000000000 1.0000000000 0.0000000000  0.0000000000   0.0000000000  0.0000000000  1.0000000000  0.0000000000  
2 'crystal symmetry operation' 2_555 -y,x-y,z  0.0946919107 0.8141722572 0.5728498736  15.0230987964 0.6411293875 0.3903361720 -0.6607501656 -8.2390105907  -0.7615684805 0.4298385843  -0.4850280826 31.1468227125 
3 'crystal symmetry operation' 3_555 -x+y,-x,z 0.0946919107 0.6411293875 -0.7615684805 27.5801443311 0.8141722572 0.3903361720 0.4298385843  -22.4035125809 0.5728498736  -0.6607501656 -0.4850280826 1.0571758404 
# 
loop_
_struct_conf.conf_type_id 
_struct_conf.id 
_struct_conf.pdbx_PDB_helix_id 
_struct_conf.beg_label_comp_id 
_struct_conf.beg_label_asym_id 
_struct_conf.beg_label_seq_id 
_struct_conf.pdbx_beg_PDB_ins_code 
_struct_conf.end_label_comp_id 
_struct_conf.end_label_asym_id 
_struct_conf.end_label_seq_id 
_struct_conf.pdbx_end_PDB_ins_code 
_struct_conf.beg_auth_comp_id 
_struct_conf.beg_auth_asym_id 
_struct_conf.beg_auth_seq_id 
_struct_conf.end_auth_comp_id 
_struct_conf.end_auth_asym_id 
_struct_conf.end_auth_seq_id 
_struct_conf.pdbx_PDB_helix_class 
_struct_conf.details 
_struct_conf.pdbx_PDB_helix_length 
HELX_P HELX_P1 1 THR A 17  ? ALA A 31  ? THR A 17  ALA A 31  1 ? 15 
HELX_P HELX_P2 2 GLN A 44  ? GLY A 57  ? GLN A 44  GLY A 57  1 ? 14 
HELX_P HELX_P3 3 LYS A 69  ? GLY A 80  ? LYS A 69  GLY A 80  1 ? 12 
HELX_P HELX_P4 4 HIS A 90  ? TYR A 100 ? HIS A 90  TYR A 100 1 ? 11 
HELX_P HELX_P5 5 THR A 110 ? ALA A 120 ? THR A 110 ALA A 120 1 ? 11 
HELX_P HELX_P6 6 PRO A 129 ? GLY A 134 ? PRO A 129 GLY A 134 1 ? 6  
HELX_P HELX_P7 7 GLY A 134 ? ALA A 143 ? GLY A 134 ALA A 143 1 ? 10 
HELX_P HELX_P8 8 ASN A 161 ? ALA A 168 ? ASN A 161 ALA A 168 1 ? 8  
HELX_P HELX_P9 9 SER A 185 ? LEU A 206 ? SER A 185 LEU A 206 1 ? 22 
# 
_struct_conf_type.id          HELX_P 
_struct_conf_type.criteria    ? 
_struct_conf_type.reference   ? 
# 
loop_
_struct_conn.id 
_struct_conn.conn_type_id 
_struct_conn.pdbx_leaving_atom_flag 
_struct_conn.pdbx_PDB_id 
_struct_conn.ptnr1_label_asym_id 
_struct_conn.ptnr1_label_comp_id 
_struct_conn.ptnr1_label_seq_id 
_struct_conn.ptnr1_label_atom_id 
_struct_conn.pdbx_ptnr1_label_alt_id 
_struct_conn.pdbx_ptnr1_PDB_ins_code 
_struct_conn.pdbx_ptnr1_standard_comp_id 
_struct_conn.ptnr1_symmetry 
_struct_conn.ptnr2_label_asym_id 
_struct_conn.ptnr2_label_comp_id 
_struct_conn.ptnr2_label_seq_id 
_struct_conn.ptnr2_label_atom_id 
_struct_conn.pdbx_ptnr2_label_alt_id 
_struct_conn.pdbx_ptnr2_PDB_ins_code 
_struct_conn.ptnr1_auth_asym_id 
_struct_conn.ptnr1_auth_comp_id 
_struct_conn.ptnr1_auth_seq_id 
_struct_conn.ptnr2_auth_asym_id 
_struct_conn.ptnr2_auth_comp_id 
_struct_conn.ptnr2_auth_seq_id 
_struct_conn.ptnr2_symmetry 
_struct_conn.pdbx_ptnr3_label_atom_id 
_struct_conn.pdbx_ptnr3_label_seq_id 
_struct_conn.pdbx_ptnr3_label_comp_id 
_struct_conn.pdbx_ptnr3_label_asym_id 
_struct_conn.pdbx_ptnr3_label_alt_id 
_struct_conn.pdbx_ptnr3_PDB_ins_code 
_struct_conn.details 
_struct_conn.pdbx_dist_value 
_struct_conn.pdbx_value_order 
_struct_conn.pdbx_role 
covale1 covale both ? A MSE 1   C ? ? ? 1_555 A GLN 2   N ? ? A MSE 1   A GLN 2   1_555 ? ? ? ? ? ? ? 1.330 ? ? 
covale2 covale both ? A ARG 78  C ? ? ? 1_555 A MSE 79  N ? ? A ARG 78  A MSE 79  1_555 ? ? ? ? ? ? ? 1.331 ? ? 
covale3 covale both ? A MSE 79  C ? ? ? 1_555 A GLY 80  N ? ? A MSE 79  A GLY 80  1_555 ? ? ? ? ? ? ? 1.336 ? ? 
covale4 covale both ? A GLY 101 C ? ? ? 1_555 A MSE 102 N ? ? A GLY 101 A MSE 102 1_555 ? ? ? ? ? ? ? 1.333 ? ? 
covale5 covale both ? A MSE 102 C ? ? ? 1_555 A THR 103 N ? ? A MSE 102 A THR 103 1_555 ? ? ? ? ? ? ? 1.330 ? ? 
# 
_struct_conn_type.id          covale 
_struct_conn_type.criteria    ? 
_struct_conn_type.reference   ? 
# 
loop_
_pdbx_modification_feature.ordinal 
_pdbx_modification_feature.label_comp_id 
_pdbx_modification_feature.label_asym_id 
_pdbx_modification_feature.label_seq_id 
_pdbx_modification_feature.label_alt_id 
_pdbx_modification_feature.modified_residue_label_comp_id 
_pdbx_modification_feature.modified_residue_label_asym_id 
_pdbx_modification_feature.modified_residue_label_seq_id 
_pdbx_modification_feature.modified_residue_label_alt_id 
_pdbx_modification_feature.auth_comp_id 
_pdbx_modification_feature.auth_asym_id 
_pdbx_modification_feature.auth_seq_id 
_pdbx_modification_feature.PDB_ins_code 
_pdbx_modification_feature.symmetry 
_pdbx_modification_feature.modified_residue_auth_comp_id 
_pdbx_modification_feature.modified_residue_auth_asym_id 
_pdbx_modification_feature.modified_residue_auth_seq_id 
_pdbx_modification_feature.modified_residue_PDB_ins_code 
_pdbx_modification_feature.modified_residue_symmetry 
_pdbx_modification_feature.comp_id_linking_atom 
_pdbx_modification_feature.modified_residue_id_linking_atom 
_pdbx_modification_feature.modified_residue_id 
_pdbx_modification_feature.ref_pcm_id 
_pdbx_modification_feature.ref_comp_id 
_pdbx_modification_feature.type 
_pdbx_modification_feature.category 
1 MSE A 1   ? . . . . MSE A 1   ? 1_555 . . . . . . . MET 1 MSE Selenomethionine 'Named protein modification' 
2 MSE A 79  ? . . . . MSE A 79  ? 1_555 . . . . . . . MET 1 MSE Selenomethionine 'Named protein modification' 
3 MSE A 102 ? . . . . MSE A 102 ? 1_555 . . . . . . . MET 1 MSE Selenomethionine 'Named protein modification' 
# 
_struct_mon_prot_cis.pdbx_id                1 
_struct_mon_prot_cis.label_comp_id          PHE 
_struct_mon_prot_cis.label_seq_id           128 
_struct_mon_prot_cis.label_asym_id          A 
_struct_mon_prot_cis.label_alt_id           . 
_struct_mon_prot_cis.pdbx_PDB_ins_code      ? 
_struct_mon_prot_cis.auth_comp_id           PHE 
_struct_mon_prot_cis.auth_seq_id            128 
_struct_mon_prot_cis.auth_asym_id           A 
_struct_mon_prot_cis.pdbx_label_comp_id_2   PRO 
_struct_mon_prot_cis.pdbx_label_seq_id_2    129 
_struct_mon_prot_cis.pdbx_label_asym_id_2   A 
_struct_mon_prot_cis.pdbx_PDB_ins_code_2    ? 
_struct_mon_prot_cis.pdbx_auth_comp_id_2    PRO 
_struct_mon_prot_cis.pdbx_auth_seq_id_2     129 
_struct_mon_prot_cis.pdbx_auth_asym_id_2    A 
_struct_mon_prot_cis.pdbx_PDB_model_num     1 
_struct_mon_prot_cis.pdbx_omega_angle       0.69 
# 
_struct_sheet.id               AA 
_struct_sheet.type             ? 
_struct_sheet.number_strands   9 
_struct_sheet.details          ? 
# 
loop_
_struct_sheet_order.sheet_id 
_struct_sheet_order.range_id_1 
_struct_sheet_order.range_id_2 
_struct_sheet_order.offset 
_struct_sheet_order.sense 
AA 1 2 ? parallel 
AA 2 3 ? parallel 
AA 3 4 ? parallel 
AA 4 5 ? parallel 
AA 5 6 ? parallel 
AA 6 7 ? parallel 
AA 7 8 ? parallel 
AA 8 9 ? parallel 
# 
loop_
_struct_sheet_range.sheet_id 
_struct_sheet_range.id 
_struct_sheet_range.beg_label_comp_id 
_struct_sheet_range.beg_label_asym_id 
_struct_sheet_range.beg_label_seq_id 
_struct_sheet_range.pdbx_beg_PDB_ins_code 
_struct_sheet_range.end_label_comp_id 
_struct_sheet_range.end_label_asym_id 
_struct_sheet_range.end_label_seq_id 
_struct_sheet_range.pdbx_end_PDB_ins_code 
_struct_sheet_range.beg_auth_comp_id 
_struct_sheet_range.beg_auth_asym_id 
_struct_sheet_range.beg_auth_seq_id 
_struct_sheet_range.end_auth_comp_id 
_struct_sheet_range.end_auth_asym_id 
_struct_sheet_range.end_auth_seq_id 
AA 1 THR A 103 ? CYS A 105 ? THR A 103 CYS A 105 
AA 2 LEU A 83  ? VAL A 85  ? LEU A 83  VAL A 85  
AA 3 LEU A 61  ? GLY A 65  ? LEU A 61  GLY A 65  
AA 4 ALA A 35  ? PRO A 39  ? ALA A 35  PRO A 39  
AA 5 LEU A 9   ? ILE A 12  ? LEU A 9   ILE A 12  
AA 6 GLY A 172 ? LEU A 175 ? GLY A 172 LEU A 175 
AA 7 ALA A 150 ? VAL A 154 ? ALA A 150 VAL A 154 
AA 8 ALA A 124 ? ILE A 127 ? ALA A 124 ILE A 127 
AA 9 GLY A 107 ? CYS A 108 ? GLY A 107 CYS A 108 
# 
loop_
_pdbx_struct_sheet_hbond.sheet_id 
_pdbx_struct_sheet_hbond.range_id_1 
_pdbx_struct_sheet_hbond.range_id_2 
_pdbx_struct_sheet_hbond.range_1_label_atom_id 
_pdbx_struct_sheet_hbond.range_1_label_comp_id 
_pdbx_struct_sheet_hbond.range_1_label_asym_id 
_pdbx_struct_sheet_hbond.range_1_label_seq_id 
_pdbx_struct_sheet_hbond.range_1_PDB_ins_code 
_pdbx_struct_sheet_hbond.range_1_auth_atom_id 
_pdbx_struct_sheet_hbond.range_1_auth_comp_id 
_pdbx_struct_sheet_hbond.range_1_auth_asym_id 
_pdbx_struct_sheet_hbond.range_1_auth_seq_id 
_pdbx_struct_sheet_hbond.range_2_label_atom_id 
_pdbx_struct_sheet_hbond.range_2_label_comp_id 
_pdbx_struct_sheet_hbond.range_2_label_asym_id 
_pdbx_struct_sheet_hbond.range_2_label_seq_id 
_pdbx_struct_sheet_hbond.range_2_PDB_ins_code 
_pdbx_struct_sheet_hbond.range_2_auth_atom_id 
_pdbx_struct_sheet_hbond.range_2_auth_comp_id 
_pdbx_struct_sheet_hbond.range_2_auth_asym_id 
_pdbx_struct_sheet_hbond.range_2_auth_seq_id 
AA 1 2 N CYS A 105 ? N CYS A 105 O ILE A 84  ? O ILE A 84  
AA 2 3 N VAL A 85  ? N VAL A 85  O ALA A 64  ? O ALA A 64  
AA 3 4 N GLY A 63  ? N GLY A 63  O VAL A 36  ? O VAL A 36  
AA 4 5 N GLU A 37  ? N GLU A 37  O ALA A 11  ? O ALA A 11  
AA 5 6 N ILE A 10  ? N ILE A 10  O ALA A 173 ? O ALA A 173 
AA 6 7 N GLY A 174 ? N GLY A 174 O ALA A 153 ? O ALA A 153 
AA 7 8 N PHE A 152 ? N PHE A 152 O LEU A 125 ? O LEU A 125 
AA 8 9 O LYS A 126 ? O LYS A 126 N CYS A 108 ? N CYS A 108 
# 
_pdbx_entry_details.entry_id                   2V81 
_pdbx_entry_details.compound_details           ? 
_pdbx_entry_details.source_details             ? 
_pdbx_entry_details.nonpolymer_details         ? 
_pdbx_entry_details.sequence_details           ? 
_pdbx_entry_details.has_ligand_of_interest     ? 
_pdbx_entry_details.has_protein_modification   Y 
# 
loop_
_pdbx_validate_torsion.id 
_pdbx_validate_torsion.PDB_model_num 
_pdbx_validate_torsion.auth_comp_id 
_pdbx_validate_torsion.auth_asym_id 
_pdbx_validate_torsion.auth_seq_id 
_pdbx_validate_torsion.PDB_ins_code 
_pdbx_validate_torsion.label_alt_id 
_pdbx_validate_torsion.phi 
_pdbx_validate_torsion.psi 
1 1 LEU A 13 ? ? -113.17 65.47 
2 1 ASP A 34 ? ? -141.81 24.36 
# 
loop_
_pdbx_struct_mod_residue.id 
_pdbx_struct_mod_residue.label_asym_id 
_pdbx_struct_mod_residue.label_comp_id 
_pdbx_struct_mod_residue.label_seq_id 
_pdbx_struct_mod_residue.auth_asym_id 
_pdbx_struct_mod_residue.auth_comp_id 
_pdbx_struct_mod_residue.auth_seq_id 
_pdbx_struct_mod_residue.PDB_ins_code 
_pdbx_struct_mod_residue.parent_comp_id 
_pdbx_struct_mod_residue.details 
1 A MSE 1   A MSE 1   ? MET SELENOMETHIONINE 
2 A MSE 79  A MSE 79  ? MET SELENOMETHIONINE 
3 A MSE 102 A MSE 102 ? MET SELENOMETHIONINE 
# 
_pdbx_refine_tls.pdbx_refine_id   'X-RAY DIFFRACTION' 
_pdbx_refine_tls.id               1 
_pdbx_refine_tls.details          ? 
_pdbx_refine_tls.method           refined 
_pdbx_refine_tls.origin_x         0.1467 
_pdbx_refine_tls.origin_y         -0.1129 
_pdbx_refine_tls.origin_z         -0.2547 
_pdbx_refine_tls.T[1][1]          -0.1107 
_pdbx_refine_tls.T[2][2]          -0.1475 
_pdbx_refine_tls.T[3][3]          -0.1425 
_pdbx_refine_tls.T[1][2]          0.1004 
_pdbx_refine_tls.T[1][3]          0.0230 
_pdbx_refine_tls.T[2][3]          -0.0313 
_pdbx_refine_tls.L[1][1]          3.2580 
_pdbx_refine_tls.L[2][2]          1.3613 
_pdbx_refine_tls.L[3][3]          3.5799 
_pdbx_refine_tls.L[1][2]          -0.1465 
_pdbx_refine_tls.L[1][3]          1.4190 
_pdbx_refine_tls.L[2][3]          -0.8989 
_pdbx_refine_tls.S[1][1]          -0.3401 
_pdbx_refine_tls.S[1][2]          -0.4132 
_pdbx_refine_tls.S[1][3]          0.0148 
_pdbx_refine_tls.S[2][1]          0.1552 
_pdbx_refine_tls.S[2][2]          0.2453 
_pdbx_refine_tls.S[2][3]          0.0222 
_pdbx_refine_tls.S[3][1]          -0.2127 
_pdbx_refine_tls.S[3][2]          -0.3313 
_pdbx_refine_tls.S[3][3]          0.0947 
# 
_pdbx_refine_tls_group.pdbx_refine_id      'X-RAY DIFFRACTION' 
_pdbx_refine_tls_group.id                  1 
_pdbx_refine_tls_group.refine_tls_id       1 
_pdbx_refine_tls_group.beg_auth_asym_id    A 
_pdbx_refine_tls_group.beg_auth_seq_id     1 
_pdbx_refine_tls_group.beg_label_asym_id   ? 
_pdbx_refine_tls_group.beg_label_seq_id    ? 
_pdbx_refine_tls_group.end_auth_asym_id    A 
_pdbx_refine_tls_group.end_auth_seq_id     206 
_pdbx_refine_tls_group.end_label_asym_id   ? 
_pdbx_refine_tls_group.end_label_seq_id    ? 
_pdbx_refine_tls_group.selection           ? 
_pdbx_refine_tls_group.selection_details   ? 
# 
loop_
_pdbx_unobs_or_zero_occ_residues.id 
_pdbx_unobs_or_zero_occ_residues.PDB_model_num 
_pdbx_unobs_or_zero_occ_residues.polymer_flag 
_pdbx_unobs_or_zero_occ_residues.occupancy_flag 
_pdbx_unobs_or_zero_occ_residues.auth_asym_id 
_pdbx_unobs_or_zero_occ_residues.auth_comp_id 
_pdbx_unobs_or_zero_occ_residues.auth_seq_id 
_pdbx_unobs_or_zero_occ_residues.PDB_ins_code 
_pdbx_unobs_or_zero_occ_residues.label_asym_id 
_pdbx_unobs_or_zero_occ_residues.label_comp_id 
_pdbx_unobs_or_zero_occ_residues.label_seq_id 
1 1 Y 1 A HIS 207 ? A HIS 207 
2 1 Y 1 A HIS 208 ? A HIS 208 
3 1 Y 1 A HIS 209 ? A HIS 209 
4 1 Y 1 A HIS 210 ? A HIS 210 
5 1 Y 1 A HIS 211 ? A HIS 211 
6 1 Y 1 A HIS 212 ? A HIS 212 
# 
loop_
_chem_comp_atom.comp_id 
_chem_comp_atom.atom_id 
_chem_comp_atom.type_symbol 
_chem_comp_atom.pdbx_aromatic_flag 
_chem_comp_atom.pdbx_stereo_config 
_chem_comp_atom.pdbx_ordinal 
ALA N    N  N N 1   
ALA CA   C  N S 2   
ALA C    C  N N 3   
ALA O    O  N N 4   
ALA CB   C  N N 5   
ALA OXT  O  N N 6   
ALA H    H  N N 7   
ALA H2   H  N N 8   
ALA HA   H  N N 9   
ALA HB1  H  N N 10  
ALA HB2  H  N N 11  
ALA HB3  H  N N 12  
ALA HXT  H  N N 13  
ARG N    N  N N 14  
ARG CA   C  N S 15  
ARG C    C  N N 16  
ARG O    O  N N 17  
ARG CB   C  N N 18  
ARG CG   C  N N 19  
ARG CD   C  N N 20  
ARG NE   N  N N 21  
ARG CZ   C  N N 22  
ARG NH1  N  N N 23  
ARG NH2  N  N N 24  
ARG OXT  O  N N 25  
ARG H    H  N N 26  
ARG H2   H  N N 27  
ARG HA   H  N N 28  
ARG HB2  H  N N 29  
ARG HB3  H  N N 30  
ARG HG2  H  N N 31  
ARG HG3  H  N N 32  
ARG HD2  H  N N 33  
ARG HD3  H  N N 34  
ARG HE   H  N N 35  
ARG HH11 H  N N 36  
ARG HH12 H  N N 37  
ARG HH21 H  N N 38  
ARG HH22 H  N N 39  
ARG HXT  H  N N 40  
ASN N    N  N N 41  
ASN CA   C  N S 42  
ASN C    C  N N 43  
ASN O    O  N N 44  
ASN CB   C  N N 45  
ASN CG   C  N N 46  
ASN OD1  O  N N 47  
ASN ND2  N  N N 48  
ASN OXT  O  N N 49  
ASN H    H  N N 50  
ASN H2   H  N N 51  
ASN HA   H  N N 52  
ASN HB2  H  N N 53  
ASN HB3  H  N N 54  
ASN HD21 H  N N 55  
ASN HD22 H  N N 56  
ASN HXT  H  N N 57  
ASP N    N  N N 58  
ASP CA   C  N S 59  
ASP C    C  N N 60  
ASP O    O  N N 61  
ASP CB   C  N N 62  
ASP CG   C  N N 63  
ASP OD1  O  N N 64  
ASP OD2  O  N N 65  
ASP OXT  O  N N 66  
ASP H    H  N N 67  
ASP H2   H  N N 68  
ASP HA   H  N N 69  
ASP HB2  H  N N 70  
ASP HB3  H  N N 71  
ASP HD2  H  N N 72  
ASP HXT  H  N N 73  
CYS N    N  N N 74  
CYS CA   C  N R 75  
CYS C    C  N N 76  
CYS O    O  N N 77  
CYS CB   C  N N 78  
CYS SG   S  N N 79  
CYS OXT  O  N N 80  
CYS H    H  N N 81  
CYS H2   H  N N 82  
CYS HA   H  N N 83  
CYS HB2  H  N N 84  
CYS HB3  H  N N 85  
CYS HG   H  N N 86  
CYS HXT  H  N N 87  
GLN N    N  N N 88  
GLN CA   C  N S 89  
GLN C    C  N N 90  
GLN O    O  N N 91  
GLN CB   C  N N 92  
GLN CG   C  N N 93  
GLN CD   C  N N 94  
GLN OE1  O  N N 95  
GLN NE2  N  N N 96  
GLN OXT  O  N N 97  
GLN H    H  N N 98  
GLN H2   H  N N 99  
GLN HA   H  N N 100 
GLN HB2  H  N N 101 
GLN HB3  H  N N 102 
GLN HG2  H  N N 103 
GLN HG3  H  N N 104 
GLN HE21 H  N N 105 
GLN HE22 H  N N 106 
GLN HXT  H  N N 107 
GLU N    N  N N 108 
GLU CA   C  N S 109 
GLU C    C  N N 110 
GLU O    O  N N 111 
GLU CB   C  N N 112 
GLU CG   C  N N 113 
GLU CD   C  N N 114 
GLU OE1  O  N N 115 
GLU OE2  O  N N 116 
GLU OXT  O  N N 117 
GLU H    H  N N 118 
GLU H2   H  N N 119 
GLU HA   H  N N 120 
GLU HB2  H  N N 121 
GLU HB3  H  N N 122 
GLU HG2  H  N N 123 
GLU HG3  H  N N 124 
GLU HE2  H  N N 125 
GLU HXT  H  N N 126 
GLY N    N  N N 127 
GLY CA   C  N N 128 
GLY C    C  N N 129 
GLY O    O  N N 130 
GLY OXT  O  N N 131 
GLY H    H  N N 132 
GLY H2   H  N N 133 
GLY HA2  H  N N 134 
GLY HA3  H  N N 135 
GLY HXT  H  N N 136 
HIS N    N  N N 137 
HIS CA   C  N S 138 
HIS C    C  N N 139 
HIS O    O  N N 140 
HIS CB   C  N N 141 
HIS CG   C  Y N 142 
HIS ND1  N  Y N 143 
HIS CD2  C  Y N 144 
HIS CE1  C  Y N 145 
HIS NE2  N  Y N 146 
HIS OXT  O  N N 147 
HIS H    H  N N 148 
HIS H2   H  N N 149 
HIS HA   H  N N 150 
HIS HB2  H  N N 151 
HIS HB3  H  N N 152 
HIS HD1  H  N N 153 
HIS HD2  H  N N 154 
HIS HE1  H  N N 155 
HIS HE2  H  N N 156 
HIS HXT  H  N N 157 
HOH O    O  N N 158 
HOH H1   H  N N 159 
HOH H2   H  N N 160 
ILE N    N  N N 161 
ILE CA   C  N S 162 
ILE C    C  N N 163 
ILE O    O  N N 164 
ILE CB   C  N S 165 
ILE CG1  C  N N 166 
ILE CG2  C  N N 167 
ILE CD1  C  N N 168 
ILE OXT  O  N N 169 
ILE H    H  N N 170 
ILE H2   H  N N 171 
ILE HA   H  N N 172 
ILE HB   H  N N 173 
ILE HG12 H  N N 174 
ILE HG13 H  N N 175 
ILE HG21 H  N N 176 
ILE HG22 H  N N 177 
ILE HG23 H  N N 178 
ILE HD11 H  N N 179 
ILE HD12 H  N N 180 
ILE HD13 H  N N 181 
ILE HXT  H  N N 182 
LEU N    N  N N 183 
LEU CA   C  N S 184 
LEU C    C  N N 185 
LEU O    O  N N 186 
LEU CB   C  N N 187 
LEU CG   C  N N 188 
LEU CD1  C  N N 189 
LEU CD2  C  N N 190 
LEU OXT  O  N N 191 
LEU H    H  N N 192 
LEU H2   H  N N 193 
LEU HA   H  N N 194 
LEU HB2  H  N N 195 
LEU HB3  H  N N 196 
LEU HG   H  N N 197 
LEU HD11 H  N N 198 
LEU HD12 H  N N 199 
LEU HD13 H  N N 200 
LEU HD21 H  N N 201 
LEU HD22 H  N N 202 
LEU HD23 H  N N 203 
LEU HXT  H  N N 204 
LYS N    N  N N 205 
LYS CA   C  N S 206 
LYS C    C  N N 207 
LYS O    O  N N 208 
LYS CB   C  N N 209 
LYS CG   C  N N 210 
LYS CD   C  N N 211 
LYS CE   C  N N 212 
LYS NZ   N  N N 213 
LYS OXT  O  N N 214 
LYS H    H  N N 215 
LYS H2   H  N N 216 
LYS HA   H  N N 217 
LYS HB2  H  N N 218 
LYS HB3  H  N N 219 
LYS HG2  H  N N 220 
LYS HG3  H  N N 221 
LYS HD2  H  N N 222 
LYS HD3  H  N N 223 
LYS HE2  H  N N 224 
LYS HE3  H  N N 225 
LYS HZ1  H  N N 226 
LYS HZ2  H  N N 227 
LYS HZ3  H  N N 228 
LYS HXT  H  N N 229 
MSE N    N  N N 230 
MSE CA   C  N S 231 
MSE C    C  N N 232 
MSE O    O  N N 233 
MSE OXT  O  N N 234 
MSE CB   C  N N 235 
MSE CG   C  N N 236 
MSE SE   SE N N 237 
MSE CE   C  N N 238 
MSE H    H  N N 239 
MSE H2   H  N N 240 
MSE HA   H  N N 241 
MSE HXT  H  N N 242 
MSE HB2  H  N N 243 
MSE HB3  H  N N 244 
MSE HG2  H  N N 245 
MSE HG3  H  N N 246 
MSE HE1  H  N N 247 
MSE HE2  H  N N 248 
MSE HE3  H  N N 249 
PHE N    N  N N 250 
PHE CA   C  N S 251 
PHE C    C  N N 252 
PHE O    O  N N 253 
PHE CB   C  N N 254 
PHE CG   C  Y N 255 
PHE CD1  C  Y N 256 
PHE CD2  C  Y N 257 
PHE CE1  C  Y N 258 
PHE CE2  C  Y N 259 
PHE CZ   C  Y N 260 
PHE OXT  O  N N 261 
PHE H    H  N N 262 
PHE H2   H  N N 263 
PHE HA   H  N N 264 
PHE HB2  H  N N 265 
PHE HB3  H  N N 266 
PHE HD1  H  N N 267 
PHE HD2  H  N N 268 
PHE HE1  H  N N 269 
PHE HE2  H  N N 270 
PHE HZ   H  N N 271 
PHE HXT  H  N N 272 
PRO N    N  N N 273 
PRO CA   C  N S 274 
PRO C    C  N N 275 
PRO O    O  N N 276 
PRO CB   C  N N 277 
PRO CG   C  N N 278 
PRO CD   C  N N 279 
PRO OXT  O  N N 280 
PRO H    H  N N 281 
PRO HA   H  N N 282 
PRO HB2  H  N N 283 
PRO HB3  H  N N 284 
PRO HG2  H  N N 285 
PRO HG3  H  N N 286 
PRO HD2  H  N N 287 
PRO HD3  H  N N 288 
PRO HXT  H  N N 289 
SER N    N  N N 290 
SER CA   C  N S 291 
SER C    C  N N 292 
SER O    O  N N 293 
SER CB   C  N N 294 
SER OG   O  N N 295 
SER OXT  O  N N 296 
SER H    H  N N 297 
SER H2   H  N N 298 
SER HA   H  N N 299 
SER HB2  H  N N 300 
SER HB3  H  N N 301 
SER HG   H  N N 302 
SER HXT  H  N N 303 
THR N    N  N N 304 
THR CA   C  N S 305 
THR C    C  N N 306 
THR O    O  N N 307 
THR CB   C  N R 308 
THR OG1  O  N N 309 
THR CG2  C  N N 310 
THR OXT  O  N N 311 
THR H    H  N N 312 
THR H2   H  N N 313 
THR HA   H  N N 314 
THR HB   H  N N 315 
THR HG1  H  N N 316 
THR HG21 H  N N 317 
THR HG22 H  N N 318 
THR HG23 H  N N 319 
THR HXT  H  N N 320 
TRP N    N  N N 321 
TRP CA   C  N S 322 
TRP C    C  N N 323 
TRP O    O  N N 324 
TRP CB   C  N N 325 
TRP CG   C  Y N 326 
TRP CD1  C  Y N 327 
TRP CD2  C  Y N 328 
TRP NE1  N  Y N 329 
TRP CE2  C  Y N 330 
TRP CE3  C  Y N 331 
TRP CZ2  C  Y N 332 
TRP CZ3  C  Y N 333 
TRP CH2  C  Y N 334 
TRP OXT  O  N N 335 
TRP H    H  N N 336 
TRP H2   H  N N 337 
TRP HA   H  N N 338 
TRP HB2  H  N N 339 
TRP HB3  H  N N 340 
TRP HD1  H  N N 341 
TRP HE1  H  N N 342 
TRP HE3  H  N N 343 
TRP HZ2  H  N N 344 
TRP HZ3  H  N N 345 
TRP HH2  H  N N 346 
TRP HXT  H  N N 347 
TYR N    N  N N 348 
TYR CA   C  N S 349 
TYR C    C  N N 350 
TYR O    O  N N 351 
TYR CB   C  N N 352 
TYR CG   C  Y N 353 
TYR CD1  C  Y N 354 
TYR CD2  C  Y N 355 
TYR CE1  C  Y N 356 
TYR CE2  C  Y N 357 
TYR CZ   C  Y N 358 
TYR OH   O  N N 359 
TYR OXT  O  N N 360 
TYR H    H  N N 361 
TYR H2   H  N N 362 
TYR HA   H  N N 363 
TYR HB2  H  N N 364 
TYR HB3  H  N N 365 
TYR HD1  H  N N 366 
TYR HD2  H  N N 367 
TYR HE1  H  N N 368 
TYR HE2  H  N N 369 
TYR HH   H  N N 370 
TYR HXT  H  N N 371 
VAL N    N  N N 372 
VAL CA   C  N S 373 
VAL C    C  N N 374 
VAL O    O  N N 375 
VAL CB   C  N N 376 
VAL CG1  C  N N 377 
VAL CG2  C  N N 378 
VAL OXT  O  N N 379 
VAL H    H  N N 380 
VAL H2   H  N N 381 
VAL HA   H  N N 382 
VAL HB   H  N N 383 
VAL HG11 H  N N 384 
VAL HG12 H  N N 385 
VAL HG13 H  N N 386 
VAL HG21 H  N N 387 
VAL HG22 H  N N 388 
VAL HG23 H  N N 389 
VAL HXT  H  N N 390 
# 
loop_
_chem_comp_bond.comp_id 
_chem_comp_bond.atom_id_1 
_chem_comp_bond.atom_id_2 
_chem_comp_bond.value_order 
_chem_comp_bond.pdbx_aromatic_flag 
_chem_comp_bond.pdbx_stereo_config 
_chem_comp_bond.pdbx_ordinal 
ALA N   CA   sing N N 1   
ALA N   H    sing N N 2   
ALA N   H2   sing N N 3   
ALA CA  C    sing N N 4   
ALA CA  CB   sing N N 5   
ALA CA  HA   sing N N 6   
ALA C   O    doub N N 7   
ALA C   OXT  sing N N 8   
ALA CB  HB1  sing N N 9   
ALA CB  HB2  sing N N 10  
ALA CB  HB3  sing N N 11  
ALA OXT HXT  sing N N 12  
ARG N   CA   sing N N 13  
ARG N   H    sing N N 14  
ARG N   H2   sing N N 15  
ARG CA  C    sing N N 16  
ARG CA  CB   sing N N 17  
ARG CA  HA   sing N N 18  
ARG C   O    doub N N 19  
ARG C   OXT  sing N N 20  
ARG CB  CG   sing N N 21  
ARG CB  HB2  sing N N 22  
ARG CB  HB3  sing N N 23  
ARG CG  CD   sing N N 24  
ARG CG  HG2  sing N N 25  
ARG CG  HG3  sing N N 26  
ARG CD  NE   sing N N 27  
ARG CD  HD2  sing N N 28  
ARG CD  HD3  sing N N 29  
ARG NE  CZ   sing N N 30  
ARG NE  HE   sing N N 31  
ARG CZ  NH1  sing N N 32  
ARG CZ  NH2  doub N N 33  
ARG NH1 HH11 sing N N 34  
ARG NH1 HH12 sing N N 35  
ARG NH2 HH21 sing N N 36  
ARG NH2 HH22 sing N N 37  
ARG OXT HXT  sing N N 38  
ASN N   CA   sing N N 39  
ASN N   H    sing N N 40  
ASN N   H2   sing N N 41  
ASN CA  C    sing N N 42  
ASN CA  CB   sing N N 43  
ASN CA  HA   sing N N 44  
ASN C   O    doub N N 45  
ASN C   OXT  sing N N 46  
ASN CB  CG   sing N N 47  
ASN CB  HB2  sing N N 48  
ASN CB  HB3  sing N N 49  
ASN CG  OD1  doub N N 50  
ASN CG  ND2  sing N N 51  
ASN ND2 HD21 sing N N 52  
ASN ND2 HD22 sing N N 53  
ASN OXT HXT  sing N N 54  
ASP N   CA   sing N N 55  
ASP N   H    sing N N 56  
ASP N   H2   sing N N 57  
ASP CA  C    sing N N 58  
ASP CA  CB   sing N N 59  
ASP CA  HA   sing N N 60  
ASP C   O    doub N N 61  
ASP C   OXT  sing N N 62  
ASP CB  CG   sing N N 63  
ASP CB  HB2  sing N N 64  
ASP CB  HB3  sing N N 65  
ASP CG  OD1  doub N N 66  
ASP CG  OD2  sing N N 67  
ASP OD2 HD2  sing N N 68  
ASP OXT HXT  sing N N 69  
CYS N   CA   sing N N 70  
CYS N   H    sing N N 71  
CYS N   H2   sing N N 72  
CYS CA  C    sing N N 73  
CYS CA  CB   sing N N 74  
CYS CA  HA   sing N N 75  
CYS C   O    doub N N 76  
CYS C   OXT  sing N N 77  
CYS CB  SG   sing N N 78  
CYS CB  HB2  sing N N 79  
CYS CB  HB3  sing N N 80  
CYS SG  HG   sing N N 81  
CYS OXT HXT  sing N N 82  
GLN N   CA   sing N N 83  
GLN N   H    sing N N 84  
GLN N   H2   sing N N 85  
GLN CA  C    sing N N 86  
GLN CA  CB   sing N N 87  
GLN CA  HA   sing N N 88  
GLN C   O    doub N N 89  
GLN C   OXT  sing N N 90  
GLN CB  CG   sing N N 91  
GLN CB  HB2  sing N N 92  
GLN CB  HB3  sing N N 93  
GLN CG  CD   sing N N 94  
GLN CG  HG2  sing N N 95  
GLN CG  HG3  sing N N 96  
GLN CD  OE1  doub N N 97  
GLN CD  NE2  sing N N 98  
GLN NE2 HE21 sing N N 99  
GLN NE2 HE22 sing N N 100 
GLN OXT HXT  sing N N 101 
GLU N   CA   sing N N 102 
GLU N   H    sing N N 103 
GLU N   H2   sing N N 104 
GLU CA  C    sing N N 105 
GLU CA  CB   sing N N 106 
GLU CA  HA   sing N N 107 
GLU C   O    doub N N 108 
GLU C   OXT  sing N N 109 
GLU CB  CG   sing N N 110 
GLU CB  HB2  sing N N 111 
GLU CB  HB3  sing N N 112 
GLU CG  CD   sing N N 113 
GLU CG  HG2  sing N N 114 
GLU CG  HG3  sing N N 115 
GLU CD  OE1  doub N N 116 
GLU CD  OE2  sing N N 117 
GLU OE2 HE2  sing N N 118 
GLU OXT HXT  sing N N 119 
GLY N   CA   sing N N 120 
GLY N   H    sing N N 121 
GLY N   H2   sing N N 122 
GLY CA  C    sing N N 123 
GLY CA  HA2  sing N N 124 
GLY CA  HA3  sing N N 125 
GLY C   O    doub N N 126 
GLY C   OXT  sing N N 127 
GLY OXT HXT  sing N N 128 
HIS N   CA   sing N N 129 
HIS N   H    sing N N 130 
HIS N   H2   sing N N 131 
HIS CA  C    sing N N 132 
HIS CA  CB   sing N N 133 
HIS CA  HA   sing N N 134 
HIS C   O    doub N N 135 
HIS C   OXT  sing N N 136 
HIS CB  CG   sing N N 137 
HIS CB  HB2  sing N N 138 
HIS CB  HB3  sing N N 139 
HIS CG  ND1  sing Y N 140 
HIS CG  CD2  doub Y N 141 
HIS ND1 CE1  doub Y N 142 
HIS ND1 HD1  sing N N 143 
HIS CD2 NE2  sing Y N 144 
HIS CD2 HD2  sing N N 145 
HIS CE1 NE2  sing Y N 146 
HIS CE1 HE1  sing N N 147 
HIS NE2 HE2  sing N N 148 
HIS OXT HXT  sing N N 149 
HOH O   H1   sing N N 150 
HOH O   H2   sing N N 151 
ILE N   CA   sing N N 152 
ILE N   H    sing N N 153 
ILE N   H2   sing N N 154 
ILE CA  C    sing N N 155 
ILE CA  CB   sing N N 156 
ILE CA  HA   sing N N 157 
ILE C   O    doub N N 158 
ILE C   OXT  sing N N 159 
ILE CB  CG1  sing N N 160 
ILE CB  CG2  sing N N 161 
ILE CB  HB   sing N N 162 
ILE CG1 CD1  sing N N 163 
ILE CG1 HG12 sing N N 164 
ILE CG1 HG13 sing N N 165 
ILE CG2 HG21 sing N N 166 
ILE CG2 HG22 sing N N 167 
ILE CG2 HG23 sing N N 168 
ILE CD1 HD11 sing N N 169 
ILE CD1 HD12 sing N N 170 
ILE CD1 HD13 sing N N 171 
ILE OXT HXT  sing N N 172 
LEU N   CA   sing N N 173 
LEU N   H    sing N N 174 
LEU N   H2   sing N N 175 
LEU CA  C    sing N N 176 
LEU CA  CB   sing N N 177 
LEU CA  HA   sing N N 178 
LEU C   O    doub N N 179 
LEU C   OXT  sing N N 180 
LEU CB  CG   sing N N 181 
LEU CB  HB2  sing N N 182 
LEU CB  HB3  sing N N 183 
LEU CG  CD1  sing N N 184 
LEU CG  CD2  sing N N 185 
LEU CG  HG   sing N N 186 
LEU CD1 HD11 sing N N 187 
LEU CD1 HD12 sing N N 188 
LEU CD1 HD13 sing N N 189 
LEU CD2 HD21 sing N N 190 
LEU CD2 HD22 sing N N 191 
LEU CD2 HD23 sing N N 192 
LEU OXT HXT  sing N N 193 
LYS N   CA   sing N N 194 
LYS N   H    sing N N 195 
LYS N   H2   sing N N 196 
LYS CA  C    sing N N 197 
LYS CA  CB   sing N N 198 
LYS CA  HA   sing N N 199 
LYS C   O    doub N N 200 
LYS C   OXT  sing N N 201 
LYS CB  CG   sing N N 202 
LYS CB  HB2  sing N N 203 
LYS CB  HB3  sing N N 204 
LYS CG  CD   sing N N 205 
LYS CG  HG2  sing N N 206 
LYS CG  HG3  sing N N 207 
LYS CD  CE   sing N N 208 
LYS CD  HD2  sing N N 209 
LYS CD  HD3  sing N N 210 
LYS CE  NZ   sing N N 211 
LYS CE  HE2  sing N N 212 
LYS CE  HE3  sing N N 213 
LYS NZ  HZ1  sing N N 214 
LYS NZ  HZ2  sing N N 215 
LYS NZ  HZ3  sing N N 216 
LYS OXT HXT  sing N N 217 
MSE N   CA   sing N N 218 
MSE N   H    sing N N 219 
MSE N   H2   sing N N 220 
MSE CA  C    sing N N 221 
MSE CA  CB   sing N N 222 
MSE CA  HA   sing N N 223 
MSE C   O    doub N N 224 
MSE C   OXT  sing N N 225 
MSE OXT HXT  sing N N 226 
MSE CB  CG   sing N N 227 
MSE CB  HB2  sing N N 228 
MSE CB  HB3  sing N N 229 
MSE CG  SE   sing N N 230 
MSE CG  HG2  sing N N 231 
MSE CG  HG3  sing N N 232 
MSE SE  CE   sing N N 233 
MSE CE  HE1  sing N N 234 
MSE CE  HE2  sing N N 235 
MSE CE  HE3  sing N N 236 
PHE N   CA   sing N N 237 
PHE N   H    sing N N 238 
PHE N   H2   sing N N 239 
PHE CA  C    sing N N 240 
PHE CA  CB   sing N N 241 
PHE CA  HA   sing N N 242 
PHE C   O    doub N N 243 
PHE C   OXT  sing N N 244 
PHE CB  CG   sing N N 245 
PHE CB  HB2  sing N N 246 
PHE CB  HB3  sing N N 247 
PHE CG  CD1  doub Y N 248 
PHE CG  CD2  sing Y N 249 
PHE CD1 CE1  sing Y N 250 
PHE CD1 HD1  sing N N 251 
PHE CD2 CE2  doub Y N 252 
PHE CD2 HD2  sing N N 253 
PHE CE1 CZ   doub Y N 254 
PHE CE1 HE1  sing N N 255 
PHE CE2 CZ   sing Y N 256 
PHE CE2 HE2  sing N N 257 
PHE CZ  HZ   sing N N 258 
PHE OXT HXT  sing N N 259 
PRO N   CA   sing N N 260 
PRO N   CD   sing N N 261 
PRO N   H    sing N N 262 
PRO CA  C    sing N N 263 
PRO CA  CB   sing N N 264 
PRO CA  HA   sing N N 265 
PRO C   O    doub N N 266 
PRO C   OXT  sing N N 267 
PRO CB  CG   sing N N 268 
PRO CB  HB2  sing N N 269 
PRO CB  HB3  sing N N 270 
PRO CG  CD   sing N N 271 
PRO CG  HG2  sing N N 272 
PRO CG  HG3  sing N N 273 
PRO CD  HD2  sing N N 274 
PRO CD  HD3  sing N N 275 
PRO OXT HXT  sing N N 276 
SER N   CA   sing N N 277 
SER N   H    sing N N 278 
SER N   H2   sing N N 279 
SER CA  C    sing N N 280 
SER CA  CB   sing N N 281 
SER CA  HA   sing N N 282 
SER C   O    doub N N 283 
SER C   OXT  sing N N 284 
SER CB  OG   sing N N 285 
SER CB  HB2  sing N N 286 
SER CB  HB3  sing N N 287 
SER OG  HG   sing N N 288 
SER OXT HXT  sing N N 289 
THR N   CA   sing N N 290 
THR N   H    sing N N 291 
THR N   H2   sing N N 292 
THR CA  C    sing N N 293 
THR CA  CB   sing N N 294 
THR CA  HA   sing N N 295 
THR C   O    doub N N 296 
THR C   OXT  sing N N 297 
THR CB  OG1  sing N N 298 
THR CB  CG2  sing N N 299 
THR CB  HB   sing N N 300 
THR OG1 HG1  sing N N 301 
THR CG2 HG21 sing N N 302 
THR CG2 HG22 sing N N 303 
THR CG2 HG23 sing N N 304 
THR OXT HXT  sing N N 305 
TRP N   CA   sing N N 306 
TRP N   H    sing N N 307 
TRP N   H2   sing N N 308 
TRP CA  C    sing N N 309 
TRP CA  CB   sing N N 310 
TRP CA  HA   sing N N 311 
TRP C   O    doub N N 312 
TRP C   OXT  sing N N 313 
TRP CB  CG   sing N N 314 
TRP CB  HB2  sing N N 315 
TRP CB  HB3  sing N N 316 
TRP CG  CD1  doub Y N 317 
TRP CG  CD2  sing Y N 318 
TRP CD1 NE1  sing Y N 319 
TRP CD1 HD1  sing N N 320 
TRP CD2 CE2  doub Y N 321 
TRP CD2 CE3  sing Y N 322 
TRP NE1 CE2  sing Y N 323 
TRP NE1 HE1  sing N N 324 
TRP CE2 CZ2  sing Y N 325 
TRP CE3 CZ3  doub Y N 326 
TRP CE3 HE3  sing N N 327 
TRP CZ2 CH2  doub Y N 328 
TRP CZ2 HZ2  sing N N 329 
TRP CZ3 CH2  sing Y N 330 
TRP CZ3 HZ3  sing N N 331 
TRP CH2 HH2  sing N N 332 
TRP OXT HXT  sing N N 333 
TYR N   CA   sing N N 334 
TYR N   H    sing N N 335 
TYR N   H2   sing N N 336 
TYR CA  C    sing N N 337 
TYR CA  CB   sing N N 338 
TYR CA  HA   sing N N 339 
TYR C   O    doub N N 340 
TYR C   OXT  sing N N 341 
TYR CB  CG   sing N N 342 
TYR CB  HB2  sing N N 343 
TYR CB  HB3  sing N N 344 
TYR CG  CD1  doub Y N 345 
TYR CG  CD2  sing Y N 346 
TYR CD1 CE1  sing Y N 347 
TYR CD1 HD1  sing N N 348 
TYR CD2 CE2  doub Y N 349 
TYR CD2 HD2  sing N N 350 
TYR CE1 CZ   doub Y N 351 
TYR CE1 HE1  sing N N 352 
TYR CE2 CZ   sing Y N 353 
TYR CE2 HE2  sing N N 354 
TYR CZ  OH   sing N N 355 
TYR OH  HH   sing N N 356 
TYR OXT HXT  sing N N 357 
VAL N   CA   sing N N 358 
VAL N   H    sing N N 359 
VAL N   H2   sing N N 360 
VAL CA  C    sing N N 361 
VAL CA  CB   sing N N 362 
VAL CA  HA   sing N N 363 
VAL C   O    doub N N 364 
VAL C   OXT  sing N N 365 
VAL CB  CG1  sing N N 366 
VAL CB  CG2  sing N N 367 
VAL CB  HB   sing N N 368 
VAL CG1 HG11 sing N N 369 
VAL CG1 HG12 sing N N 370 
VAL CG1 HG13 sing N N 371 
VAL CG2 HG21 sing N N 372 
VAL CG2 HG22 sing N N 373 
VAL CG2 HG23 sing N N 374 
VAL OXT HXT  sing N N 375 
# 
_atom_sites.entry_id                    2V81 
_atom_sites.fract_transf_matrix[1][1]   -0.00774380 
_atom_sites.fract_transf_matrix[1][2]   0.00569864 
_atom_sites.fract_transf_matrix[1][3]   -0.00485973 
_atom_sites.fract_transf_matrix[2][1]   -0.00662101 
_atom_sites.fract_transf_matrix[2][2]   0.00616913 
_atom_sites.fract_transf_matrix[2][3]   0.00584479 
_atom_sites.fract_transf_matrix[3][1]   0.00822955 
_atom_sites.fract_transf_matrix[3][2]   0.01006948 
_atom_sites.fract_transf_matrix[3][3]   -0.00130578 
_atom_sites.fract_transf_vector[1]      0.220345 
_atom_sites.fract_transf_vector[2]      0.094296 
_atom_sites.fract_transf_vector[3]      0.173362 
# 
loop_
_atom_type.symbol 
C  
N  
O  
S  
SE 
# 
loop_
_atom_site.group_PDB 
_atom_site.id 
_atom_site.type_symbol 
_atom_site.label_atom_id 
_atom_site.label_alt_id 
_atom_site.label_comp_id 
_atom_site.label_asym_id 
_atom_site.label_entity_id 
_atom_site.label_seq_id 
_atom_site.pdbx_PDB_ins_code 
_atom_site.Cartn_x 
_atom_site.Cartn_y 
_atom_site.Cartn_z 
_atom_site.occupancy 
_atom_site.B_iso_or_equiv 
_atom_site.pdbx_formal_charge 
_atom_site.auth_seq_id 
_atom_site.auth_comp_id 
_atom_site.auth_asym_id 
_atom_site.auth_atom_id 
_atom_site.pdbx_PDB_model_num 
HETATM 1    N  N   . MSE A 1 1   ? 0.702   8.998   13.307  1.00 66.28 ? 1    MSE A N   1 
HETATM 2    C  CA  . MSE A 1 1   ? -0.487  9.528   12.568  1.00 66.95 ? 1    MSE A CA  1 
HETATM 3    C  C   . MSE A 1 1   ? -1.463  8.416   12.213  1.00 64.74 ? 1    MSE A C   1 
HETATM 4    O  O   . MSE A 1 1   ? -1.056  7.292   11.916  1.00 64.77 ? 1    MSE A O   1 
HETATM 5    C  CB  . MSE A 1 1   ? -0.066  10.197  11.256  1.00 66.97 ? 1    MSE A CB  1 
HETATM 6    C  CG  . MSE A 1 1   ? 0.969   11.303  11.362  1.00 69.24 ? 1    MSE A CG  1 
HETATM 7    SE SE  . MSE A 1 1   ? 1.234   12.104  9.587   1.00 73.91 ? 1    MSE A SE  1 
HETATM 8    C  CE  . MSE A 1 1   ? -0.440  13.133  9.448   1.00 72.14 ? 1    MSE A CE  1 
ATOM   9    N  N   . GLN A 1 2   ? -2.754  8.737   12.224  1.00 62.81 ? 2    GLN A N   1 
ATOM   10   C  CA  . GLN A 1 2   ? -3.743  7.832   11.652  1.00 60.84 ? 2    GLN A CA  1 
ATOM   11   C  C   . GLN A 1 2   ? -3.743  7.966   10.132  1.00 59.12 ? 2    GLN A C   1 
ATOM   12   O  O   . GLN A 1 2   ? -3.270  8.970   9.591   1.00 58.73 ? 2    GLN A O   1 
ATOM   13   C  CB  . GLN A 1 2   ? -5.138  8.079   12.232  1.00 61.15 ? 2    GLN A CB  1 
ATOM   14   C  CG  . GLN A 1 2   ? -5.339  7.460   13.615  1.00 61.76 ? 2    GLN A CG  1 
ATOM   15   C  CD  . GLN A 1 2   ? -6.711  6.823   13.793  1.00 62.73 ? 2    GLN A CD  1 
ATOM   16   O  OE1 . GLN A 1 2   ? -7.691  7.212   13.141  1.00 63.10 ? 2    GLN A OE1 1 
ATOM   17   N  NE2 . GLN A 1 2   ? -6.787  5.835   14.680  1.00 62.25 ? 2    GLN A NE2 1 
ATOM   18   N  N   . TRP A 1 3   ? -4.256  6.940   9.456   1.00 57.14 ? 3    TRP A N   1 
ATOM   19   C  CA  . TRP A 1 3   ? -4.351  6.919   7.996   1.00 55.35 ? 3    TRP A CA  1 
ATOM   20   C  C   . TRP A 1 3   ? -5.269  8.029   7.488   1.00 54.61 ? 3    TRP A C   1 
ATOM   21   O  O   . TRP A 1 3   ? -6.332  8.276   8.058   1.00 54.25 ? 3    TRP A O   1 
ATOM   22   C  CB  . TRP A 1 3   ? -4.851  5.552   7.524   1.00 54.74 ? 3    TRP A CB  1 
ATOM   23   C  CG  . TRP A 1 3   ? -4.677  5.292   6.051   1.00 53.87 ? 3    TRP A CG  1 
ATOM   24   C  CD1 . TRP A 1 3   ? -5.666  5.068   5.143   1.00 53.15 ? 3    TRP A CD1 1 
ATOM   25   C  CD2 . TRP A 1 3   ? -3.437  5.212   5.325   1.00 53.09 ? 3    TRP A CD2 1 
ATOM   26   N  NE1 . TRP A 1 3   ? -5.126  4.851   3.890   1.00 52.72 ? 3    TRP A NE1 1 
ATOM   27   C  CE2 . TRP A 1 3   ? -3.762  4.940   3.972   1.00 52.68 ? 3    TRP A CE2 1 
ATOM   28   C  CE3 . TRP A 1 3   ? -2.085  5.345   5.684   1.00 52.33 ? 3    TRP A CE3 1 
ATOM   29   C  CZ2 . TRP A 1 3   ? -2.788  4.801   2.977   1.00 52.50 ? 3    TRP A CZ2 1 
ATOM   30   C  CZ3 . TRP A 1 3   ? -1.114  5.209   4.695   1.00 52.69 ? 3    TRP A CZ3 1 
ATOM   31   C  CH2 . TRP A 1 3   ? -1.472  4.937   3.357   1.00 53.29 ? 3    TRP A CH2 1 
ATOM   32   N  N   . GLN A 1 4   ? -4.842  8.695   6.417   1.00 53.75 ? 4    GLN A N   1 
ATOM   33   C  CA  . GLN A 1 4   ? -5.559  9.854   5.877   1.00 52.98 ? 4    GLN A CA  1 
ATOM   34   C  C   . GLN A 1 4   ? -6.514  9.555   4.713   1.00 51.88 ? 4    GLN A C   1 
ATOM   35   O  O   . GLN A 1 4   ? -6.898  10.472  3.988   1.00 51.84 ? 4    GLN A O   1 
ATOM   36   C  CB  . GLN A 1 4   ? -4.567  10.942  5.454   1.00 52.99 ? 4    GLN A CB  1 
ATOM   37   C  CG  . GLN A 1 4   ? -4.090  11.850  6.583   1.00 54.20 ? 4    GLN A CG  1 
ATOM   38   C  CD  . GLN A 1 4   ? -3.438  13.123  6.053   1.00 54.24 ? 4    GLN A CD  1 
ATOM   39   O  OE1 . GLN A 1 4   ? -2.347  13.086  5.473   1.00 55.68 ? 4    GLN A OE1 1 
ATOM   40   N  NE2 . GLN A 1 4   ? -4.110  14.253  6.241   1.00 53.59 ? 4    GLN A NE2 1 
ATOM   41   N  N   . THR A 1 5   ? -6.890  8.291   4.520   1.00 50.69 ? 5    THR A N   1 
ATOM   42   C  CA  . THR A 1 5   ? -7.939  7.962   3.543   1.00 49.61 ? 5    THR A CA  1 
ATOM   43   C  C   . THR A 1 5   ? -9.117  7.256   4.221   1.00 49.22 ? 5    THR A C   1 
ATOM   44   O  O   . THR A 1 5   ? -8.972  6.718   5.322   1.00 49.26 ? 5    THR A O   1 
ATOM   45   C  CB  . THR A 1 5   ? -7.422  7.135   2.316   1.00 49.41 ? 5    THR A CB  1 
ATOM   46   O  OG1 . THR A 1 5   ? -7.230  5.767   2.682   1.00 48.80 ? 5    THR A OG1 1 
ATOM   47   C  CG2 . THR A 1 5   ? -6.123  7.705   1.756   1.00 48.94 ? 5    THR A CG2 1 
ATOM   48   N  N   . LYS A 1 6   ? -10.275 7.264   3.563   1.00 48.52 ? 6    LYS A N   1 
ATOM   49   C  CA  . LYS A 1 6   ? -11.491 6.656   4.116   1.00 48.18 ? 6    LYS A CA  1 
ATOM   50   C  C   . LYS A 1 6   ? -11.313 5.166   4.407   1.00 47.20 ? 6    LYS A C   1 
ATOM   51   O  O   . LYS A 1 6   ? -11.814 4.664   5.413   1.00 47.43 ? 6    LYS A O   1 
ATOM   52   C  CB  . LYS A 1 6   ? -12.687 6.850   3.175   1.00 48.29 ? 6    LYS A CB  1 
ATOM   53   C  CG  . LYS A 1 6   ? -13.175 8.286   3.016   1.00 49.16 ? 6    LYS A CG  1 
ATOM   54   C  CD  . LYS A 1 6   ? -14.265 8.352   1.941   1.00 49.46 ? 6    LYS A CD  1 
ATOM   55   C  CE  . LYS A 1 6   ? -14.609 9.785   1.552   1.00 50.81 ? 6    LYS A CE  1 
ATOM   56   N  NZ  . LYS A 1 6   ? -15.608 10.390  2.486   1.00 51.05 ? 6    LYS A NZ  1 
ATOM   57   N  N   . LEU A 1 7   ? -10.600 4.472   3.526   1.00 45.93 ? 7    LEU A N   1 
ATOM   58   C  CA  . LEU A 1 7   ? -10.412 3.029   3.645   1.00 44.75 ? 7    LEU A CA  1 
ATOM   59   C  C   . LEU A 1 7   ? -8.928  2.646   3.632   1.00 43.71 ? 7    LEU A C   1 
ATOM   60   O  O   . LEU A 1 7   ? -8.246  2.852   2.634   1.00 43.08 ? 7    LEU A O   1 
ATOM   61   C  CB  . LEU A 1 7   ? -11.174 2.302   2.533   1.00 44.94 ? 7    LEU A CB  1 
ATOM   62   C  CG  . LEU A 1 7   ? -11.209 0.771   2.556   1.00 45.14 ? 7    LEU A CG  1 
ATOM   63   C  CD1 . LEU A 1 7   ? -12.043 0.278   3.731   1.00 44.81 ? 7    LEU A CD1 1 
ATOM   64   C  CD2 . LEU A 1 7   ? -11.760 0.236   1.234   1.00 44.75 ? 7    LEU A CD2 1 
ATOM   65   N  N   . PRO A 1 8   ? -8.431  2.081   4.749   1.00 42.96 ? 8    PRO A N   1 
ATOM   66   C  CA  . PRO A 1 8   ? -7.013  1.755   4.898   1.00 42.58 ? 8    PRO A CA  1 
ATOM   67   C  C   . PRO A 1 8   ? -6.597  0.442   4.218   1.00 41.91 ? 8    PRO A C   1 
ATOM   68   O  O   . PRO A 1 8   ? -5.982  -0.422  4.849   1.00 41.64 ? 8    PRO A O   1 
ATOM   69   C  CB  . PRO A 1 8   ? -6.844  1.668   6.417   1.00 42.57 ? 8    PRO A CB  1 
ATOM   70   C  CG  . PRO A 1 8   ? -8.162  1.198   6.898   1.00 42.53 ? 8    PRO A CG  1 
ATOM   71   C  CD  . PRO A 1 8   ? -9.200  1.728   5.955   1.00 42.72 ? 8    PRO A CD  1 
ATOM   72   N  N   . LEU A 1 9   ? -6.940  0.308   2.937   1.00 41.17 ? 9    LEU A N   1 
ATOM   73   C  CA  . LEU A 1 9   ? -6.516  -0.838  2.129   1.00 40.42 ? 9    LEU A CA  1 
ATOM   74   C  C   . LEU A 1 9   ? -5.827  -0.328  0.873   1.00 39.85 ? 9    LEU A C   1 
ATOM   75   O  O   . LEU A 1 9   ? -6.386  0.472   0.123   1.00 39.77 ? 9    LEU A O   1 
ATOM   76   C  CB  . LEU A 1 9   ? -7.704  -1.742  1.762   1.00 40.27 ? 9    LEU A CB  1 
ATOM   77   C  CG  . LEU A 1 9   ? -8.549  -2.359  2.888   1.00 40.87 ? 9    LEU A CG  1 
ATOM   78   C  CD1 . LEU A 1 9   ? -9.851  -2.955  2.333   1.00 40.85 ? 9    LEU A CD1 1 
ATOM   79   C  CD2 . LEU A 1 9   ? -7.764  -3.405  3.709   1.00 39.97 ? 9    LEU A CD2 1 
ATOM   80   N  N   . ILE A 1 10  ? -4.598  -0.774  0.659   1.00 39.30 ? 10   ILE A N   1 
ATOM   81   C  CA  . ILE A 1 10  ? -3.854  -0.339  -0.506  1.00 38.51 ? 10   ILE A CA  1 
ATOM   82   C  C   . ILE A 1 10  ? -3.934  -1.407  -1.587  1.00 38.05 ? 10   ILE A C   1 
ATOM   83   O  O   . ILE A 1 10  ? -3.540  -2.553  -1.370  1.00 37.78 ? 10   ILE A O   1 
ATOM   84   C  CB  . ILE A 1 10  ? -2.381  0.015   -0.158  1.00 39.00 ? 10   ILE A CB  1 
ATOM   85   C  CG1 . ILE A 1 10  ? -2.335  1.126   0.909   1.00 37.77 ? 10   ILE A CG1 1 
ATOM   86   C  CG2 . ILE A 1 10  ? -1.614  0.430   -1.424  1.00 38.41 ? 10   ILE A CG2 1 
ATOM   87   C  CD1 . ILE A 1 10  ? -1.014  1.235   1.643   1.00 37.01 ? 10   ILE A CD1 1 
ATOM   88   N  N   . ALA A 1 11  ? -4.487  -1.023  -2.733  1.00 37.56 ? 11   ALA A N   1 
ATOM   89   C  CA  . ALA A 1 11  ? -4.517  -1.876  -3.917  1.00 37.34 ? 11   ALA A CA  1 
ATOM   90   C  C   . ALA A 1 11  ? -3.151  -1.852  -4.591  1.00 37.04 ? 11   ALA A C   1 
ATOM   91   O  O   . ALA A 1 11  ? -2.647  -0.788  -4.961  1.00 37.66 ? 11   ALA A O   1 
ATOM   92   C  CB  . ALA A 1 11  ? -5.602  -1.402  -4.888  1.00 37.09 ? 11   ALA A CB  1 
ATOM   93   N  N   . ILE A 1 12  ? -2.547  -3.023  -4.726  1.00 36.92 ? 12   ILE A N   1 
ATOM   94   C  CA  . ILE A 1 12  ? -1.238  -3.153  -5.373  1.00 36.67 ? 12   ILE A CA  1 
ATOM   95   C  C   . ILE A 1 12  ? -1.429  -3.854  -6.709  1.00 36.76 ? 12   ILE A C   1 
ATOM   96   O  O   . ILE A 1 12  ? -1.933  -4.989  -6.754  1.00 36.97 ? 12   ILE A O   1 
ATOM   97   C  CB  . ILE A 1 12  ? -0.237  -3.946  -4.488  1.00 36.77 ? 12   ILE A CB  1 
ATOM   98   C  CG1 . ILE A 1 12  ? -0.167  -3.338  -3.072  1.00 36.05 ? 12   ILE A CG1 1 
ATOM   99   C  CG2 . ILE A 1 12  ? 1.155   -4.003  -5.148  1.00 36.14 ? 12   ILE A CG2 1 
ATOM   100  C  CD1 . ILE A 1 12  ? 0.752   -4.096  -2.124  1.00 36.77 ? 12   ILE A CD1 1 
ATOM   101  N  N   . LEU A 1 13  ? -1.050  -3.178  -7.798  1.00 36.44 ? 13   LEU A N   1 
ATOM   102  C  CA  . LEU A 1 13  ? -1.306  -3.707  -9.149  1.00 36.48 ? 13   LEU A CA  1 
ATOM   103  C  C   . LEU A 1 13  ? -0.031  -4.084  -9.904  1.00 36.31 ? 13   LEU A C   1 
ATOM   104  O  O   . LEU A 1 13  ? 0.303   -3.483  -10.927 1.00 36.50 ? 13   LEU A O   1 
ATOM   105  C  CB  . LEU A 1 13  ? -2.193  -2.749  -9.966  1.00 36.05 ? 13   LEU A CB  1 
ATOM   106  C  CG  . LEU A 1 13  ? -3.522  -2.311  -9.328  1.00 36.32 ? 13   LEU A CG  1 
ATOM   107  C  CD1 . LEU A 1 13  ? -4.277  -1.344  -10.226 1.00 34.58 ? 13   LEU A CD1 1 
ATOM   108  C  CD2 . LEU A 1 13  ? -4.420  -3.511  -8.950  1.00 36.04 ? 13   LEU A CD2 1 
ATOM   109  N  N   . ARG A 1 14  ? 0.663   -5.091  -9.393  1.00 36.21 ? 14   ARG A N   1 
ATOM   110  C  CA  . ARG A 1 14  ? 1.968   -5.481  -9.913  1.00 36.87 ? 14   ARG A CA  1 
ATOM   111  C  C   . ARG A 1 14  ? 1.905   -6.043  -11.338 1.00 36.36 ? 14   ARG A C   1 
ATOM   112  O  O   . ARG A 1 14  ? 1.212   -7.035  -11.600 1.00 36.48 ? 14   ARG A O   1 
ATOM   113  C  CB  . ARG A 1 14  ? 2.641   -6.490  -8.969  1.00 37.35 ? 14   ARG A CB  1 
ATOM   114  C  CG  . ARG A 1 14  ? 4.085   -6.802  -9.352  1.00 40.63 ? 14   ARG A CG  1 
ATOM   115  C  CD  . ARG A 1 14  ? 4.614   -8.055  -8.682  1.00 45.51 ? 14   ARG A CD  1 
ATOM   116  N  NE  . ARG A 1 14  ? 5.722   -8.617  -9.463  1.00 51.27 ? 14   ARG A NE  1 
ATOM   117  C  CZ  . ARG A 1 14  ? 6.708   -9.358  -8.956  1.00 53.81 ? 14   ARG A CZ  1 
ATOM   118  N  NH1 . ARG A 1 14  ? 6.729   -9.629  -7.652  1.00 56.28 ? 14   ARG A NH1 1 
ATOM   119  N  NH2 . ARG A 1 14  ? 7.675   -9.824  -9.745  1.00 52.23 ? 14   ARG A NH2 1 
ATOM   120  N  N   . GLY A 1 15  ? 2.632   -5.403  -12.256 1.00 35.97 ? 15   GLY A N   1 
ATOM   121  C  CA  . GLY A 1 15  ? 2.770   -5.915  -13.627 1.00 34.67 ? 15   GLY A CA  1 
ATOM   122  C  C   . GLY A 1 15  ? 1.637   -5.498  -14.545 1.00 34.47 ? 15   GLY A C   1 
ATOM   123  O  O   . GLY A 1 15  ? 1.511   -6.021  -15.645 1.00 34.25 ? 15   GLY A O   1 
ATOM   124  N  N   . ILE A 1 16  ? 0.801   -4.563  -14.095 1.00 34.00 ? 16   ILE A N   1 
ATOM   125  C  CA  . ILE A 1 16  ? -0.231  -3.994  -14.959 1.00 34.13 ? 16   ILE A CA  1 
ATOM   126  C  C   . ILE A 1 16  ? 0.394   -3.179  -16.125 1.00 34.40 ? 16   ILE A C   1 
ATOM   127  O  O   . ILE A 1 16  ? 1.501   -2.637  -15.999 1.00 34.02 ? 16   ILE A O   1 
ATOM   128  C  CB  . ILE A 1 16  ? -1.277  -3.163  -14.153 1.00 34.35 ? 16   ILE A CB  1 
ATOM   129  C  CG1 . ILE A 1 16  ? -2.531  -2.934  -15.003 1.00 34.69 ? 16   ILE A CG1 1 
ATOM   130  C  CG2 . ILE A 1 16  ? -0.663  -1.841  -13.608 1.00 33.64 ? 16   ILE A CG2 1 
ATOM   131  C  CD1 . ILE A 1 16  ? -3.786  -2.654  -14.248 1.00 35.58 ? 16   ILE A CD1 1 
ATOM   132  N  N   . THR A 1 17  ? -0.308  -3.125  -17.256 1.00 34.40 ? 17   THR A N   1 
ATOM   133  C  CA  . THR A 1 17  ? 0.179   -2.423  -18.440 1.00 34.70 ? 17   THR A CA  1 
ATOM   134  C  C   . THR A 1 17  ? -0.599  -1.127  -18.639 1.00 34.90 ? 17   THR A C   1 
ATOM   135  O  O   . THR A 1 17  ? -1.711  -1.000  -18.129 1.00 34.92 ? 17   THR A O   1 
ATOM   136  C  CB  . THR A 1 17  ? 0.055   -3.295  -19.719 1.00 35.02 ? 17   THR A CB  1 
ATOM   137  O  OG1 . THR A 1 17  ? -1.328  -3.595  -19.963 1.00 34.39 ? 17   THR A OG1 1 
ATOM   138  C  CG2 . THR A 1 17  ? 0.882   -4.593  -19.595 1.00 34.32 ? 17   THR A CG2 1 
ATOM   139  N  N   . PRO A 1 18  ? -0.013  -0.153  -19.370 1.00 35.29 ? 18   PRO A N   1 
ATOM   140  C  CA  . PRO A 1 18  ? -0.707  1.124   -19.602 1.00 35.79 ? 18   PRO A CA  1 
ATOM   141  C  C   . PRO A 1 18  ? -2.088  0.973   -20.231 1.00 36.66 ? 18   PRO A C   1 
ATOM   142  O  O   . PRO A 1 18  ? -2.995  1.730   -19.877 1.00 36.64 ? 18   PRO A O   1 
ATOM   143  C  CB  . PRO A 1 18  ? 0.235   1.883   -20.549 1.00 35.59 ? 18   PRO A CB  1 
ATOM   144  C  CG  . PRO A 1 18  ? 1.575   1.255   -20.343 1.00 35.47 ? 18   PRO A CG  1 
ATOM   145  C  CD  . PRO A 1 18  ? 1.324   -0.182  -20.001 1.00 34.86 ? 18   PRO A CD  1 
ATOM   146  N  N   . ASP A 1 19  ? -2.259  -0.004  -21.129 1.00 38.00 ? 19   ASP A N   1 
ATOM   147  C  CA  . ASP A 1 19  ? -3.549  -0.215  -21.818 1.00 39.63 ? 19   ASP A CA  1 
ATOM   148  C  C   . ASP A 1 19  ? -4.685  -0.734  -20.919 1.00 39.51 ? 19   ASP A C   1 
ATOM   149  O  O   . ASP A 1 19  ? -5.863  -0.616  -21.260 1.00 39.85 ? 19   ASP A O   1 
ATOM   150  C  CB  . ASP A 1 19  ? -3.388  -1.107  -23.069 1.00 40.50 ? 19   ASP A CB  1 
ATOM   151  C  CG  . ASP A 1 19  ? -2.825  -2.505  -22.745 1.00 44.28 ? 19   ASP A CG  1 
ATOM   152  O  OD1 . ASP A 1 19  ? -1.667  -2.592  -22.265 1.00 48.90 ? 19   ASP A OD1 1 
ATOM   153  O  OD2 . ASP A 1 19  ? -3.529  -3.520  -22.992 1.00 47.70 ? 19   ASP A OD2 1 
ATOM   154  N  N   . GLU A 1 20  ? -4.345  -1.303  -19.770 1.00 39.47 ? 20   GLU A N   1 
ATOM   155  C  CA  . GLU A 1 20  ? -5.379  -1.844  -18.892 1.00 39.43 ? 20   GLU A CA  1 
ATOM   156  C  C   . GLU A 1 20  ? -5.456  -1.146  -17.527 1.00 39.06 ? 20   GLU A C   1 
ATOM   157  O  O   . GLU A 1 20  ? -6.269  -1.523  -16.665 1.00 38.83 ? 20   GLU A O   1 
ATOM   158  C  CB  . GLU A 1 20  ? -5.232  -3.368  -18.759 1.00 39.84 ? 20   GLU A CB  1 
ATOM   159  C  CG  . GLU A 1 20  ? -3.927  -3.820  -18.157 1.00 41.52 ? 20   GLU A CG  1 
ATOM   160  C  CD  . GLU A 1 20  ? -3.599  -5.281  -18.454 1.00 43.88 ? 20   GLU A CD  1 
ATOM   161  O  OE1 . GLU A 1 20  ? -4.051  -5.819  -19.487 1.00 42.80 ? 20   GLU A OE1 1 
ATOM   162  O  OE2 . GLU A 1 20  ? -2.869  -5.890  -17.645 1.00 45.70 ? 20   GLU A OE2 1 
ATOM   163  N  N   . ALA A 1 21  ? -4.634  -0.111  -17.348 1.00 38.34 ? 21   ALA A N   1 
ATOM   164  C  CA  . ALA A 1 21  ? -4.519  0.551   -16.054 1.00 38.01 ? 21   ALA A CA  1 
ATOM   165  C  C   . ALA A 1 21  ? -5.819  1.218   -15.624 1.00 37.59 ? 21   ALA A C   1 
ATOM   166  O  O   . ALA A 1 21  ? -6.274  1.028   -14.489 1.00 37.52 ? 21   ALA A O   1 
ATOM   167  C  CB  . ALA A 1 21  ? -3.352  1.549   -16.049 1.00 38.18 ? 21   ALA A CB  1 
ATOM   168  N  N   . LEU A 1 22  ? -6.425  1.978   -16.534 1.00 37.06 ? 22   LEU A N   1 
ATOM   169  C  CA  . LEU A 1 22  ? -7.621  2.760   -16.200 1.00 36.85 ? 22   LEU A CA  1 
ATOM   170  C  C   . LEU A 1 22  ? -8.827  1.905   -15.815 1.00 36.19 ? 22   LEU A C   1 
ATOM   171  O  O   . LEU A 1 22  ? -9.584  2.278   -14.915 1.00 36.52 ? 22   LEU A O   1 
ATOM   172  C  CB  . LEU A 1 22  ? -7.986  3.739   -17.332 1.00 37.25 ? 22   LEU A CB  1 
ATOM   173  C  CG  . LEU A 1 22  ? -6.968  4.852   -17.657 1.00 38.73 ? 22   LEU A CG  1 
ATOM   174  C  CD1 . LEU A 1 22  ? -7.644  5.992   -18.406 1.00 39.58 ? 22   LEU A CD1 1 
ATOM   175  C  CD2 . LEU A 1 22  ? -6.224  5.390   -16.424 1.00 38.99 ? 22   LEU A CD2 1 
ATOM   176  N  N   . ALA A 1 23  ? -8.994  0.767   -16.488 1.00 35.21 ? 23   ALA A N   1 
ATOM   177  C  CA  . ALA A 1 23  ? -10.103 -0.150  -16.204 1.00 34.66 ? 23   ALA A CA  1 
ATOM   178  C  C   . ALA A 1 23  ? -9.972  -0.879  -14.856 1.00 34.26 ? 23   ALA A C   1 
ATOM   179  O  O   . ALA A 1 23  ? -10.954 -0.981  -14.114 1.00 33.96 ? 23   ALA A O   1 
ATOM   180  C  CB  . ALA A 1 23  ? -10.307 -1.148  -17.363 1.00 34.43 ? 23   ALA A CB  1 
ATOM   181  N  N   . HIS A 1 24  ? -8.772  -1.373  -14.540 1.00 33.69 ? 24   HIS A N   1 
ATOM   182  C  CA  . HIS A 1 24  ? -8.534  -2.068  -13.257 1.00 33.90 ? 24   HIS A CA  1 
ATOM   183  C  C   . HIS A 1 24  ? -8.507  -1.132  -12.035 1.00 34.14 ? 24   HIS A C   1 
ATOM   184  O  O   . HIS A 1 24  ? -8.923  -1.522  -10.941 1.00 34.31 ? 24   HIS A O   1 
ATOM   185  C  CB  . HIS A 1 24  ? -7.261  -2.928  -13.306 1.00 33.58 ? 24   HIS A CB  1 
ATOM   186  C  CG  . HIS A 1 24  ? -7.360  -4.103  -14.233 1.00 33.68 ? 24   HIS A CG  1 
ATOM   187  N  ND1 . HIS A 1 24  ? -7.620  -5.383  -13.791 1.00 33.61 ? 24   HIS A ND1 1 
ATOM   188  C  CD2 . HIS A 1 24  ? -7.243  -4.189  -15.583 1.00 32.95 ? 24   HIS A CD2 1 
ATOM   189  C  CE1 . HIS A 1 24  ? -7.644  -6.207  -14.825 1.00 33.67 ? 24   HIS A CE1 1 
ATOM   190  N  NE2 . HIS A 1 24  ? -7.420  -5.507  -15.923 1.00 32.55 ? 24   HIS A NE2 1 
ATOM   191  N  N   . VAL A 1 25  ? -8.021  0.096   -12.225 1.00 34.33 ? 25   VAL A N   1 
ATOM   192  C  CA  . VAL A 1 25  ? -8.042  1.105   -11.162 1.00 34.36 ? 25   VAL A CA  1 
ATOM   193  C  C   . VAL A 1 25  ? -9.473  1.586   -10.921 1.00 34.34 ? 25   VAL A C   1 
ATOM   194  O  O   . VAL A 1 25  ? -9.899  1.717   -9.775  1.00 34.62 ? 25   VAL A O   1 
ATOM   195  C  CB  . VAL A 1 25  ? -7.077  2.309   -11.445 1.00 34.30 ? 25   VAL A CB  1 
ATOM   196  C  CG1 . VAL A 1 25  ? -7.226  3.387   -10.389 1.00 34.02 ? 25   VAL A CG1 1 
ATOM   197  C  CG2 . VAL A 1 25  ? -5.622  1.834   -11.484 1.00 33.60 ? 25   VAL A CG2 1 
ATOM   198  N  N   . GLY A 1 26  ? -10.212 1.832   -12.001 1.00 34.44 ? 26   GLY A N   1 
ATOM   199  C  CA  . GLY A 1 26  ? -11.646 2.112   -11.903 1.00 34.57 ? 26   GLY A CA  1 
ATOM   200  C  C   . GLY A 1 26  ? -12.404 1.032   -11.135 1.00 34.67 ? 26   GLY A C   1 
ATOM   201  O  O   . GLY A 1 26  ? -13.265 1.345   -10.318 1.00 35.20 ? 26   GLY A O   1 
ATOM   202  N  N   . ALA A 1 27  ? -12.081 -0.240  -11.383 1.00 34.46 ? 27   ALA A N   1 
ATOM   203  C  CA  . ALA A 1 27  ? -12.746 -1.363  -10.697 1.00 34.54 ? 27   ALA A CA  1 
ATOM   204  C  C   . ALA A 1 27  ? -12.519 -1.385  -9.170  1.00 34.79 ? 27   ALA A C   1 
ATOM   205  O  O   . ALA A 1 27  ? -13.460 -1.636  -8.410  1.00 34.30 ? 27   ALA A O   1 
ATOM   206  C  CB  . ALA A 1 27  ? -12.347 -2.707  -11.321 1.00 33.93 ? 27   ALA A CB  1 
ATOM   207  N  N   . VAL A 1 28  ? -11.286 -1.131  -8.721  1.00 35.23 ? 28   VAL A N   1 
ATOM   208  C  CA  . VAL A 1 28  ? -11.003 -1.094  -7.274  1.00 35.94 ? 28   VAL A CA  1 
ATOM   209  C  C   . VAL A 1 28  ? -11.683 0.109   -6.608  1.00 36.48 ? 28   VAL A C   1 
ATOM   210  O  O   . VAL A 1 28  ? -12.270 -0.014  -5.529  1.00 36.97 ? 28   VAL A O   1 
ATOM   211  C  CB  . VAL A 1 28  ? -9.469  -1.191  -6.903  1.00 36.11 ? 28   VAL A CB  1 
ATOM   212  C  CG1 . VAL A 1 28  ? -8.851  -2.492  -7.423  1.00 35.49 ? 28   VAL A CG1 1 
ATOM   213  C  CG2 . VAL A 1 28  ? -8.663  0.019   -7.387  1.00 35.83 ? 28   VAL A CG2 1 
ATOM   214  N  N   . ILE A 1 29  ? -11.635 1.253   -7.280  1.00 36.89 ? 29   ILE A N   1 
ATOM   215  C  CA  . ILE A 1 29  ? -12.260 2.479   -6.795  1.00 37.24 ? 29   ILE A CA  1 
ATOM   216  C  C   . ILE A 1 29  ? -13.783 2.373   -6.738  1.00 37.36 ? 29   ILE A C   1 
ATOM   217  O  O   . ILE A 1 29  ? -14.392 2.760   -5.732  1.00 37.30 ? 29   ILE A O   1 
ATOM   218  C  CB  . ILE A 1 29  ? -11.809 3.708   -7.621  1.00 37.56 ? 29   ILE A CB  1 
ATOM   219  C  CG1 . ILE A 1 29  ? -10.339 4.018   -7.301  1.00 37.51 ? 29   ILE A CG1 1 
ATOM   220  C  CG2 . ILE A 1 29  ? -12.708 4.918   -7.335  1.00 36.83 ? 29   ILE A CG2 1 
ATOM   221  C  CD1 . ILE A 1 29  ? -9.631  4.816   -8.334  1.00 38.47 ? 29   ILE A CD1 1 
ATOM   222  N  N   . ASP A 1 30  ? -14.396 1.833   -7.791  1.00 37.33 ? 30   ASP A N   1 
ATOM   223  C  CA  . ASP A 1 30  ? -15.846 1.601   -7.777  1.00 37.60 ? 30   ASP A CA  1 
ATOM   224  C  C   . ASP A 1 30  ? -16.294 0.757   -6.567  1.00 37.22 ? 30   ASP A C   1 
ATOM   225  O  O   . ASP A 1 30  ? -17.419 0.897   -6.092  1.00 36.99 ? 30   ASP A O   1 
ATOM   226  C  CB  . ASP A 1 30  ? -16.314 0.951   -9.081  1.00 38.13 ? 30   ASP A CB  1 
ATOM   227  C  CG  . ASP A 1 30  ? -16.255 1.903   -10.272 1.00 39.80 ? 30   ASP A CG  1 
ATOM   228  O  OD1 . ASP A 1 30  ? -16.063 3.128   -10.090 1.00 41.35 ? 30   ASP A OD1 1 
ATOM   229  O  OD2 . ASP A 1 30  ? -16.405 1.415   -11.411 1.00 42.91 ? 30   ASP A OD2 1 
ATOM   230  N  N   . ALA A 1 31  ? -15.395 -0.097  -6.078  1.00 36.73 ? 31   ALA A N   1 
ATOM   231  C  CA  . ALA A 1 31  ? -15.662 -0.981  -4.941  1.00 36.71 ? 31   ALA A CA  1 
ATOM   232  C  C   . ALA A 1 31  ? -15.415 -0.318  -3.581  1.00 36.54 ? 31   ALA A C   1 
ATOM   233  O  O   . ALA A 1 31  ? -15.730 -0.899  -2.542  1.00 36.34 ? 31   ALA A O   1 
ATOM   234  C  CB  . ALA A 1 31  ? -14.843 -2.260  -5.058  1.00 36.73 ? 31   ALA A CB  1 
ATOM   235  N  N   . GLY A 1 32  ? -14.847 0.887   -3.595  1.00 36.33 ? 32   GLY A N   1 
ATOM   236  C  CA  . GLY A 1 32  ? -14.643 1.653   -2.369  1.00 36.10 ? 32   GLY A CA  1 
ATOM   237  C  C   . GLY A 1 32  ? -13.197 1.868   -1.949  1.00 36.08 ? 32   GLY A C   1 
ATOM   238  O  O   . GLY A 1 32  ? -12.947 2.412   -0.863  1.00 35.73 ? 32   GLY A O   1 
ATOM   239  N  N   . PHE A 1 33  ? -12.250 1.437   -2.793  1.00 35.63 ? 33   PHE A N   1 
ATOM   240  C  CA  . PHE A 1 33  ? -10.822 1.707   -2.567  1.00 35.11 ? 33   PHE A CA  1 
ATOM   241  C  C   . PHE A 1 33  ? -10.533 3.167   -2.847  1.00 35.13 ? 33   PHE A C   1 
ATOM   242  O  O   . PHE A 1 33  ? -11.108 3.761   -3.770  1.00 35.06 ? 33   PHE A O   1 
ATOM   243  C  CB  . PHE A 1 33  ? -9.945  0.868   -3.495  1.00 34.66 ? 33   PHE A CB  1 
ATOM   244  C  CG  . PHE A 1 33  ? -9.573  -0.469  -2.942  1.00 34.51 ? 33   PHE A CG  1 
ATOM   245  C  CD1 . PHE A 1 33  ? -10.480 -1.530  -2.974  1.00 33.18 ? 33   PHE A CD1 1 
ATOM   246  C  CD2 . PHE A 1 33  ? -8.301  -0.683  -2.410  1.00 33.25 ? 33   PHE A CD2 1 
ATOM   247  C  CE1 . PHE A 1 33  ? -10.137 -2.775  -2.468  1.00 32.58 ? 33   PHE A CE1 1 
ATOM   248  C  CE2 . PHE A 1 33  ? -7.945  -1.925  -1.900  1.00 33.39 ? 33   PHE A CE2 1 
ATOM   249  C  CZ  . PHE A 1 33  ? -8.872  -2.978  -1.930  1.00 33.51 ? 33   PHE A CZ  1 
ATOM   250  N  N   . ASP A 1 34  ? -9.622  3.737   -2.068  1.00 35.05 ? 34   ASP A N   1 
ATOM   251  C  CA  . ASP A 1 34  ? -9.167  5.104   -2.318  1.00 35.30 ? 34   ASP A CA  1 
ATOM   252  C  C   . ASP A 1 34  ? -7.667  5.256   -2.055  1.00 35.16 ? 34   ASP A C   1 
ATOM   253  O  O   . ASP A 1 34  ? -7.173  6.356   -1.785  1.00 35.20 ? 34   ASP A O   1 
ATOM   254  C  CB  . ASP A 1 34  ? -10.009 6.136   -1.535  1.00 35.02 ? 34   ASP A CB  1 
ATOM   255  C  CG  . ASP A 1 34  ? -9.999  5.899   -0.031  1.00 35.48 ? 34   ASP A CG  1 
ATOM   256  O  OD1 . ASP A 1 34  ? -9.334  4.958   0.458   1.00 36.23 ? 34   ASP A OD1 1 
ATOM   257  O  OD2 . ASP A 1 34  ? -10.664 6.673   0.677   1.00 36.97 ? 34   ASP A OD2 1 
ATOM   258  N  N   . ALA A 1 35  ? -6.957  4.135   -2.154  1.00 35.24 ? 35   ALA A N   1 
ATOM   259  C  CA  . ALA A 1 35  ? -5.494  4.114   -2.088  1.00 35.50 ? 35   ALA A CA  1 
ATOM   260  C  C   . ALA A 1 35  ? -4.964  3.021   -3.020  1.00 35.68 ? 35   ALA A C   1 
ATOM   261  O  O   . ALA A 1 35  ? -5.310  1.852   -2.875  1.00 36.03 ? 35   ALA A O   1 
ATOM   262  C  CB  . ALA A 1 35  ? -5.016  3.898   -0.661  1.00 34.96 ? 35   ALA A CB  1 
ATOM   263  N  N   . VAL A 1 36  ? -4.134  3.417   -3.980  1.00 35.82 ? 36   VAL A N   1 
ATOM   264  C  CA  . VAL A 1 36  ? -3.696  2.528   -5.058  1.00 36.55 ? 36   VAL A CA  1 
ATOM   265  C  C   . VAL A 1 36  ? -2.212  2.756   -5.361  1.00 36.91 ? 36   VAL A C   1 
ATOM   266  O  O   . VAL A 1 36  ? -1.738  3.894   -5.360  1.00 37.25 ? 36   VAL A O   1 
ATOM   267  C  CB  . VAL A 1 36  ? -4.508  2.774   -6.377  1.00 36.36 ? 36   VAL A CB  1 
ATOM   268  C  CG1 . VAL A 1 36  ? -4.193  1.706   -7.428  1.00 36.70 ? 36   VAL A CG1 1 
ATOM   269  C  CG2 . VAL A 1 36  ? -6.014  2.824   -6.113  1.00 36.30 ? 36   VAL A CG2 1 
ATOM   270  N  N   . GLU A 1 37  ? -1.477  1.684   -5.629  1.00 37.08 ? 37   GLU A N   1 
ATOM   271  C  CA  . GLU A 1 37  ? -0.107  1.852   -6.099  1.00 37.26 ? 37   GLU A CA  1 
ATOM   272  C  C   . GLU A 1 37  ? 0.293   0.883   -7.206  1.00 37.31 ? 37   GLU A C   1 
ATOM   273  O  O   . GLU A 1 37  ? -0.239  -0.230  -7.305  1.00 36.78 ? 37   GLU A O   1 
ATOM   274  C  CB  . GLU A 1 37  ? 0.885   1.839   -4.931  1.00 37.75 ? 37   GLU A CB  1 
ATOM   275  C  CG  . GLU A 1 37  ? 0.891   0.579   -4.103  1.00 38.03 ? 37   GLU A CG  1 
ATOM   276  C  CD  . GLU A 1 37  ? 2.118   -0.255  -4.363  1.00 40.90 ? 37   GLU A CD  1 
ATOM   277  O  OE1 . GLU A 1 37  ? 2.641   -0.840  -3.383  1.00 40.54 ? 37   GLU A OE1 1 
ATOM   278  O  OE2 . GLU A 1 37  ? 2.556   -0.323  -5.544  1.00 40.89 ? 37   GLU A OE2 1 
ATOM   279  N  N   . ILE A 1 38  ? 1.224   1.350   -8.041  1.00 37.41 ? 38   ILE A N   1 
ATOM   280  C  CA  . ILE A 1 38  ? 1.779   0.590   -9.153  1.00 37.43 ? 38   ILE A CA  1 
ATOM   281  C  C   . ILE A 1 38  ? 3.279   0.392   -8.936  1.00 37.35 ? 38   ILE A C   1 
ATOM   282  O  O   . ILE A 1 38  ? 4.046   1.360   -8.949  1.00 37.72 ? 38   ILE A O   1 
ATOM   283  C  CB  . ILE A 1 38  ? 1.495   1.300   -10.506 1.00 37.60 ? 38   ILE A CB  1 
ATOM   284  C  CG1 . ILE A 1 38  ? -0.019  1.427   -10.710 1.00 37.74 ? 38   ILE A CG1 1 
ATOM   285  C  CG2 . ILE A 1 38  ? 2.176   0.568   -11.690 1.00 36.33 ? 38   ILE A CG2 1 
ATOM   286  C  CD1 . ILE A 1 38  ? -0.408  2.266   -11.913 1.00 39.07 ? 38   ILE A CD1 1 
ATOM   287  N  N   . PRO A 1 39  ? 3.702   -0.860  -8.706  1.00 37.15 ? 39   PRO A N   1 
ATOM   288  C  CA  . PRO A 1 39  ? 5.126   -1.168  -8.500  1.00 37.19 ? 39   PRO A CA  1 
ATOM   289  C  C   . PRO A 1 39  ? 6.006   -0.809  -9.698  1.00 37.40 ? 39   PRO A C   1 
ATOM   290  O  O   . PRO A 1 39  ? 5.604   -0.999  -10.856 1.00 37.40 ? 39   PRO A O   1 
ATOM   291  C  CB  . PRO A 1 39  ? 5.125   -2.687  -8.257  1.00 36.91 ? 39   PRO A CB  1 
ATOM   292  C  CG  . PRO A 1 39  ? 3.724   -2.983  -7.749  1.00 36.94 ? 39   PRO A CG  1 
ATOM   293  C  CD  . PRO A 1 39  ? 2.857   -2.063  -8.577  1.00 37.19 ? 39   PRO A CD  1 
ATOM   294  N  N   . LEU A 1 40  ? 7.202   -0.299  -9.422  1.00 37.33 ? 40   LEU A N   1 
ATOM   295  C  CA  . LEU A 1 40  ? 8.137   0.087   -10.491 1.00 37.31 ? 40   LEU A CA  1 
ATOM   296  C  C   . LEU A 1 40  ? 8.739   -1.087  -11.280 1.00 37.61 ? 40   LEU A C   1 
ATOM   297  O  O   . LEU A 1 40  ? 9.412   -0.863  -12.293 1.00 37.58 ? 40   LEU A O   1 
ATOM   298  C  CB  . LEU A 1 40  ? 9.246   1.020   -9.976  1.00 36.96 ? 40   LEU A CB  1 
ATOM   299  C  CG  . LEU A 1 40  ? 8.854   2.250   -9.149  1.00 37.35 ? 40   LEU A CG  1 
ATOM   300  C  CD1 . LEU A 1 40  ? 10.074  3.122   -8.940  1.00 37.04 ? 40   LEU A CD1 1 
ATOM   301  C  CD2 . LEU A 1 40  ? 7.685   3.071   -9.770  1.00 35.86 ? 40   LEU A CD2 1 
ATOM   302  N  N   . ASN A 1 41  ? 8.493   -2.326  -10.854 1.00 37.67 ? 41   ASN A N   1 
ATOM   303  C  CA  . ASN A 1 41  ? 8.836   -3.460  -11.728 1.00 38.82 ? 41   ASN A CA  1 
ATOM   304  C  C   . ASN A 1 41  ? 7.734   -3.827  -12.744 1.00 38.72 ? 41   ASN A C   1 
ATOM   305  O  O   . ASN A 1 41  ? 7.884   -4.784  -13.510 1.00 38.92 ? 41   ASN A O   1 
ATOM   306  C  CB  . ASN A 1 41  ? 9.416   -4.692  -10.977 1.00 38.95 ? 41   ASN A CB  1 
ATOM   307  C  CG  . ASN A 1 41  ? 8.530   -5.182  -9.824  1.00 40.62 ? 41   ASN A CG  1 
ATOM   308  O  OD1 . ASN A 1 41  ? 7.380   -4.772  -9.666  1.00 41.64 ? 41   ASN A OD1 1 
ATOM   309  N  ND2 . ASN A 1 41  ? 9.085   -6.071  -9.007  1.00 41.51 ? 41   ASN A ND2 1 
ATOM   310  N  N   . SER A 1 42  ? 6.658   -3.029  -12.764 1.00 38.53 ? 42   SER A N   1 
ATOM   311  C  CA  . SER A 1 42  ? 5.628   -3.103  -13.801 1.00 38.15 ? 42   SER A CA  1 
ATOM   312  C  C   . SER A 1 42  ? 6.133   -2.456  -15.089 1.00 38.23 ? 42   SER A C   1 
ATOM   313  O  O   . SER A 1 42  ? 6.773   -1.406  -15.043 1.00 37.99 ? 42   SER A O   1 
ATOM   314  C  CB  . SER A 1 42  ? 4.339   -2.396  -13.361 1.00 37.93 ? 42   SER A CB  1 
ATOM   315  O  OG  . SER A 1 42  ? 3.892   -2.839  -12.082 1.00 39.14 ? 42   SER A OG  1 
ATOM   316  N  N   . PRO A 1 43  ? 5.803   -3.055  -16.254 1.00 38.36 ? 43   PRO A N   1 
ATOM   317  C  CA  . PRO A 1 43  ? 6.289   -2.500  -17.522 1.00 38.18 ? 43   PRO A CA  1 
ATOM   318  C  C   . PRO A 1 43  ? 5.619   -1.159  -17.843 1.00 38.03 ? 43   PRO A C   1 
ATOM   319  O  O   . PRO A 1 43  ? 4.392   -1.023  -17.711 1.00 37.45 ? 43   PRO A O   1 
ATOM   320  C  CB  . PRO A 1 43  ? 5.890   -3.565  -18.558 1.00 38.19 ? 43   PRO A CB  1 
ATOM   321  C  CG  . PRO A 1 43  ? 4.673   -4.231  -17.953 1.00 38.79 ? 43   PRO A CG  1 
ATOM   322  C  CD  . PRO A 1 43  ? 4.921   -4.229  -16.454 1.00 38.07 ? 43   PRO A CD  1 
ATOM   323  N  N   . GLN A 1 44  ? 6.444   -0.194  -18.258 1.00 37.86 ? 44   GLN A N   1 
ATOM   324  C  CA  . GLN A 1 44  ? 6.014   1.157   -18.622 1.00 37.73 ? 44   GLN A CA  1 
ATOM   325  C  C   . GLN A 1 44  ? 5.206   1.859   -17.547 1.00 37.21 ? 44   GLN A C   1 
ATOM   326  O  O   . GLN A 1 44  ? 4.159   2.448   -17.838 1.00 37.23 ? 44   GLN A O   1 
ATOM   327  C  CB  . GLN A 1 44  ? 5.254   1.178   -19.952 1.00 38.26 ? 44   GLN A CB  1 
ATOM   328  C  CG  . GLN A 1 44  ? 6.112   0.957   -21.167 1.00 40.66 ? 44   GLN A CG  1 
ATOM   329  C  CD  . GLN A 1 44  ? 5.812   -0.364  -21.834 1.00 45.18 ? 44   GLN A CD  1 
ATOM   330  O  OE1 . GLN A 1 44  ? 4.749   -0.540  -22.452 1.00 46.37 ? 44   GLN A OE1 1 
ATOM   331  N  NE2 . GLN A 1 44  ? 6.746   -1.307  -21.719 1.00 45.66 ? 44   GLN A NE2 1 
ATOM   332  N  N   . TRP A 1 45  ? 5.696   1.799   -16.310 1.00 36.52 ? 45   TRP A N   1 
ATOM   333  C  CA  . TRP A 1 45  ? 5.098   2.551   -15.204 1.00 35.93 ? 45   TRP A CA  1 
ATOM   334  C  C   . TRP A 1 45  ? 5.153   4.067   -15.442 1.00 35.75 ? 45   TRP A C   1 
ATOM   335  O  O   . TRP A 1 45  ? 4.335   4.809   -14.894 1.00 35.11 ? 45   TRP A O   1 
ATOM   336  C  CB  . TRP A 1 45  ? 5.776   2.210   -13.866 1.00 35.32 ? 45   TRP A CB  1 
ATOM   337  C  CG  . TRP A 1 45  ? 7.275   2.409   -13.834 1.00 34.55 ? 45   TRP A CG  1 
ATOM   338  C  CD1 . TRP A 1 45  ? 8.226   1.470   -14.126 1.00 34.26 ? 45   TRP A CD1 1 
ATOM   339  C  CD2 . TRP A 1 45  ? 7.992   3.606   -13.471 1.00 33.26 ? 45   TRP A CD2 1 
ATOM   340  N  NE1 . TRP A 1 45  ? 9.485   2.001   -13.969 1.00 33.91 ? 45   TRP A NE1 1 
ATOM   341  C  CE2 . TRP A 1 45  ? 9.375   3.310   -13.572 1.00 33.79 ? 45   TRP A CE2 1 
ATOM   342  C  CE3 . TRP A 1 45  ? 7.602   4.897   -13.067 1.00 32.85 ? 45   TRP A CE3 1 
ATOM   343  C  CZ2 . TRP A 1 45  ? 10.377  4.260   -13.289 1.00 33.87 ? 45   TRP A CZ2 1 
ATOM   344  C  CZ3 . TRP A 1 45  ? 8.588   5.842   -12.780 1.00 33.40 ? 45   TRP A CZ3 1 
ATOM   345  C  CH2 . TRP A 1 45  ? 9.968   5.515   -12.889 1.00 34.27 ? 45   TRP A CH2 1 
ATOM   346  N  N   . GLU A 1 46  ? 6.112   4.511   -16.257 1.00 35.84 ? 46   GLU A N   1 
ATOM   347  C  CA  . GLU A 1 46  ? 6.261   5.941   -16.583 1.00 36.80 ? 46   GLU A CA  1 
ATOM   348  C  C   . GLU A 1 46  ? 5.117   6.475   -17.468 1.00 36.47 ? 46   GLU A C   1 
ATOM   349  O  O   . GLU A 1 46  ? 4.971   7.683   -17.634 1.00 36.22 ? 46   GLU A O   1 
ATOM   350  C  CB  . GLU A 1 46  ? 7.652   6.259   -17.181 1.00 37.22 ? 46   GLU A CB  1 
ATOM   351  C  CG  . GLU A 1 46  ? 8.241   5.195   -18.128 1.00 40.04 ? 46   GLU A CG  1 
ATOM   352  C  CD  . GLU A 1 46  ? 8.958   4.058   -17.374 1.00 43.07 ? 46   GLU A CD  1 
ATOM   353  O  OE1 . GLU A 1 46  ? 10.093  4.273   -16.885 1.00 45.00 ? 46   GLU A OE1 1 
ATOM   354  O  OE2 . GLU A 1 46  ? 8.396   2.948   -17.279 1.00 41.46 ? 46   GLU A OE2 1 
ATOM   355  N  N   . GLN A 1 47  ? 4.307   5.565   -18.015 1.00 36.54 ? 47   GLN A N   1 
ATOM   356  C  CA  . GLN A 1 47  ? 3.100   5.929   -18.758 1.00 36.60 ? 47   GLN A CA  1 
ATOM   357  C  C   . GLN A 1 47  ? 1.857   5.781   -17.893 1.00 36.40 ? 47   GLN A C   1 
ATOM   358  O  O   . GLN A 1 47  ? 1.023   6.679   -17.849 1.00 36.42 ? 47   GLN A O   1 
ATOM   359  C  CB  . GLN A 1 47  ? 2.933   5.086   -20.026 1.00 36.36 ? 47   GLN A CB  1 
ATOM   360  C  CG  . GLN A 1 47  ? 4.044   5.242   -21.031 1.00 37.32 ? 47   GLN A CG  1 
ATOM   361  C  CD  . GLN A 1 47  ? 3.872   4.332   -22.232 1.00 38.87 ? 47   GLN A CD  1 
ATOM   362  O  OE1 . GLN A 1 47  ? 2.761   4.149   -22.743 1.00 39.40 ? 47   GLN A OE1 1 
ATOM   363  N  NE2 . GLN A 1 47  ? 4.979   3.762   -22.699 1.00 39.18 ? 47   GLN A NE2 1 
ATOM   364  N  N   . SER A 1 48  ? 1.729   4.655   -17.205 1.00 36.32 ? 48   SER A N   1 
ATOM   365  C  CA  . SER A 1 48  ? 0.497   4.387   -16.464 1.00 36.97 ? 48   SER A CA  1 
ATOM   366  C  C   . SER A 1 48  ? 0.345   5.187   -15.153 1.00 36.95 ? 48   SER A C   1 
ATOM   367  O  O   . SER A 1 48  ? -0.775  5.566   -14.785 1.00 36.97 ? 48   SER A O   1 
ATOM   368  C  CB  . SER A 1 48  ? 0.265   2.882   -16.271 1.00 37.16 ? 48   SER A CB  1 
ATOM   369  O  OG  . SER A 1 48  ? 1.440   2.208   -15.868 1.00 39.15 ? 48   SER A OG  1 
ATOM   370  N  N   . ILE A 1 49  ? 1.456   5.489   -14.482 1.00 36.42 ? 49   ILE A N   1 
ATOM   371  C  CA  . ILE A 1 49  ? 1.382   6.261   -13.236 1.00 36.16 ? 49   ILE A CA  1 
ATOM   372  C  C   . ILE A 1 49  ? 0.830   7.694   -13.419 1.00 36.15 ? 49   ILE A C   1 
ATOM   373  O  O   . ILE A 1 49  ? -0.170  8.035   -12.778 1.00 36.37 ? 49   ILE A O   1 
ATOM   374  C  CB  . ILE A 1 49  ? 2.699   6.209   -12.392 1.00 35.92 ? 49   ILE A CB  1 
ATOM   375  C  CG1 . ILE A 1 49  ? 2.883   4.794   -11.803 1.00 36.29 ? 49   ILE A CG1 1 
ATOM   376  C  CG2 . ILE A 1 49  ? 2.661   7.249   -11.295 1.00 34.79 ? 49   ILE A CG2 1 
ATOM   377  C  CD1 . ILE A 1 49  ? 4.215   4.534   -11.087 1.00 36.16 ? 49   ILE A CD1 1 
ATOM   378  N  N   . PRO A 1 50  ? 1.464   8.527   -14.285 1.00 35.72 ? 50   PRO A N   1 
ATOM   379  C  CA  . PRO A 1 50  ? 0.882   9.855   -14.532 1.00 35.25 ? 50   PRO A CA  1 
ATOM   380  C  C   . PRO A 1 50  ? -0.509  9.840   -15.200 1.00 34.96 ? 50   PRO A C   1 
ATOM   381  O  O   . PRO A 1 50  ? -1.315  10.736  -14.938 1.00 34.80 ? 50   PRO A O   1 
ATOM   382  C  CB  . PRO A 1 50  ? 1.921   10.541  -15.429 1.00 35.26 ? 50   PRO A CB  1 
ATOM   383  C  CG  . PRO A 1 50  ? 2.671   9.428   -16.070 1.00 35.56 ? 50   PRO A CG  1 
ATOM   384  C  CD  . PRO A 1 50  ? 2.719   8.334   -15.042 1.00 35.52 ? 50   PRO A CD  1 
ATOM   385  N  N   . ALA A 1 51  ? -0.785  8.847   -16.047 1.00 34.36 ? 51   ALA A N   1 
ATOM   386  C  CA  . ALA A 1 51  ? -2.135  8.640   -16.588 1.00 34.36 ? 51   ALA A CA  1 
ATOM   387  C  C   . ALA A 1 51  ? -3.186  8.464   -15.488 1.00 34.34 ? 51   ALA A C   1 
ATOM   388  O  O   . ALA A 1 51  ? -4.278  9.032   -15.561 1.00 34.51 ? 51   ALA A O   1 
ATOM   389  C  CB  . ALA A 1 51  ? -2.169  7.433   -17.547 1.00 33.87 ? 51   ALA A CB  1 
ATOM   390  N  N   . ILE A 1 52  ? -2.840  7.681   -14.470 1.00 34.57 ? 52   ILE A N   1 
ATOM   391  C  CA  . ILE A 1 52  ? -3.761  7.355   -13.382 1.00 35.15 ? 52   ILE A CA  1 
ATOM   392  C  C   . ILE A 1 52  ? -3.905  8.492   -12.381 1.00 35.47 ? 52   ILE A C   1 
ATOM   393  O  O   . ILE A 1 52  ? -4.977  8.670   -11.801 1.00 35.46 ? 52   ILE A O   1 
ATOM   394  C  CB  . ILE A 1 52  ? -3.375  6.019   -12.700 1.00 35.28 ? 52   ILE A CB  1 
ATOM   395  C  CG1 . ILE A 1 52  ? -3.789  4.854   -13.601 1.00 36.04 ? 52   ILE A CG1 1 
ATOM   396  C  CG2 . ILE A 1 52  ? -4.038  5.859   -11.345 1.00 34.68 ? 52   ILE A CG2 1 
ATOM   397  C  CD1 . ILE A 1 52  ? -3.091  3.595   -13.235 1.00 40.43 ? 52   ILE A CD1 1 
ATOM   398  N  N   . VAL A 1 53  ? -2.830  9.261   -12.199 1.00 35.79 ? 53   VAL A N   1 
ATOM   399  C  CA  . VAL A 1 53  ? -2.854  10.482  -11.393 1.00 35.96 ? 53   VAL A CA  1 
ATOM   400  C  C   . VAL A 1 53  ? -3.885  11.458  -11.964 1.00 36.74 ? 53   VAL A C   1 
ATOM   401  O  O   . VAL A 1 53  ? -4.715  11.993  -11.232 1.00 37.19 ? 53   VAL A O   1 
ATOM   402  C  CB  . VAL A 1 53  ? -1.433  11.143  -11.307 1.00 36.14 ? 53   VAL A CB  1 
ATOM   403  C  CG1 . VAL A 1 53  ? -1.499  12.573  -10.744 1.00 34.79 ? 53   VAL A CG1 1 
ATOM   404  C  CG2 . VAL A 1 53  ? -0.463  10.265  -10.470 1.00 34.85 ? 53   VAL A CG2 1 
ATOM   405  N  N   . ASP A 1 54  ? -3.839  11.667  -13.274 1.00 37.17 ? 54   ASP A N   1 
ATOM   406  C  CA  . ASP A 1 54  ? -4.750  12.593  -13.928 1.00 38.08 ? 54   ASP A CA  1 
ATOM   407  C  C   . ASP A 1 54  ? -6.206  12.116  -13.917 1.00 38.26 ? 54   ASP A C   1 
ATOM   408  O  O   . ASP A 1 54  ? -7.120  12.918  -13.751 1.00 38.20 ? 54   ASP A O   1 
ATOM   409  C  CB  . ASP A 1 54  ? -4.281  12.874  -15.362 1.00 38.11 ? 54   ASP A CB  1 
ATOM   410  C  CG  . ASP A 1 54  ? -2.993  13.668  -15.403 1.00 38.72 ? 54   ASP A CG  1 
ATOM   411  O  OD1 . ASP A 1 54  ? -2.724  14.411  -14.436 1.00 38.28 ? 54   ASP A OD1 1 
ATOM   412  O  OD2 . ASP A 1 54  ? -2.247  13.548  -16.397 1.00 39.47 ? 54   ASP A OD2 1 
ATOM   413  N  N   . ALA A 1 55  ? -6.411  10.811  -14.079 1.00 38.66 ? 55   ALA A N   1 
ATOM   414  C  CA  . ALA A 1 55  ? -7.764  10.254  -14.161 1.00 38.97 ? 55   ALA A CA  1 
ATOM   415  C  C   . ALA A 1 55  ? -8.433  10.078  -12.796 1.00 38.98 ? 55   ALA A C   1 
ATOM   416  O  O   . ALA A 1 55  ? -9.628  10.289  -12.680 1.00 38.64 ? 55   ALA A O   1 
ATOM   417  C  CB  . ALA A 1 55  ? -7.759  8.930   -14.934 1.00 38.76 ? 55   ALA A CB  1 
ATOM   418  N  N   . TYR A 1 56  ? -7.655  9.700   -11.777 1.00 39.51 ? 56   TYR A N   1 
ATOM   419  C  CA  . TYR A 1 56  ? -8.213  9.270   -10.484 1.00 40.26 ? 56   TYR A CA  1 
ATOM   420  C  C   . TYR A 1 56  ? -7.614  9.945   -9.244  1.00 40.71 ? 56   TYR A C   1 
ATOM   421  O  O   . TYR A 1 56  ? -8.031  9.649   -8.123  1.00 40.55 ? 56   TYR A O   1 
ATOM   422  C  CB  . TYR A 1 56  ? -8.092  7.744   -10.319 1.00 40.01 ? 56   TYR A CB  1 
ATOM   423  C  CG  . TYR A 1 56  ? -8.849  6.924   -11.336 1.00 40.47 ? 56   TYR A CG  1 
ATOM   424  C  CD1 . TYR A 1 56  ? -10.251 6.930   -11.374 1.00 41.09 ? 56   TYR A CD1 1 
ATOM   425  C  CD2 . TYR A 1 56  ? -8.166  6.129   -12.262 1.00 40.51 ? 56   TYR A CD2 1 
ATOM   426  C  CE1 . TYR A 1 56  ? -10.950 6.172   -12.320 1.00 40.34 ? 56   TYR A CE1 1 
ATOM   427  C  CE2 . TYR A 1 56  ? -8.853  5.371   -13.204 1.00 39.68 ? 56   TYR A CE2 1 
ATOM   428  C  CZ  . TYR A 1 56  ? -10.237 5.397   -13.228 1.00 40.44 ? 56   TYR A CZ  1 
ATOM   429  O  OH  . TYR A 1 56  ? -10.903 4.638   -14.158 1.00 40.57 ? 56   TYR A OH  1 
ATOM   430  N  N   . GLY A 1 57  ? -6.636  10.827  -9.439  1.00 41.49 ? 57   GLY A N   1 
ATOM   431  C  CA  . GLY A 1 57  ? -5.935  11.476  -8.324  1.00 42.68 ? 57   GLY A CA  1 
ATOM   432  C  C   . GLY A 1 57  ? -6.773  12.438  -7.493  1.00 43.75 ? 57   GLY A C   1 
ATOM   433  O  O   . GLY A 1 57  ? -6.390  12.796  -6.374  1.00 43.77 ? 57   GLY A O   1 
ATOM   434  N  N   . ASP A 1 58  ? -7.907  12.873  -8.036  1.00 44.75 ? 58   ASP A N   1 
ATOM   435  C  CA  . ASP A 1 58  ? -8.829  13.729  -7.292  1.00 45.78 ? 58   ASP A CA  1 
ATOM   436  C  C   . ASP A 1 58  ? -9.693  12.930  -6.312  1.00 45.92 ? 58   ASP A C   1 
ATOM   437  O  O   . ASP A 1 58  ? -10.184 13.482  -5.321  1.00 46.23 ? 58   ASP A O   1 
ATOM   438  C  CB  . ASP A 1 58  ? -9.711  14.550  -8.240  1.00 46.14 ? 58   ASP A CB  1 
ATOM   439  C  CG  . ASP A 1 58  ? -9.105  15.907  -8.578  1.00 48.17 ? 58   ASP A CG  1 
ATOM   440  O  OD1 . ASP A 1 58  ? -8.539  16.554  -7.663  1.00 50.31 ? 58   ASP A OD1 1 
ATOM   441  O  OD2 . ASP A 1 58  ? -9.213  16.341  -9.752  1.00 49.61 ? 58   ASP A OD2 1 
ATOM   442  N  N   . LYS A 1 59  ? -9.870  11.638  -6.585  1.00 45.77 ? 59   LYS A N   1 
ATOM   443  C  CA  . LYS A 1 59  ? -10.714 10.787  -5.745  1.00 45.67 ? 59   LYS A CA  1 
ATOM   444  C  C   . LYS A 1 59  ? -9.996  9.604   -5.087  1.00 44.97 ? 59   LYS A C   1 
ATOM   445  O  O   . LYS A 1 59  ? -10.655 8.720   -4.518  1.00 45.59 ? 59   LYS A O   1 
ATOM   446  C  CB  . LYS A 1 59  ? -11.917 10.277  -6.536  1.00 46.41 ? 59   LYS A CB  1 
ATOM   447  C  CG  . LYS A 1 59  ? -11.568 9.364   -7.720  1.00 48.10 ? 59   LYS A CG  1 
ATOM   448  C  CD  . LYS A 1 59  ? -12.703 8.379   -8.019  1.00 51.27 ? 59   LYS A CD  1 
ATOM   449  C  CE  . LYS A 1 59  ? -14.041 9.068   -8.304  1.00 52.64 ? 59   LYS A CE  1 
ATOM   450  N  NZ  . LYS A 1 59  ? -15.192 8.152   -8.026  1.00 53.54 ? 59   LYS A NZ  1 
ATOM   451  N  N   . ALA A 1 60  ? -8.663  9.576   -5.164  1.00 43.09 ? 60   ALA A N   1 
ATOM   452  C  CA  . ALA A 1 60  ? -7.888  8.511   -4.532  1.00 41.62 ? 60   ALA A CA  1 
ATOM   453  C  C   . ALA A 1 60  ? -6.429  8.901   -4.315  1.00 40.40 ? 60   ALA A C   1 
ATOM   454  O  O   . ALA A 1 60  ? -5.882  9.719   -5.052  1.00 39.97 ? 60   ALA A O   1 
ATOM   455  C  CB  . ALA A 1 60  ? -7.981  7.210   -5.350  1.00 41.40 ? 60   ALA A CB  1 
ATOM   456  N  N   . LEU A 1 61  ? -5.813  8.311   -3.294  1.00 39.09 ? 61   LEU A N   1 
ATOM   457  C  CA  . LEU A 1 61  ? -4.369  8.412   -3.099  1.00 38.39 ? 61   LEU A CA  1 
ATOM   458  C  C   . LEU A 1 61  ? -3.638  7.500   -4.101  1.00 37.89 ? 61   LEU A C   1 
ATOM   459  O  O   . LEU A 1 61  ? -3.765  6.266   -4.046  1.00 37.29 ? 61   LEU A O   1 
ATOM   460  C  CB  . LEU A 1 61  ? -3.987  8.061   -1.648  1.00 38.43 ? 61   LEU A CB  1 
ATOM   461  C  CG  . LEU A 1 61  ? -2.535  8.268   -1.190  1.00 38.01 ? 61   LEU A CG  1 
ATOM   462  C  CD1 . LEU A 1 61  ? -2.177  9.755   -1.052  1.00 35.88 ? 61   LEU A CD1 1 
ATOM   463  C  CD2 . LEU A 1 61  ? -2.265  7.525   0.116   1.00 37.91 ? 61   LEU A CD2 1 
ATOM   464  N  N   . ILE A 1 62  ? -2.892  8.122   -5.014  1.00 37.29 ? 62   ILE A N   1 
ATOM   465  C  CA  . ILE A 1 62  ? -2.184  7.406   -6.081  1.00 36.88 ? 62   ILE A CA  1 
ATOM   466  C  C   . ILE A 1 62  ? -0.676  7.390   -5.882  1.00 36.61 ? 62   ILE A C   1 
ATOM   467  O  O   . ILE A 1 62  ? -0.069  8.432   -5.647  1.00 36.73 ? 62   ILE A O   1 
ATOM   468  C  CB  . ILE A 1 62  ? -2.477  8.025   -7.483  1.00 37.11 ? 62   ILE A CB  1 
ATOM   469  C  CG1 . ILE A 1 62  ? -3.990  8.123   -7.736  1.00 36.84 ? 62   ILE A CG1 1 
ATOM   470  C  CG2 . ILE A 1 62  ? -1.737  7.224   -8.609  1.00 36.52 ? 62   ILE A CG2 1 
ATOM   471  C  CD1 . ILE A 1 62  ? -4.726  6.748   -7.765  1.00 35.86 ? 62   ILE A CD1 1 
ATOM   472  N  N   . GLY A 1 63  ? -0.066  6.214   -6.018  1.00 36.48 ? 63   GLY A N   1 
ATOM   473  C  CA  . GLY A 1 63  ? 1.372   6.111   -5.886  1.00 36.10 ? 63   GLY A CA  1 
ATOM   474  C  C   . GLY A 1 63  ? 2.103   4.950   -6.537  1.00 36.35 ? 63   GLY A C   1 
ATOM   475  O  O   . GLY A 1 63  ? 1.622   4.311   -7.483  1.00 36.24 ? 63   GLY A O   1 
ATOM   476  N  N   . ALA A 1 64  ? 3.287   4.683   -5.996  1.00 35.82 ? 64   ALA A N   1 
ATOM   477  C  CA  . ALA A 1 64  ? 4.253   3.784   -6.592  1.00 35.23 ? 64   ALA A CA  1 
ATOM   478  C  C   . ALA A 1 64  ? 4.756   2.813   -5.539  1.00 34.82 ? 64   ALA A C   1 
ATOM   479  O  O   . ALA A 1 64  ? 4.827   3.155   -4.351  1.00 34.60 ? 64   ALA A O   1 
ATOM   480  C  CB  . ALA A 1 64  ? 5.411   4.587   -7.157  1.00 34.83 ? 64   ALA A CB  1 
ATOM   481  N  N   . GLY A 1 65  ? 5.086   1.600   -5.980  1.00 34.46 ? 65   GLY A N   1 
ATOM   482  C  CA  . GLY A 1 65  ? 5.655   0.575   -5.109  1.00 34.37 ? 65   GLY A CA  1 
ATOM   483  C  C   . GLY A 1 65  ? 7.002   0.156   -5.643  1.00 34.76 ? 65   GLY A C   1 
ATOM   484  O  O   . GLY A 1 65  ? 7.390   0.576   -6.752  1.00 34.52 ? 65   GLY A O   1 
ATOM   485  N  N   . THR A 1 66  ? 7.721   -0.667  -4.867  1.00 34.90 ? 66   THR A N   1 
ATOM   486  C  CA  . THR A 1 66  ? 9.078   -1.125  -5.220  1.00 35.19 ? 66   THR A CA  1 
ATOM   487  C  C   . THR A 1 66  ? 10.040  0.049   -5.476  1.00 34.93 ? 66   THR A C   1 
ATOM   488  O  O   . THR A 1 66  ? 10.907  -0.019  -6.354  1.00 35.19 ? 66   THR A O   1 
ATOM   489  C  CB  . THR A 1 66  ? 9.055   -2.101  -6.447  1.00 35.79 ? 66   THR A CB  1 
ATOM   490  O  OG1 . THR A 1 66  ? 7.846   -2.884  -6.420  1.00 37.90 ? 66   THR A OG1 1 
ATOM   491  C  CG2 . THR A 1 66  ? 10.270  -3.053  -6.424  1.00 36.34 ? 66   THR A CG2 1 
ATOM   492  N  N   . VAL A 1 67  ? 9.886   1.136   -4.715  1.00 34.83 ? 67   VAL A N   1 
ATOM   493  C  CA  . VAL A 1 67  ? 10.748  2.316   -4.896  1.00 34.61 ? 67   VAL A CA  1 
ATOM   494  C  C   . VAL A 1 67  ? 12.040  2.130   -4.095  1.00 35.03 ? 67   VAL A C   1 
ATOM   495  O  O   . VAL A 1 67  ? 12.014  2.103   -2.865  1.00 34.75 ? 67   VAL A O   1 
ATOM   496  C  CB  . VAL A 1 67  ? 10.020  3.626   -4.514  1.00 34.58 ? 67   VAL A CB  1 
ATOM   497  C  CG1 . VAL A 1 67  ? 10.926  4.848   -4.726  1.00 34.31 ? 67   VAL A CG1 1 
ATOM   498  C  CG2 . VAL A 1 67  ? 8.708   3.770   -5.303  1.00 33.83 ? 67   VAL A CG2 1 
ATOM   499  N  N   . LEU A 1 68  ? 13.158  1.985   -4.805  1.00 35.78 ? 68   LEU A N   1 
ATOM   500  C  CA  . LEU A 1 68  ? 14.442  1.603   -4.200  1.00 36.55 ? 68   LEU A CA  1 
ATOM   501  C  C   . LEU A 1 68  ? 15.514  2.708   -4.180  1.00 37.18 ? 68   LEU A C   1 
ATOM   502  O  O   . LEU A 1 68  ? 16.493  2.609   -3.435  1.00 37.42 ? 68   LEU A O   1 
ATOM   503  C  CB  . LEU A 1 68  ? 15.014  0.353   -4.902  1.00 36.43 ? 68   LEU A CB  1 
ATOM   504  C  CG  . LEU A 1 68  ? 14.217  -0.960  -4.833  1.00 36.80 ? 68   LEU A CG  1 
ATOM   505  C  CD1 . LEU A 1 68  ? 14.803  -2.047  -5.755  1.00 34.96 ? 68   LEU A CD1 1 
ATOM   506  C  CD2 . LEU A 1 68  ? 14.106  -1.466  -3.395  1.00 37.14 ? 68   LEU A CD2 1 
ATOM   507  N  N   . LYS A 1 69  ? 15.340  3.745   -4.999  1.00 37.61 ? 69   LYS A N   1 
ATOM   508  C  CA  . LYS A 1 69  ? 16.385  4.763   -5.198  1.00 38.36 ? 69   LYS A CA  1 
ATOM   509  C  C   . LYS A 1 69  ? 15.831  6.184   -5.116  1.00 38.11 ? 69   LYS A C   1 
ATOM   510  O  O   . LYS A 1 69  ? 14.764  6.457   -5.665  1.00 38.30 ? 69   LYS A O   1 
ATOM   511  C  CB  . LYS A 1 69  ? 17.069  4.564   -6.559  1.00 38.41 ? 69   LYS A CB  1 
ATOM   512  C  CG  . LYS A 1 69  ? 17.779  3.225   -6.727  1.00 39.46 ? 69   LYS A CG  1 
ATOM   513  C  CD  . LYS A 1 69  ? 18.462  3.094   -8.093  1.00 40.58 ? 69   LYS A CD  1 
ATOM   514  C  CE  . LYS A 1 69  ? 17.501  2.597   -9.168  1.00 43.65 ? 69   LYS A CE  1 
ATOM   515  N  NZ  . LYS A 1 69  ? 18.205  1.755   -10.191 1.00 45.13 ? 69   LYS A NZ  1 
ATOM   516  N  N   . PRO A 1 70  ? 16.561  7.098   -4.443  1.00 38.30 ? 70   PRO A N   1 
ATOM   517  C  CA  . PRO A 1 70  ? 16.157  8.504   -4.315  1.00 38.22 ? 70   PRO A CA  1 
ATOM   518  C  C   . PRO A 1 70  ? 15.739  9.151   -5.641  1.00 38.35 ? 70   PRO A C   1 
ATOM   519  O  O   . PRO A 1 70  ? 14.711  9.835   -5.693  1.00 38.19 ? 70   PRO A O   1 
ATOM   520  C  CB  . PRO A 1 70  ? 17.418  9.179   -3.766  1.00 38.27 ? 70   PRO A CB  1 
ATOM   521  C  CG  . PRO A 1 70  ? 18.100  8.107   -2.997  1.00 38.23 ? 70   PRO A CG  1 
ATOM   522  C  CD  . PRO A 1 70  ? 17.840  6.838   -3.746  1.00 38.31 ? 70   PRO A CD  1 
ATOM   523  N  N   . GLU A 1 71  ? 16.515  8.917   -6.698  1.00 38.41 ? 71   GLU A N   1 
ATOM   524  C  CA  . GLU A 1 71  ? 16.226  9.494   -8.015  1.00 38.77 ? 71   GLU A CA  1 
ATOM   525  C  C   . GLU A 1 71  ? 14.891  9.027   -8.598  1.00 38.18 ? 71   GLU A C   1 
ATOM   526  O  O   . GLU A 1 71  ? 14.282  9.746   -9.396  1.00 38.40 ? 71   GLU A O   1 
ATOM   527  C  CB  . GLU A 1 71  ? 17.380  9.264   -9.013  1.00 39.23 ? 71   GLU A CB  1 
ATOM   528  C  CG  . GLU A 1 71  ? 18.170  7.950   -8.835  1.00 41.60 ? 71   GLU A CG  1 
ATOM   529  C  CD  . GLU A 1 71  ? 19.150  7.979   -7.652  1.00 43.97 ? 71   GLU A CD  1 
ATOM   530  O  OE1 . GLU A 1 71  ? 19.833  9.006   -7.436  1.00 44.86 ? 71   GLU A OE1 1 
ATOM   531  O  OE2 . GLU A 1 71  ? 19.235  6.964   -6.933  1.00 45.55 ? 71   GLU A OE2 1 
ATOM   532  N  N   . GLN A 1 72  ? 14.431  7.841   -8.197  1.00 37.35 ? 72   GLN A N   1 
ATOM   533  C  CA  . GLN A 1 72  ? 13.087  7.385   -8.566  1.00 36.36 ? 72   GLN A CA  1 
ATOM   534  C  C   . GLN A 1 72  ? 12.014  8.264   -7.927  1.00 36.15 ? 72   GLN A C   1 
ATOM   535  O  O   . GLN A 1 72  ? 11.016  8.584   -8.572  1.00 36.26 ? 72   GLN A O   1 
ATOM   536  C  CB  . GLN A 1 72  ? 12.863  5.913   -8.198  1.00 36.70 ? 72   GLN A CB  1 
ATOM   537  C  CG  . GLN A 1 72  ? 13.568  4.906   -9.114  1.00 35.30 ? 72   GLN A CG  1 
ATOM   538  C  CD  . GLN A 1 72  ? 13.577  3.480   -8.560  1.00 34.72 ? 72   GLN A CD  1 
ATOM   539  O  OE1 . GLN A 1 72  ? 13.320  3.245   -7.376  1.00 31.70 ? 72   GLN A OE1 1 
ATOM   540  N  NE2 . GLN A 1 72  ? 13.891  2.525   -9.420  1.00 33.01 ? 72   GLN A NE2 1 
ATOM   541  N  N   . VAL A 1 73  ? 12.229  8.654   -6.668  1.00 35.50 ? 73   VAL A N   1 
ATOM   542  C  CA  . VAL A 1 73  ? 11.335  9.580   -5.964  1.00 35.07 ? 73   VAL A CA  1 
ATOM   543  C  C   . VAL A 1 73  ? 11.204  10.912  -6.729  1.00 34.93 ? 73   VAL A C   1 
ATOM   544  O  O   . VAL A 1 73  ? 10.086  11.416  -6.920  1.00 34.50 ? 73   VAL A O   1 
ATOM   545  C  CB  . VAL A 1 73  ? 11.772  9.819   -4.469  1.00 35.19 ? 73   VAL A CB  1 
ATOM   546  C  CG1 . VAL A 1 73  ? 10.813  10.761  -3.756  1.00 34.13 ? 73   VAL A CG1 1 
ATOM   547  C  CG2 . VAL A 1 73  ? 11.859  8.500   -3.702  1.00 35.02 ? 73   VAL A CG2 1 
ATOM   548  N  N   . ASP A 1 74  ? 12.341  11.448  -7.183  1.00 34.79 ? 74   ASP A N   1 
ATOM   549  C  CA  . ASP A 1 74  ? 12.380  12.691  -7.973  1.00 34.89 ? 74   ASP A CA  1 
ATOM   550  C  C   . ASP A 1 74  ? 11.491  12.630  -9.219  1.00 34.39 ? 74   ASP A C   1 
ATOM   551  O  O   . ASP A 1 74  ? 10.712  13.554  -9.477  1.00 34.31 ? 74   ASP A O   1 
ATOM   552  C  CB  . ASP A 1 74  ? 13.816  13.034  -8.402  1.00 35.24 ? 74   ASP A CB  1 
ATOM   553  C  CG  . ASP A 1 74  ? 14.727  13.383  -7.231  1.00 36.65 ? 74   ASP A CG  1 
ATOM   554  O  OD1 . ASP A 1 74  ? 14.268  14.019  -6.254  1.00 37.75 ? 74   ASP A OD1 1 
ATOM   555  O  OD2 . ASP A 1 74  ? 15.928  13.038  -7.308  1.00 38.53 ? 74   ASP A OD2 1 
ATOM   556  N  N   . ALA A 1 75  ? 11.624  11.547  -9.986  1.00 33.77 ? 75   ALA A N   1 
ATOM   557  C  CA  . ALA A 1 75  ? 10.859  11.356  -11.221 1.00 33.33 ? 75   ALA A CA  1 
ATOM   558  C  C   . ALA A 1 75  ? 9.366   11.202  -10.942 1.00 33.25 ? 75   ALA A C   1 
ATOM   559  O  O   . ALA A 1 75  ? 8.534   11.774  -11.654 1.00 33.74 ? 75   ALA A O   1 
ATOM   560  C  CB  . ALA A 1 75  ? 11.394  10.143  -12.013 1.00 32.84 ? 75   ALA A CB  1 
ATOM   561  N  N   . LEU A 1 76  ? 9.042   10.422  -9.910  1.00 32.94 ? 76   LEU A N   1 
ATOM   562  C  CA  . LEU A 1 76  ? 7.662   10.217  -9.460  1.00 32.78 ? 76   LEU A CA  1 
ATOM   563  C  C   . LEU A 1 76  ? 6.971   11.505  -8.975  1.00 32.80 ? 76   LEU A C   1 
ATOM   564  O  O   . LEU A 1 76  ? 5.771   11.681  -9.195  1.00 32.49 ? 76   LEU A O   1 
ATOM   565  C  CB  . LEU A 1 76  ? 7.620   9.146   -8.367  1.00 32.41 ? 76   LEU A CB  1 
ATOM   566  C  CG  . LEU A 1 76  ? 7.832   7.701   -8.837  1.00 33.28 ? 76   LEU A CG  1 
ATOM   567  C  CD1 . LEU A 1 76  ? 8.266   6.794   -7.681  1.00 32.00 ? 76   LEU A CD1 1 
ATOM   568  C  CD2 . LEU A 1 76  ? 6.588   7.144   -9.567  1.00 33.16 ? 76   LEU A CD2 1 
ATOM   569  N  N   . ALA A 1 77  ? 7.737   12.388  -8.326  1.00 32.75 ? 77   ALA A N   1 
ATOM   570  C  CA  . ALA A 1 77  ? 7.246   13.701  -7.879  1.00 33.29 ? 77   ALA A CA  1 
ATOM   571  C  C   . ALA A 1 77  ? 6.753   14.566  -9.041  1.00 33.80 ? 77   ALA A C   1 
ATOM   572  O  O   . ALA A 1 77  ? 5.665   15.151  -8.972  1.00 33.72 ? 77   ALA A O   1 
ATOM   573  C  CB  . ALA A 1 77  ? 8.314   14.439  -7.075  1.00 32.13 ? 77   ALA A CB  1 
ATOM   574  N  N   . ARG A 1 78  ? 7.552   14.637  -10.105 1.00 34.31 ? 78   ARG A N   1 
ATOM   575  C  CA  . ARG A 1 78  ? 7.163   15.373  -11.303 1.00 34.50 ? 78   ARG A CA  1 
ATOM   576  C  C   . ARG A 1 78  ? 5.914   14.753  -11.951 1.00 35.11 ? 78   ARG A C   1 
ATOM   577  O  O   . ARG A 1 78  ? 5.111   15.463  -12.557 1.00 35.01 ? 78   ARG A O   1 
ATOM   578  C  CB  . ARG A 1 78  ? 8.334   15.477  -12.288 1.00 34.04 ? 78   ARG A CB  1 
ATOM   579  C  CG  . ARG A 1 78  ? 7.936   16.087  -13.624 1.00 33.25 ? 78   ARG A CG  1 
ATOM   580  C  CD  . ARG A 1 78  ? 9.057   16.819  -14.327 1.00 29.44 ? 78   ARG A CD  1 
ATOM   581  N  NE  . ARG A 1 78  ? 8.542   17.485  -15.519 1.00 27.46 ? 78   ARG A NE  1 
ATOM   582  C  CZ  . ARG A 1 78  ? 8.088   18.740  -15.546 1.00 27.20 ? 78   ARG A CZ  1 
ATOM   583  N  NH1 . ARG A 1 78  ? 8.088   19.481  -14.443 1.00 26.15 ? 78   ARG A NH1 1 
ATOM   584  N  NH2 . ARG A 1 78  ? 7.642   19.265  -16.682 1.00 25.64 ? 78   ARG A NH2 1 
HETATM 585  N  N   . MSE A 1 79  ? 5.739   13.443  -11.797 1.00 35.79 ? 79   MSE A N   1 
HETATM 586  C  CA  . MSE A 1 79  ? 4.564   12.760  -12.346 1.00 37.33 ? 79   MSE A CA  1 
HETATM 587  C  C   . MSE A 1 79  ? 3.259   13.022  -11.565 1.00 36.65 ? 79   MSE A C   1 
HETATM 588  O  O   . MSE A 1 79  ? 2.170   12.748  -12.073 1.00 36.53 ? 79   MSE A O   1 
HETATM 589  C  CB  . MSE A 1 79  ? 4.813   11.254  -12.464 1.00 36.90 ? 79   MSE A CB  1 
HETATM 590  C  CG  . MSE A 1 79  ? 5.781   10.859  -13.559 1.00 38.26 ? 79   MSE A CG  1 
HETATM 591  SE SE  . MSE A 1 79  ? 6.365   8.971   -13.471 1.00 43.03 ? 79   MSE A SE  1 
HETATM 592  C  CE  . MSE A 1 79  ? 7.848   9.124   -14.748 1.00 38.78 ? 79   MSE A CE  1 
ATOM   593  N  N   . GLY A 1 80  ? 3.382   13.551  -10.345 1.00 36.77 ? 80   GLY A N   1 
ATOM   594  C  CA  . GLY A 1 80  ? 2.237   13.789  -9.458  1.00 36.39 ? 80   GLY A CA  1 
ATOM   595  C  C   . GLY A 1 80  ? 1.931   12.643  -8.486  1.00 36.38 ? 80   GLY A C   1 
ATOM   596  O  O   . GLY A 1 80  ? 0.868   12.634  -7.856  1.00 35.41 ? 80   GLY A O   1 
ATOM   597  N  N   . CYS A 1 81  ? 2.860   11.688  -8.363  1.00 36.47 ? 81   CYS A N   1 
ATOM   598  C  CA  . CYS A 1 81  ? 2.743   10.578  -7.397  1.00 36.74 ? 81   CYS A CA  1 
ATOM   599  C  C   . CYS A 1 81  ? 2.560   11.126  -5.981  1.00 36.70 ? 81   CYS A C   1 
ATOM   600  O  O   . CYS A 1 81  ? 3.207   12.095  -5.604  1.00 36.55 ? 81   CYS A O   1 
ATOM   601  C  CB  . CYS A 1 81  ? 3.969   9.652   -7.488  1.00 36.54 ? 81   CYS A CB  1 
ATOM   602  S  SG  . CYS A 1 81  ? 4.106   8.300   -6.254  1.00 37.99 ? 81   CYS A SG  1 
ATOM   603  N  N   . GLN A 1 82  ? 1.672   10.507  -5.208  1.00 36.99 ? 82   GLN A N   1 
ATOM   604  C  CA  . GLN A 1 82  ? 1.286   11.030  -3.882  1.00 37.57 ? 82   GLN A CA  1 
ATOM   605  C  C   . GLN A 1 82  ? 1.689   10.071  -2.757  1.00 36.91 ? 82   GLN A C   1 
ATOM   606  O  O   . GLN A 1 82  ? 1.705   10.447  -1.578  1.00 36.71 ? 82   GLN A O   1 
ATOM   607  C  CB  . GLN A 1 82  ? -0.234  11.271  -3.818  1.00 37.60 ? 82   GLN A CB  1 
ATOM   608  C  CG  . GLN A 1 82  ? -0.807  12.241  -4.871  1.00 39.09 ? 82   GLN A CG  1 
ATOM   609  C  CD  . GLN A 1 82  ? -2.326  12.065  -5.129  1.00 39.40 ? 82   GLN A CD  1 
ATOM   610  O  OE1 . GLN A 1 82  ? -2.912  11.016  -4.853  1.00 41.68 ? 82   GLN A OE1 1 
ATOM   611  N  NE2 . GLN A 1 82  ? -2.947  13.094  -5.681  1.00 40.66 ? 82   GLN A NE2 1 
ATOM   612  N  N   . LEU A 1 83  ? 2.004   8.836   -3.143  1.00 36.12 ? 83   LEU A N   1 
ATOM   613  C  CA  . LEU A 1 83  ? 2.250   7.751   -2.210  1.00 35.96 ? 83   LEU A CA  1 
ATOM   614  C  C   . LEU A 1 83  ? 3.468   6.908   -2.615  1.00 35.84 ? 83   LEU A C   1 
ATOM   615  O  O   . LEU A 1 83  ? 3.601   6.503   -3.771  1.00 35.56 ? 83   LEU A O   1 
ATOM   616  C  CB  . LEU A 1 83  ? 0.998   6.857   -2.111  1.00 35.90 ? 83   LEU A CB  1 
ATOM   617  C  CG  . LEU A 1 83  ? 1.112   5.497   -1.405  1.00 35.91 ? 83   LEU A CG  1 
ATOM   618  C  CD1 . LEU A 1 83  ? 1.142   5.652   0.117   1.00 36.72 ? 83   LEU A CD1 1 
ATOM   619  C  CD2 . LEU A 1 83  ? 0.005   4.544   -1.831  1.00 35.91 ? 83   LEU A CD2 1 
ATOM   620  N  N   . ILE A 1 84  ? 4.337   6.628   -1.648  1.00 35.88 ? 84   ILE A N   1 
ATOM   621  C  CA  . ILE A 1 84  ? 5.514   5.798   -1.874  1.00 35.75 ? 84   ILE A CA  1 
ATOM   622  C  C   . ILE A 1 84  ? 5.470   4.521   -1.003  1.00 36.17 ? 84   ILE A C   1 
ATOM   623  O  O   . ILE A 1 84  ? 5.406   4.599   0.229   1.00 36.01 ? 84   ILE A O   1 
ATOM   624  C  CB  . ILE A 1 84  ? 6.815   6.622   -1.623  1.00 35.91 ? 84   ILE A CB  1 
ATOM   625  C  CG1 . ILE A 1 84  ? 6.933   7.794   -2.620  1.00 35.25 ? 84   ILE A CG1 1 
ATOM   626  C  CG2 . ILE A 1 84  ? 8.076   5.724   -1.609  1.00 34.97 ? 84   ILE A CG2 1 
ATOM   627  C  CD1 . ILE A 1 84  ? 7.222   7.400   -4.095  1.00 32.14 ? 84   ILE A CD1 1 
ATOM   628  N  N   . VAL A 1 85  ? 5.480   3.352   -1.650  1.00 36.17 ? 85   VAL A N   1 
ATOM   629  C  CA  . VAL A 1 85  ? 5.587   2.071   -0.936  1.00 36.42 ? 85   VAL A CA  1 
ATOM   630  C  C   . VAL A 1 85  ? 6.917   1.373   -1.309  1.00 36.69 ? 85   VAL A C   1 
ATOM   631  O  O   . VAL A 1 85  ? 7.400   1.509   -2.441  1.00 36.58 ? 85   VAL A O   1 
ATOM   632  C  CB  . VAL A 1 85  ? 4.337   1.151   -1.179  1.00 36.74 ? 85   VAL A CB  1 
ATOM   633  C  CG1 . VAL A 1 85  ? 4.470   -0.189  -0.438  1.00 36.40 ? 85   VAL A CG1 1 
ATOM   634  C  CG2 . VAL A 1 85  ? 3.012   1.869   -0.778  1.00 35.92 ? 85   VAL A CG2 1 
ATOM   635  N  N   . THR A 1 86  ? 7.507   0.647   -0.351  1.00 36.91 ? 86   THR A N   1 
ATOM   636  C  CA  . THR A 1 86  ? 8.854   0.040   -0.512  1.00 36.96 ? 86   THR A CA  1 
ATOM   637  C  C   . THR A 1 86  ? 8.971   -1.351  0.141   1.00 37.28 ? 86   THR A C   1 
ATOM   638  O  O   . THR A 1 86  ? 8.221   -1.669  1.070   1.00 37.31 ? 86   THR A O   1 
ATOM   639  C  CB  . THR A 1 86  ? 9.975   0.939   0.095   1.00 36.84 ? 86   THR A CB  1 
ATOM   640  O  OG1 . THR A 1 86  ? 9.944   0.846   1.524   1.00 37.06 ? 86   THR A OG1 1 
ATOM   641  C  CG2 . THR A 1 86  ? 9.839   2.409   -0.342  1.00 35.77 ? 86   THR A CG2 1 
ATOM   642  N  N   . PRO A 1 87  ? 9.908   -2.188  -0.340  1.00 37.54 ? 87   PRO A N   1 
ATOM   643  C  CA  . PRO A 1 87  ? 10.134  -3.468  0.343   1.00 37.83 ? 87   PRO A CA  1 
ATOM   644  C  C   . PRO A 1 87  ? 11.069  -3.368  1.554   1.00 38.09 ? 87   PRO A C   1 
ATOM   645  O  O   . PRO A 1 87  ? 11.067  -4.264  2.419   1.00 38.67 ? 87   PRO A O   1 
ATOM   646  C  CB  . PRO A 1 87  ? 10.793  -4.328  -0.740  1.00 37.63 ? 87   PRO A CB  1 
ATOM   647  C  CG  . PRO A 1 87  ? 11.514  -3.362  -1.603  1.00 38.04 ? 87   PRO A CG  1 
ATOM   648  C  CD  . PRO A 1 87  ? 10.771  -2.039  -1.531  1.00 37.89 ? 87   PRO A CD  1 
ATOM   649  N  N   . ASN A 1 88  ? 11.850  -2.292  1.608   1.00 37.79 ? 88   ASN A N   1 
ATOM   650  C  CA  . ASN A 1 88  ? 12.955  -2.161  2.556   1.00 37.38 ? 88   ASN A CA  1 
ATOM   651  C  C   . ASN A 1 88  ? 13.001  -0.772  3.177   1.00 37.32 ? 88   ASN A C   1 
ATOM   652  O  O   . ASN A 1 88  ? 12.311  0.146   2.707   1.00 37.48 ? 88   ASN A O   1 
ATOM   653  C  CB  . ASN A 1 88  ? 14.276  -2.439  1.839   1.00 36.88 ? 88   ASN A CB  1 
ATOM   654  C  CG  . ASN A 1 88  ? 14.606  -1.384  0.787   1.00 36.37 ? 88   ASN A CG  1 
ATOM   655  O  OD1 . ASN A 1 88  ? 13.711  -0.717  0.248   1.00 36.49 ? 88   ASN A OD1 1 
ATOM   656  N  ND2 . ASN A 1 88  ? 15.891  -1.231  0.487   1.00 34.33 ? 88   ASN A ND2 1 
ATOM   657  N  N   . ILE A 1 89  ? 13.821  -0.618  4.217   1.00 37.08 ? 89   ILE A N   1 
ATOM   658  C  CA  . ILE A 1 89  ? 14.068  0.695   4.809   1.00 37.05 ? 89   ILE A CA  1 
ATOM   659  C  C   . ILE A 1 89  ? 15.329  1.317   4.223   1.00 37.39 ? 89   ILE A C   1 
ATOM   660  O  O   . ILE A 1 89  ? 16.437  0.830   4.445   1.00 37.05 ? 89   ILE A O   1 
ATOM   661  C  CB  . ILE A 1 89  ? 14.149  0.664   6.382   1.00 37.05 ? 89   ILE A CB  1 
ATOM   662  C  CG1 . ILE A 1 89  ? 12.864  0.094   7.009   1.00 36.71 ? 89   ILE A CG1 1 
ATOM   663  C  CG2 . ILE A 1 89  ? 14.488  2.061   6.958   1.00 35.72 ? 89   ILE A CG2 1 
ATOM   664  C  CD1 . ILE A 1 89  ? 11.542  0.599   6.388   1.00 35.76 ? 89   ILE A CD1 1 
ATOM   665  N  N   . HIS A 1 90  ? 15.136  2.390   3.464   1.00 38.03 ? 90   HIS A N   1 
ATOM   666  C  CA  . HIS A 1 90  ? 16.226  3.209   2.937   1.00 38.91 ? 90   HIS A CA  1 
ATOM   667  C  C   . HIS A 1 90  ? 15.948  4.652   3.391   1.00 38.98 ? 90   HIS A C   1 
ATOM   668  O  O   . HIS A 1 90  ? 15.016  5.305   2.899   1.00 39.20 ? 90   HIS A O   1 
ATOM   669  C  CB  . HIS A 1 90  ? 16.273  3.099   1.406   1.00 39.23 ? 90   HIS A CB  1 
ATOM   670  C  CG  . HIS A 1 90  ? 17.454  3.773   0.777   1.00 41.13 ? 90   HIS A CG  1 
ATOM   671  N  ND1 . HIS A 1 90  ? 18.380  3.091   0.016   1.00 42.91 ? 90   HIS A ND1 1 
ATOM   672  C  CD2 . HIS A 1 90  ? 17.862  5.064   0.795   1.00 42.65 ? 90   HIS A CD2 1 
ATOM   673  C  CE1 . HIS A 1 90  ? 19.304  3.934   -0.410  1.00 43.39 ? 90   HIS A CE1 1 
ATOM   674  N  NE2 . HIS A 1 90  ? 19.014  5.137   0.050   1.00 43.54 ? 90   HIS A NE2 1 
ATOM   675  N  N   . SER A 1 91  ? 16.747  5.133   4.337   1.00 38.96 ? 91   SER A N   1 
ATOM   676  C  CA  . SER A 1 91  ? 16.518  6.434   4.970   1.00 39.06 ? 91   SER A CA  1 
ATOM   677  C  C   . SER A 1 91  ? 16.342  7.617   4.006   1.00 38.96 ? 91   SER A C   1 
ATOM   678  O  O   . SER A 1 91  ? 15.449  8.450   4.195   1.00 38.80 ? 91   SER A O   1 
ATOM   679  C  CB  . SER A 1 91  ? 17.629  6.739   5.975   1.00 39.07 ? 91   SER A CB  1 
ATOM   680  O  OG  . SER A 1 91  ? 17.321  6.177   7.237   1.00 39.97 ? 91   SER A OG  1 
ATOM   681  N  N   . GLU A 1 92  ? 17.188  7.682   2.982   1.00 38.97 ? 92   GLU A N   1 
ATOM   682  C  CA  . GLU A 1 92  ? 17.180  8.809   2.058   1.00 39.42 ? 92   GLU A CA  1 
ATOM   683  C  C   . GLU A 1 92  ? 15.972  8.803   1.102   1.00 39.13 ? 92   GLU A C   1 
ATOM   684  O  O   . GLU A 1 92  ? 15.496  9.869   0.705   1.00 39.07 ? 92   GLU A O   1 
ATOM   685  C  CB  . GLU A 1 92  ? 18.522  8.901   1.307   1.00 39.87 ? 92   GLU A CB  1 
ATOM   686  C  CG  . GLU A 1 92  ? 18.647  10.053  0.277   1.00 41.22 ? 92   GLU A CG  1 
ATOM   687  C  CD  . GLU A 1 92  ? 18.413  11.451  0.856   1.00 42.48 ? 92   GLU A CD  1 
ATOM   688  O  OE1 . GLU A 1 92  ? 18.615  11.661  2.077   1.00 43.90 ? 92   GLU A OE1 1 
ATOM   689  O  OE2 . GLU A 1 92  ? 18.032  12.351  0.076   1.00 42.71 ? 92   GLU A OE2 1 
ATOM   690  N  N   . VAL A 1 93  ? 15.483  7.610   0.753   1.00 38.75 ? 93   VAL A N   1 
ATOM   691  C  CA  . VAL A 1 93  ? 14.268  7.454   -0.041  1.00 38.20 ? 93   VAL A CA  1 
ATOM   692  C  C   . VAL A 1 93  ? 13.074  8.043   0.727   1.00 38.52 ? 93   VAL A C   1 
ATOM   693  O  O   . VAL A 1 93  ? 12.282  8.844   0.181   1.00 38.09 ? 93   VAL A O   1 
ATOM   694  C  CB  . VAL A 1 93  ? 14.015  5.952   -0.414  1.00 38.11 ? 93   VAL A CB  1 
ATOM   695  C  CG1 . VAL A 1 93  ? 12.592  5.726   -0.930  1.00 36.96 ? 93   VAL A CG1 1 
ATOM   696  C  CG2 . VAL A 1 93  ? 15.036  5.470   -1.443  1.00 37.68 ? 93   VAL A CG2 1 
ATOM   697  N  N   . ILE A 1 94  ? 12.970  7.646   1.995   1.00 38.62 ? 94   ILE A N   1 
ATOM   698  C  CA  . ILE A 1 94  ? 11.920  8.114   2.903   1.00 38.74 ? 94   ILE A CA  1 
ATOM   699  C  C   . ILE A 1 94  ? 12.006  9.627   3.113   1.00 39.16 ? 94   ILE A C   1 
ATOM   700  O  O   . ILE A 1 94  ? 10.993  10.328  3.031   1.00 39.10 ? 94   ILE A O   1 
ATOM   701  C  CB  . ILE A 1 94  ? 11.973  7.349   4.264   1.00 38.88 ? 94   ILE A CB  1 
ATOM   702  C  CG1 . ILE A 1 94  ? 11.761  5.837   4.029   1.00 38.77 ? 94   ILE A CG1 1 
ATOM   703  C  CG2 . ILE A 1 94  ? 10.948  7.909   5.264   1.00 37.98 ? 94   ILE A CG2 1 
ATOM   704  C  CD1 . ILE A 1 94  ? 12.356  4.923   5.114   1.00 38.02 ? 94   ILE A CD1 1 
ATOM   705  N  N   . ARG A 1 95  ? 13.219  10.124  3.358   1.00 39.71 ? 95   ARG A N   1 
ATOM   706  C  CA  . ARG A 1 95  ? 13.439  11.548  3.593   1.00 40.54 ? 95   ARG A CA  1 
ATOM   707  C  C   . ARG A 1 95  ? 13.058  12.422  2.392   1.00 40.28 ? 95   ARG A C   1 
ATOM   708  O  O   . ARG A 1 95  ? 12.341  13.414  2.542   1.00 40.30 ? 95   ARG A O   1 
ATOM   709  C  CB  . ARG A 1 95  ? 14.879  11.820  4.045   1.00 40.45 ? 95   ARG A CB  1 
ATOM   710  C  CG  . ARG A 1 95  ? 15.093  11.645  5.558   1.00 41.84 ? 95   ARG A CG  1 
ATOM   711  C  CD  . ARG A 1 95  ? 16.475  12.131  6.023   1.00 42.26 ? 95   ARG A CD  1 
ATOM   712  N  NE  . ARG A 1 95  ? 17.563  11.407  5.357   1.00 45.71 ? 95   ARG A NE  1 
ATOM   713  C  CZ  . ARG A 1 95  ? 18.302  10.453  5.921   1.00 46.67 ? 95   ARG A CZ  1 
ATOM   714  N  NH1 . ARG A 1 95  ? 18.096  10.095  7.186   1.00 46.75 ? 95   ARG A NH1 1 
ATOM   715  N  NH2 . ARG A 1 95  ? 19.259  9.861   5.215   1.00 47.00 ? 95   ARG A NH2 1 
ATOM   716  N  N   . ARG A 1 96  ? 13.531  12.042  1.214   1.00 40.31 ? 96   ARG A N   1 
ATOM   717  C  CA  . ARG A 1 96  ? 13.208  12.754  -0.015  1.00 40.59 ? 96   ARG A CA  1 
ATOM   718  C  C   . ARG A 1 96  ? 11.704  12.755  -0.324  1.00 40.41 ? 96   ARG A C   1 
ATOM   719  O  O   . ARG A 1 96  ? 11.162  13.787  -0.709  1.00 40.67 ? 96   ARG A O   1 
ATOM   720  C  CB  . ARG A 1 96  ? 13.997  12.185  -1.197  1.00 40.71 ? 96   ARG A CB  1 
ATOM   721  C  CG  . ARG A 1 96  ? 14.168  13.174  -2.335  1.00 41.46 ? 96   ARG A CG  1 
ATOM   722  C  CD  . ARG A 1 96  ? 15.213  12.704  -3.331  1.00 43.53 ? 96   ARG A CD  1 
ATOM   723  N  NE  . ARG A 1 96  ? 16.583  12.859  -2.837  1.00 44.37 ? 96   ARG A NE  1 
ATOM   724  C  CZ  . ARG A 1 96  ? 17.674  12.703  -3.585  1.00 44.91 ? 96   ARG A CZ  1 
ATOM   725  N  NH1 . ARG A 1 96  ? 17.570  12.397  -4.878  1.00 45.38 ? 96   ARG A NH1 1 
ATOM   726  N  NH2 . ARG A 1 96  ? 18.873  12.854  -3.044  1.00 44.26 ? 96   ARG A NH2 1 
ATOM   727  N  N   . ALA A 1 97  ? 11.039  11.617  -0.134  1.00 40.09 ? 97   ALA A N   1 
ATOM   728  C  CA  . ALA A 1 97  ? 9.600   11.519  -0.391  1.00 40.02 ? 97   ALA A CA  1 
ATOM   729  C  C   . ALA A 1 97  ? 8.774   12.368  0.573   1.00 40.14 ? 97   ALA A C   1 
ATOM   730  O  O   . ALA A 1 97  ? 7.885   13.106  0.141   1.00 40.18 ? 97   ALA A O   1 
ATOM   731  C  CB  . ALA A 1 97  ? 9.140   10.070  -0.374  1.00 39.87 ? 97   ALA A CB  1 
ATOM   732  N  N   . VAL A 1 98  ? 9.084   12.275  1.870   1.00 40.31 ? 98   VAL A N   1 
ATOM   733  C  CA  . VAL A 1 98  ? 8.466   13.127  2.898   1.00 40.35 ? 98   VAL A CA  1 
ATOM   734  C  C   . VAL A 1 98  ? 8.655   14.608  2.544   1.00 40.41 ? 98   VAL A C   1 
ATOM   735  O  O   . VAL A 1 98  ? 7.736   15.416  2.721   1.00 40.41 ? 98   VAL A O   1 
ATOM   736  C  CB  . VAL A 1 98  ? 9.028   12.817  4.333   1.00 40.52 ? 98   VAL A CB  1 
ATOM   737  C  CG1 . VAL A 1 98  ? 8.631   13.893  5.343   1.00 39.94 ? 98   VAL A CG1 1 
ATOM   738  C  CG2 . VAL A 1 98  ? 8.561   11.449  4.817   1.00 40.35 ? 98   VAL A CG2 1 
ATOM   739  N  N   . GLY A 1 99  ? 9.845   14.942  2.035   1.00 40.41 ? 99   GLY A N   1 
ATOM   740  C  CA  . GLY A 1 99  ? 10.172  16.294  1.568   1.00 40.53 ? 99   GLY A CA  1 
ATOM   741  C  C   . GLY A 1 99  ? 9.273   16.805  0.444   1.00 40.77 ? 99   GLY A C   1 
ATOM   742  O  O   . GLY A 1 99  ? 9.005   17.997  0.368   1.00 40.31 ? 99   GLY A O   1 
ATOM   743  N  N   . TYR A 1 100 ? 8.812   15.906  -0.429  1.00 40.89 ? 100  TYR A N   1 
ATOM   744  C  CA  . TYR A 1 100 ? 7.861   16.273  -1.479  1.00 41.39 ? 100  TYR A CA  1 
ATOM   745  C  C   . TYR A 1 100 ? 6.406   16.361  -0.982  1.00 41.86 ? 100  TYR A C   1 
ATOM   746  O  O   . TYR A 1 100 ? 5.495   16.595  -1.775  1.00 41.95 ? 100  TYR A O   1 
ATOM   747  C  CB  . TYR A 1 100 ? 7.949   15.302  -2.672  1.00 41.11 ? 100  TYR A CB  1 
ATOM   748  C  CG  . TYR A 1 100 ? 9.149   15.508  -3.573  1.00 40.76 ? 100  TYR A CG  1 
ATOM   749  C  CD1 . TYR A 1 100 ? 10.129  14.522  -3.694  1.00 39.86 ? 100  TYR A CD1 1 
ATOM   750  C  CD2 . TYR A 1 100 ? 9.308   16.695  -4.311  1.00 41.26 ? 100  TYR A CD2 1 
ATOM   751  C  CE1 . TYR A 1 100 ? 11.240  14.701  -4.517  1.00 40.31 ? 100  TYR A CE1 1 
ATOM   752  C  CE2 . TYR A 1 100 ? 10.422  16.890  -5.142  1.00 40.84 ? 100  TYR A CE2 1 
ATOM   753  C  CZ  . TYR A 1 100 ? 11.383  15.888  -5.236  1.00 41.28 ? 100  TYR A CZ  1 
ATOM   754  O  OH  . TYR A 1 100 ? 12.481  16.058  -6.051  1.00 40.70 ? 100  TYR A OH  1 
ATOM   755  N  N   . GLY A 1 101 ? 6.193   16.179  0.322   1.00 42.30 ? 101  GLY A N   1 
ATOM   756  C  CA  . GLY A 1 101 ? 4.841   16.084  0.879   1.00 42.51 ? 101  GLY A CA  1 
ATOM   757  C  C   . GLY A 1 101 ? 4.099   14.797  0.520   1.00 43.13 ? 101  GLY A C   1 
ATOM   758  O  O   . GLY A 1 101 ? 2.869   14.756  0.545   1.00 42.43 ? 101  GLY A O   1 
HETATM 759  N  N   . MSE A 1 102 ? 4.840   13.737  0.198   1.00 43.65 ? 102  MSE A N   1 
HETATM 760  C  CA  . MSE A 1 102 ? 4.221   12.443  -0.107  1.00 45.62 ? 102  MSE A CA  1 
HETATM 761  C  C   . MSE A 1 102 ? 3.950   11.619  1.152   1.00 43.53 ? 102  MSE A C   1 
HETATM 762  O  O   . MSE A 1 102 ? 4.642   11.766  2.160   1.00 43.66 ? 102  MSE A O   1 
HETATM 763  C  CB  . MSE A 1 102 ? 5.091   11.630  -1.067  1.00 45.41 ? 102  MSE A CB  1 
HETATM 764  C  CG  . MSE A 1 102 ? 5.246   12.239  -2.443  1.00 48.12 ? 102  MSE A CG  1 
HETATM 765  SE SE  . MSE A 1 102 ? 6.312   11.099  -3.630  1.00 54.98 ? 102  MSE A SE  1 
HETATM 766  C  CE  . MSE A 1 102 ? 6.203   12.216  -5.202  1.00 50.07 ? 102  MSE A CE  1 
ATOM   767  N  N   . THR A 1 103 ? 2.933   10.766  1.083   1.00 42.14 ? 103  THR A N   1 
ATOM   768  C  CA  . THR A 1 103 ? 2.687   9.759   2.106   1.00 40.90 ? 103  THR A CA  1 
ATOM   769  C  C   . THR A 1 103 ? 3.623   8.578   1.827   1.00 40.43 ? 103  THR A C   1 
ATOM   770  O  O   . THR A 1 103 ? 3.638   8.040   0.709   1.00 40.03 ? 103  THR A O   1 
ATOM   771  C  CB  . THR A 1 103 ? 1.199   9.302   2.106   1.00 40.93 ? 103  THR A CB  1 
ATOM   772  O  OG1 . THR A 1 103 ? 0.346   10.418  2.388   1.00 40.88 ? 103  THR A OG1 1 
ATOM   773  C  CG2 . THR A 1 103 ? 0.940   8.204   3.142   1.00 40.50 ? 103  THR A CG2 1 
ATOM   774  N  N   . VAL A 1 104 ? 4.404   8.187   2.836   1.00 39.54 ? 104  VAL A N   1 
ATOM   775  C  CA  . VAL A 1 104 ? 5.351   7.070   2.705   1.00 38.91 ? 104  VAL A CA  1 
ATOM   776  C  C   . VAL A 1 104 ? 5.007   5.915   3.652   1.00 38.47 ? 104  VAL A C   1 
ATOM   777  O  O   . VAL A 1 104 ? 4.832   6.112   4.862   1.00 38.33 ? 104  VAL A O   1 
ATOM   778  C  CB  . VAL A 1 104 ? 6.814   7.514   2.977   1.00 39.09 ? 104  VAL A CB  1 
ATOM   779  C  CG1 . VAL A 1 104 ? 7.802   6.505   2.404   1.00 39.06 ? 104  VAL A CG1 1 
ATOM   780  C  CG2 . VAL A 1 104 ? 7.082   8.896   2.408   1.00 39.22 ? 104  VAL A CG2 1 
ATOM   781  N  N   . CYS A 1 105 ? 4.935   4.710   3.095   1.00 37.74 ? 105  CYS A N   1 
ATOM   782  C  CA  . CYS A 1 105 ? 4.671   3.502   3.871   1.00 36.93 ? 105  CYS A CA  1 
ATOM   783  C  C   . CYS A 1 105 ? 5.731   2.439   3.556   1.00 36.36 ? 105  CYS A C   1 
ATOM   784  O  O   . CYS A 1 105 ? 5.497   1.536   2.749   1.00 36.60 ? 105  CYS A O   1 
ATOM   785  C  CB  . CYS A 1 105 ? 3.252   2.990   3.596   1.00 36.95 ? 105  CYS A CB  1 
ATOM   786  S  SG  . CYS A 1 105 ? 2.776   1.549   4.570   1.00 37.53 ? 105  CYS A SG  1 
ATOM   787  N  N   . PRO A 1 106 ? 6.905   2.538   4.205   1.00 35.49 ? 106  PRO A N   1 
ATOM   788  C  CA  . PRO A 1 106 ? 8.030   1.689   3.852   1.00 34.85 ? 106  PRO A CA  1 
ATOM   789  C  C   . PRO A 1 106 ? 8.030   0.332   4.566   1.00 34.32 ? 106  PRO A C   1 
ATOM   790  O  O   . PRO A 1 106 ? 7.484   0.203   5.664   1.00 34.60 ? 106  PRO A O   1 
ATOM   791  C  CB  . PRO A 1 106 ? 9.235   2.533   4.270   1.00 34.74 ? 106  PRO A CB  1 
ATOM   792  C  CG  . PRO A 1 106 ? 8.749   3.350   5.407   1.00 34.93 ? 106  PRO A CG  1 
ATOM   793  C  CD  . PRO A 1 106 ? 7.245   3.466   5.298   1.00 35.36 ? 106  PRO A CD  1 
ATOM   794  N  N   . GLY A 1 107 ? 8.654   -0.656  3.934   1.00 33.35 ? 107  GLY A N   1 
ATOM   795  C  CA  . GLY A 1 107 ? 8.637   -2.032  4.416   1.00 33.08 ? 107  GLY A CA  1 
ATOM   796  C  C   . GLY A 1 107 ? 9.766   -2.401  5.363   1.00 32.80 ? 107  GLY A C   1 
ATOM   797  O  O   . GLY A 1 107 ? 10.953  -2.190  5.062   1.00 32.86 ? 107  GLY A O   1 
ATOM   798  N  N   . CYS A 1 108 ? 9.396   -2.967  6.510   1.00 31.84 ? 108  CYS A N   1 
ATOM   799  C  CA  . CYS A 1 108 ? 10.375  -3.455  7.478   1.00 31.24 ? 108  CYS A CA  1 
ATOM   800  C  C   . CYS A 1 108 ? 9.950   -4.816  8.015   1.00 30.56 ? 108  CYS A C   1 
ATOM   801  O  O   . CYS A 1 108 ? 8.815   -5.260  7.787   1.00 29.81 ? 108  CYS A O   1 
ATOM   802  C  CB  . CYS A 1 108 ? 10.565  -2.450  8.623   1.00 31.27 ? 108  CYS A CB  1 
ATOM   803  S  SG  . CYS A 1 108 ? 9.042   -2.047  9.481   1.00 32.18 ? 108  CYS A SG  1 
ATOM   804  N  N   . ALA A 1 109 ? 10.868  -5.469  8.724   1.00 29.72 ? 109  ALA A N   1 
ATOM   805  C  CA  . ALA A 1 109 ? 10.626  -6.800  9.240   1.00 29.52 ? 109  ALA A CA  1 
ATOM   806  C  C   . ALA A 1 109 ? 10.965  -6.902  10.725  1.00 29.43 ? 109  ALA A C   1 
ATOM   807  O  O   . ALA A 1 109 ? 10.551  -7.857  11.388  1.00 29.62 ? 109  ALA A O   1 
ATOM   808  C  CB  . ALA A 1 109 ? 11.406  -7.854  8.423   1.00 29.27 ? 109  ALA A CB  1 
ATOM   809  N  N   . THR A 1 110 ? 11.725  -5.937  11.242  1.00 28.96 ? 110  THR A N   1 
ATOM   810  C  CA  . THR A 1 110 ? 12.139  -5.966  12.653  1.00 28.46 ? 110  THR A CA  1 
ATOM   811  C  C   . THR A 1 110 ? 11.859  -4.650  13.378  1.00 28.70 ? 110  THR A C   1 
ATOM   812  O  O   . THR A 1 110 ? 11.582  -3.617  12.739  1.00 28.57 ? 110  THR A O   1 
ATOM   813  C  CB  . THR A 1 110 ? 13.646  -6.313  12.832  1.00 28.23 ? 110  THR A CB  1 
ATOM   814  O  OG1 . THR A 1 110 ? 14.450  -5.152  12.589  1.00 27.75 ? 110  THR A OG1 1 
ATOM   815  C  CG2 . THR A 1 110 ? 14.086  -7.460  11.916  1.00 27.67 ? 110  THR A CG2 1 
ATOM   816  N  N   . ALA A 1 111 ? 11.944  -4.705  14.710  1.00 28.58 ? 111  ALA A N   1 
ATOM   817  C  CA  . ALA A 1 111 ? 11.814  -3.529  15.577  1.00 28.57 ? 111  ALA A CA  1 
ATOM   818  C  C   . ALA A 1 111 ? 12.879  -2.473  15.274  1.00 28.52 ? 111  ALA A C   1 
ATOM   819  O  O   . ALA A 1 111 ? 12.566  -1.295  15.166  1.00 28.73 ? 111  ALA A O   1 
ATOM   820  C  CB  . ALA A 1 111 ? 11.851  -3.938  17.058  1.00 28.11 ? 111  ALA A CB  1 
ATOM   821  N  N   . THR A 1 112 ? 14.126  -2.908  15.106  1.00 28.91 ? 112  THR A N   1 
ATOM   822  C  CA  . THR A 1 112 ? 15.231  -2.014  14.738  1.00 29.25 ? 112  THR A CA  1 
ATOM   823  C  C   . THR A 1 112 ? 14.939  -1.234  13.440  1.00 29.87 ? 112  THR A C   1 
ATOM   824  O  O   . THR A 1 112 ? 15.023  0.003   13.419  1.00 30.10 ? 112  THR A O   1 
ATOM   825  C  CB  . THR A 1 112 ? 16.557  -2.796  14.611  1.00 29.13 ? 112  THR A CB  1 
ATOM   826  O  OG1 . THR A 1 112 ? 16.850  -3.445  15.857  1.00 28.80 ? 112  THR A OG1 1 
ATOM   827  C  CG2 . THR A 1 112 ? 17.715  -1.866  14.235  1.00 28.59 ? 112  THR A CG2 1 
ATOM   828  N  N   . GLU A 1 113 ? 14.583  -1.961  12.380  1.00 29.91 ? 113  GLU A N   1 
ATOM   829  C  CA  . GLU A 1 113 ? 14.242  -1.363  11.092  1.00 30.20 ? 113  GLU A CA  1 
ATOM   830  C  C   . GLU A 1 113 ? 13.028  -0.418  11.164  1.00 30.56 ? 113  GLU A C   1 
ATOM   831  O  O   . GLU A 1 113 ? 12.954  0.581   10.428  1.00 30.65 ? 113  GLU A O   1 
ATOM   832  C  CB  . GLU A 1 113 ? 13.992  -2.464  10.054  1.00 29.92 ? 113  GLU A CB  1 
ATOM   833  C  CG  . GLU A 1 113 ? 15.237  -3.276  9.682   1.00 30.22 ? 113  GLU A CG  1 
ATOM   834  C  CD  . GLU A 1 113 ? 14.913  -4.498  8.846   1.00 30.45 ? 113  GLU A CD  1 
ATOM   835  O  OE1 . GLU A 1 113 ? 13.717  -4.747  8.613   1.00 32.19 ? 113  GLU A OE1 1 
ATOM   836  O  OE2 . GLU A 1 113 ? 15.845  -5.212  8.422   1.00 30.27 ? 113  GLU A OE2 1 
ATOM   837  N  N   . ALA A 1 114 ? 12.079  -0.737  12.043  1.00 30.49 ? 114  ALA A N   1 
ATOM   838  C  CA  . ALA A 1 114 ? 10.878  0.073   12.177  1.00 30.68 ? 114  ALA A CA  1 
ATOM   839  C  C   . ALA A 1 114 ? 11.191  1.419   12.834  1.00 31.04 ? 114  ALA A C   1 
ATOM   840  O  O   . ALA A 1 114 ? 10.713  2.444   12.363  1.00 30.88 ? 114  ALA A O   1 
ATOM   841  C  CB  . ALA A 1 114 ? 9.788   -0.678  12.940  1.00 30.28 ? 114  ALA A CB  1 
ATOM   842  N  N   . PHE A 1 115 ? 12.000  1.418   13.902  1.00 31.70 ? 115  PHE A N   1 
ATOM   843  C  CA  . PHE A 1 115 ? 12.376  2.671   14.573  1.00 32.24 ? 115  PHE A CA  1 
ATOM   844  C  C   . PHE A 1 115 ? 13.248  3.572   13.677  1.00 32.90 ? 115  PHE A C   1 
ATOM   845  O  O   . PHE A 1 115 ? 13.088  4.798   13.673  1.00 32.76 ? 115  PHE A O   1 
ATOM   846  C  CB  . PHE A 1 115 ? 13.026  2.413   15.935  1.00 31.87 ? 115  PHE A CB  1 
ATOM   847  C  CG  . PHE A 1 115 ? 12.036  2.039   17.021  1.00 32.39 ? 115  PHE A CG  1 
ATOM   848  C  CD1 . PHE A 1 115 ? 11.146  2.989   17.538  1.00 32.43 ? 115  PHE A CD1 1 
ATOM   849  C  CD2 . PHE A 1 115 ? 11.998  0.744   17.534  1.00 31.45 ? 115  PHE A CD2 1 
ATOM   850  C  CE1 . PHE A 1 115 ? 10.228  2.655   18.541  1.00 32.17 ? 115  PHE A CE1 1 
ATOM   851  C  CE2 . PHE A 1 115 ? 11.087  0.397   18.535  1.00 32.03 ? 115  PHE A CE2 1 
ATOM   852  C  CZ  . PHE A 1 115 ? 10.199  1.357   19.041  1.00 32.11 ? 115  PHE A CZ  1 
ATOM   853  N  N   . THR A 1 116 ? 14.149  2.948   12.916  1.00 33.45 ? 116  THR A N   1 
ATOM   854  C  CA  . THR A 1 116 ? 14.887  3.616   11.837  1.00 34.27 ? 116  THR A CA  1 
ATOM   855  C  C   . THR A 1 116 ? 13.949  4.335   10.840  1.00 34.57 ? 116  THR A C   1 
ATOM   856  O  O   . THR A 1 116 ? 14.184  5.497   10.487  1.00 34.74 ? 116  THR A O   1 
ATOM   857  C  CB  . THR A 1 116 ? 15.804  2.611   11.088  1.00 34.23 ? 116  THR A CB  1 
ATOM   858  O  OG1 . THR A 1 116 ? 16.671  1.969   12.033  1.00 35.22 ? 116  THR A OG1 1 
ATOM   859  C  CG2 . THR A 1 116 ? 16.654  3.305   10.043  1.00 33.83 ? 116  THR A CG2 1 
ATOM   860  N  N   . ALA A 1 117 ? 12.881  3.660   10.419  1.00 34.82 ? 117  ALA A N   1 
ATOM   861  C  CA  . ALA A 1 117 ? 11.957  4.216   9.419   1.00 35.29 ? 117  ALA A CA  1 
ATOM   862  C  C   . ALA A 1 117 ? 11.214  5.446   9.941   1.00 35.78 ? 117  ALA A C   1 
ATOM   863  O  O   . ALA A 1 117 ? 10.961  6.396   9.195   1.00 35.96 ? 117  ALA A O   1 
ATOM   864  C  CB  . ALA A 1 117 ? 10.973  3.156   8.938   1.00 34.49 ? 117  ALA A CB  1 
ATOM   865  N  N   . LEU A 1 118 ? 10.877  5.412   11.228  1.00 36.46 ? 118  LEU A N   1 
ATOM   866  C  CA  . LEU A 1 118 ? 10.180  6.509   11.889  1.00 36.92 ? 118  LEU A CA  1 
ATOM   867  C  C   . LEU A 1 118 ? 11.057  7.748   12.056  1.00 37.32 ? 118  LEU A C   1 
ATOM   868  O  O   . LEU A 1 118 ? 10.561  8.870   11.968  1.00 36.90 ? 118  LEU A O   1 
ATOM   869  C  CB  . LEU A 1 118 ? 9.645   6.051   13.252  1.00 36.94 ? 118  LEU A CB  1 
ATOM   870  C  CG  . LEU A 1 118 ? 8.602   4.929   13.230  1.00 36.77 ? 118  LEU A CG  1 
ATOM   871  C  CD1 . LEU A 1 118 ? 8.315   4.446   14.646  1.00 36.28 ? 118  LEU A CD1 1 
ATOM   872  C  CD2 . LEU A 1 118 ? 7.321   5.374   12.534  1.00 36.08 ? 118  LEU A CD2 1 
ATOM   873  N  N   . GLU A 1 119 ? 12.351  7.543   12.305  1.00 38.01 ? 119  GLU A N   1 
ATOM   874  C  CA  . GLU A 1 119 ? 13.296  8.663   12.414  1.00 38.90 ? 119  GLU A CA  1 
ATOM   875  C  C   . GLU A 1 119 ? 13.481  9.381   11.079  1.00 38.57 ? 119  GLU A C   1 
ATOM   876  O  O   . GLU A 1 119 ? 13.783  10.573  11.042  1.00 38.63 ? 119  GLU A O   1 
ATOM   877  C  CB  . GLU A 1 119 ? 14.653  8.215   12.975  1.00 39.13 ? 119  GLU A CB  1 
ATOM   878  C  CG  . GLU A 1 119 ? 14.688  8.082   14.499  1.00 42.31 ? 119  GLU A CG  1 
ATOM   879  C  CD  . GLU A 1 119 ? 14.235  9.352   15.226  1.00 45.87 ? 119  GLU A CD  1 
ATOM   880  O  OE1 . GLU A 1 119 ? 15.037  10.312  15.318  1.00 46.97 ? 119  GLU A OE1 1 
ATOM   881  O  OE2 . GLU A 1 119 ? 13.079  9.385   15.711  1.00 47.06 ? 119  GLU A OE2 1 
ATOM   882  N  N   . ALA A 1 120 ? 13.291  8.642   9.989   1.00 38.47 ? 120  ALA A N   1 
ATOM   883  C  CA  . ALA A 1 120 ? 13.330  9.206   8.642   1.00 38.08 ? 120  ALA A CA  1 
ATOM   884  C  C   . ALA A 1 120 ? 12.025  9.958   8.298   1.00 37.90 ? 120  ALA A C   1 
ATOM   885  O  O   . ALA A 1 120 ? 11.932  10.630  7.266   1.00 37.74 ? 120  ALA A O   1 
ATOM   886  C  CB  . ALA A 1 120 ? 13.630  8.104   7.631   1.00 37.70 ? 120  ALA A CB  1 
ATOM   887  N  N   . GLY A 1 121 ? 11.025  9.830   9.169   1.00 37.85 ? 121  GLY A N   1 
ATOM   888  C  CA  . GLY A 1 121 ? 9.775   10.571  9.051   1.00 38.01 ? 121  GLY A CA  1 
ATOM   889  C  C   . GLY A 1 121 ? 8.655   9.839   8.335   1.00 38.41 ? 121  GLY A C   1 
ATOM   890  O  O   . GLY A 1 121 ? 7.724   10.471  7.817   1.00 38.61 ? 121  GLY A O   1 
ATOM   891  N  N   . ALA A 1 122 ? 8.730   8.509   8.298   1.00 38.30 ? 122  ALA A N   1 
ATOM   892  C  CA  . ALA A 1 122 ? 7.652   7.694   7.735   1.00 38.39 ? 122  ALA A CA  1 
ATOM   893  C  C   . ALA A 1 122 ? 6.363   7.906   8.524   1.00 38.43 ? 122  ALA A C   1 
ATOM   894  O  O   . ALA A 1 122 ? 6.371   7.852   9.760   1.00 38.88 ? 122  ALA A O   1 
ATOM   895  C  CB  . ALA A 1 122 ? 8.041   6.224   7.730   1.00 38.23 ? 122  ALA A CB  1 
ATOM   896  N  N   . GLN A 1 123 ? 5.265   8.160   7.818   1.00 38.25 ? 123  GLN A N   1 
ATOM   897  C  CA  . GLN A 1 123 ? 3.978   8.417   8.480   1.00 38.30 ? 123  GLN A CA  1 
ATOM   898  C  C   . GLN A 1 123 ? 3.169   7.128   8.698   1.00 38.03 ? 123  GLN A C   1 
ATOM   899  O  O   . GLN A 1 123 ? 2.150   7.132   9.391   1.00 38.07 ? 123  GLN A O   1 
ATOM   900  C  CB  . GLN A 1 123 ? 3.141   9.454   7.707   1.00 38.36 ? 123  GLN A CB  1 
ATOM   901  C  CG  . GLN A 1 123 ? 3.907   10.706  7.241   1.00 38.90 ? 123  GLN A CG  1 
ATOM   902  C  CD  . GLN A 1 123 ? 4.354   10.616  5.781   1.00 40.82 ? 123  GLN A CD  1 
ATOM   903  O  OE1 . GLN A 1 123 ? 4.620   9.527   5.260   1.00 41.56 ? 123  GLN A OE1 1 
ATOM   904  N  NE2 . GLN A 1 123 ? 4.435   11.764  5.117   1.00 40.43 ? 123  GLN A NE2 1 
ATOM   905  N  N   . ALA A 1 124 ? 3.629   6.037   8.090   1.00 37.76 ? 124  ALA A N   1 
ATOM   906  C  CA  . ALA A 1 124 ? 3.026   4.716   8.249   1.00 37.59 ? 124  ALA A CA  1 
ATOM   907  C  C   . ALA A 1 124 ? 4.114   3.641   8.106   1.00 37.45 ? 124  ALA A C   1 
ATOM   908  O  O   . ALA A 1 124 ? 5.225   3.945   7.679   1.00 37.18 ? 124  ALA A O   1 
ATOM   909  C  CB  . ALA A 1 124 ? 1.914   4.509   7.220   1.00 37.43 ? 124  ALA A CB  1 
ATOM   910  N  N   . LEU A 1 125 ? 3.801   2.402   8.486   1.00 37.32 ? 125  LEU A N   1 
ATOM   911  C  CA  . LEU A 1 125 ? 4.759   1.297   8.358   1.00 37.54 ? 125  LEU A CA  1 
ATOM   912  C  C   . LEU A 1 125 ? 4.138   0.080   7.691   1.00 37.79 ? 125  LEU A C   1 
ATOM   913  O  O   . LEU A 1 125 ? 2.980   -0.266  7.954   1.00 37.56 ? 125  LEU A O   1 
ATOM   914  C  CB  . LEU A 1 125 ? 5.355   0.883   9.714   1.00 37.12 ? 125  LEU A CB  1 
ATOM   915  C  CG  . LEU A 1 125 ? 6.231   1.882   10.478  1.00 36.90 ? 125  LEU A CG  1 
ATOM   916  C  CD1 . LEU A 1 125 ? 6.688   1.287   11.817  1.00 35.01 ? 125  LEU A CD1 1 
ATOM   917  C  CD2 . LEU A 1 125 ? 7.424   2.348   9.643   1.00 35.76 ? 125  LEU A CD2 1 
ATOM   918  N  N   . LYS A 1 126 ? 4.930   -0.559  6.835   1.00 37.94 ? 126  LYS A N   1 
ATOM   919  C  CA  . LYS A 1 126 ? 4.556   -1.815  6.200   1.00 38.37 ? 126  LYS A CA  1 
ATOM   920  C  C   . LYS A 1 126 ? 5.395   -2.948  6.817   1.00 38.94 ? 126  LYS A C   1 
ATOM   921  O  O   . LYS A 1 126 ? 6.622   -2.862  6.847   1.00 38.47 ? 126  LYS A O   1 
ATOM   922  C  CB  . LYS A 1 126 ? 4.758   -1.703  4.679   1.00 38.18 ? 126  LYS A CB  1 
ATOM   923  C  CG  . LYS A 1 126 ? 5.027   -3.007  3.932   1.00 38.20 ? 126  LYS A CG  1 
ATOM   924  C  CD  . LYS A 1 126 ? 5.299   -2.746  2.455   1.00 37.65 ? 126  LYS A CD  1 
ATOM   925  C  CE  . LYS A 1 126 ? 5.730   -4.021  1.744   1.00 37.47 ? 126  LYS A CE  1 
ATOM   926  N  NZ  . LYS A 1 126 ? 6.131   -3.793  0.317   1.00 38.23 ? 126  LYS A NZ  1 
ATOM   927  N  N   . ILE A 1 127 ? 4.724   -3.975  7.343   1.00 39.61 ? 127  ILE A N   1 
ATOM   928  C  CA  . ILE A 1 127 ? 5.398   -5.167  7.838   1.00 40.93 ? 127  ILE A CA  1 
ATOM   929  C  C   . ILE A 1 127 ? 5.344   -6.224  6.732   1.00 42.22 ? 127  ILE A C   1 
ATOM   930  O  O   . ILE A 1 127 ? 4.255   -6.655  6.316   1.00 41.91 ? 127  ILE A O   1 
ATOM   931  C  CB  . ILE A 1 127 ? 4.786   -5.716  9.173   1.00 40.75 ? 127  ILE A CB  1 
ATOM   932  C  CG1 . ILE A 1 127 ? 4.539   -4.591  10.199  1.00 41.32 ? 127  ILE A CG1 1 
ATOM   933  C  CG2 . ILE A 1 127 ? 5.661   -6.839  9.772   1.00 40.07 ? 127  ILE A CG2 1 
ATOM   934  C  CD1 . ILE A 1 127 ? 5.796   -3.854  10.698  1.00 42.28 ? 127  ILE A CD1 1 
ATOM   935  N  N   . PHE A 1 128 ? 6.524   -6.624  6.261   1.00 43.67 ? 128  PHE A N   1 
ATOM   936  C  CA  . PHE A 1 128 ? 6.649   -7.438  5.058   1.00 45.67 ? 128  PHE A CA  1 
ATOM   937  C  C   . PHE A 1 128 ? 7.845   -8.394  5.122   1.00 46.96 ? 128  PHE A C   1 
ATOM   938  O  O   . PHE A 1 128 ? 8.976   -7.953  5.356   1.00 46.53 ? 128  PHE A O   1 
ATOM   939  C  CB  . PHE A 1 128 ? 6.769   -6.531  3.826   1.00 46.02 ? 128  PHE A CB  1 
ATOM   940  C  CG  . PHE A 1 128 ? 7.118   -7.256  2.558   1.00 47.17 ? 128  PHE A CG  1 
ATOM   941  C  CD1 . PHE A 1 128 ? 6.145   -7.979  1.856   1.00 48.04 ? 128  PHE A CD1 1 
ATOM   942  C  CD2 . PHE A 1 128 ? 8.423   -7.205  2.050   1.00 48.60 ? 128  PHE A CD2 1 
ATOM   943  C  CE1 . PHE A 1 128 ? 6.463   -8.659  0.674   1.00 48.34 ? 128  PHE A CE1 1 
ATOM   944  C  CE2 . PHE A 1 128 ? 8.761   -7.879  0.865   1.00 49.58 ? 128  PHE A CE2 1 
ATOM   945  C  CZ  . PHE A 1 128 ? 7.777   -8.613  0.174   1.00 48.96 ? 128  PHE A CZ  1 
ATOM   946  N  N   . PRO A 1 129 ? 7.602   -9.701  4.864   1.00 48.30 ? 129  PRO A N   1 
ATOM   947  C  CA  . PRO A 1 129 ? 6.309   -10.301 4.514   1.00 49.09 ? 129  PRO A CA  1 
ATOM   948  C  C   . PRO A 1 129 ? 5.522   -10.832 5.708   1.00 49.90 ? 129  PRO A C   1 
ATOM   949  O  O   . PRO A 1 129 ? 6.031   -11.646 6.473   1.00 50.12 ? 129  PRO A O   1 
ATOM   950  C  CB  . PRO A 1 129 ? 6.704   -11.447 3.584   1.00 48.79 ? 129  PRO A CB  1 
ATOM   951  C  CG  . PRO A 1 129 ? 8.107   -11.813 3.986   1.00 48.92 ? 129  PRO A CG  1 
ATOM   952  C  CD  . PRO A 1 129 ? 8.675   -10.708 4.851   1.00 48.68 ? 129  PRO A CD  1 
ATOM   953  N  N   . SER A 1 130 ? 4.270   -10.397 5.830   1.00 51.04 ? 130  SER A N   1 
ATOM   954  C  CA  . SER A 1 130 ? 3.478   -10.629 7.043   1.00 51.81 ? 130  SER A CA  1 
ATOM   955  C  C   . SER A 1 130 ? 3.054   -12.079 7.311   1.00 52.39 ? 130  SER A C   1 
ATOM   956  O  O   . SER A 1 130 ? 2.910   -12.465 8.472   1.00 52.61 ? 130  SER A O   1 
ATOM   957  C  CB  . SER A 1 130 ? 2.251   -9.716  7.049   1.00 51.95 ? 130  SER A CB  1 
ATOM   958  O  OG  . SER A 1 130 ? 2.633   -8.351  7.132   1.00 52.82 ? 130  SER A OG  1 
ATOM   959  N  N   . SER A 1 131 ? 2.850   -12.872 6.255   1.00 52.97 ? 131  SER A N   1 
ATOM   960  C  CA  . SER A 1 131 ? 2.299   -14.237 6.395   1.00 53.22 ? 131  SER A CA  1 
ATOM   961  C  C   . SER A 1 131 ? 3.193   -15.169 7.210   1.00 53.35 ? 131  SER A C   1 
ATOM   962  O  O   . SER A 1 131 ? 2.714   -15.859 8.124   1.00 53.38 ? 131  SER A O   1 
ATOM   963  C  CB  . SER A 1 131 ? 1.984   -14.863 5.031   1.00 53.24 ? 131  SER A CB  1 
ATOM   964  O  OG  . SER A 1 131 ? 0.807   -14.299 4.474   1.00 53.17 ? 131  SER A OG  1 
ATOM   965  N  N   . ALA A 1 132 ? 4.484   -15.175 6.876   1.00 53.21 ? 132  ALA A N   1 
ATOM   966  C  CA  . ALA A 1 132 ? 5.483   -15.974 7.585   1.00 53.09 ? 132  ALA A CA  1 
ATOM   967  C  C   . ALA A 1 132 ? 5.582   -15.608 9.065   1.00 53.07 ? 132  ALA A C   1 
ATOM   968  O  O   . ALA A 1 132 ? 5.874   -16.463 9.912   1.00 53.08 ? 132  ALA A O   1 
ATOM   969  C  CB  . ALA A 1 132 ? 6.827   -15.810 6.926   1.00 53.47 ? 132  ALA A CB  1 
ATOM   970  N  N   . PHE A 1 133 ? 5.331   -14.336 9.370   1.00 52.81 ? 133  PHE A N   1 
ATOM   971  C  CA  . PHE A 1 133 ? 5.427   -13.837 10.733  1.00 52.57 ? 133  PHE A CA  1 
ATOM   972  C  C   . PHE A 1 133 ? 4.173   -14.151 11.554  1.00 52.30 ? 133  PHE A C   1 
ATOM   973  O  O   . PHE A 1 133 ? 4.273   -14.523 12.727  1.00 52.55 ? 133  PHE A O   1 
ATOM   974  C  CB  . PHE A 1 133 ? 5.725   -12.328 10.737  1.00 52.63 ? 133  PHE A CB  1 
ATOM   975  C  CG  . PHE A 1 133 ? 7.139   -11.977 10.320  1.00 52.77 ? 133  PHE A CG  1 
ATOM   976  C  CD1 . PHE A 1 133 ? 8.245   -12.508 11.002  1.00 53.23 ? 133  PHE A CD1 1 
ATOM   977  C  CD2 . PHE A 1 133 ? 7.369   -11.094 9.267   1.00 51.74 ? 133  PHE A CD2 1 
ATOM   978  C  CE1 . PHE A 1 133 ? 9.553   -12.177 10.623  1.00 52.54 ? 133  PHE A CE1 1 
ATOM   979  C  CE2 . PHE A 1 133 ? 8.666   -10.756 8.881   1.00 51.89 ? 133  PHE A CE2 1 
ATOM   980  C  CZ  . PHE A 1 133 ? 9.762   -11.301 9.561   1.00 52.55 ? 133  PHE A CZ  1 
ATOM   981  N  N   . GLY A 1 134 ? 3.003   -14.012 10.930  1.00 51.59 ? 134  GLY A N   1 
ATOM   982  C  CA  . GLY A 1 134 ? 1.730   -14.186 11.623  1.00 50.79 ? 134  GLY A CA  1 
ATOM   983  C  C   . GLY A 1 134 ? 1.351   -12.967 12.452  1.00 50.38 ? 134  GLY A C   1 
ATOM   984  O  O   . GLY A 1 134 ? 2.203   -12.114 12.731  1.00 50.38 ? 134  GLY A O   1 
ATOM   985  N  N   . PRO A 1 135 ? 0.068   -12.876 12.859  1.00 49.91 ? 135  PRO A N   1 
ATOM   986  C  CA  . PRO A 1 135 ? -0.499  -11.729 13.591  1.00 49.36 ? 135  PRO A CA  1 
ATOM   987  C  C   . PRO A 1 135 ? 0.146   -11.438 14.946  1.00 48.83 ? 135  PRO A C   1 
ATOM   988  O  O   . PRO A 1 135 ? 0.224   -10.270 15.354  1.00 48.34 ? 135  PRO A O   1 
ATOM   989  C  CB  . PRO A 1 135 ? -1.969  -12.126 13.784  1.00 49.39 ? 135  PRO A CB  1 
ATOM   990  C  CG  . PRO A 1 135 ? -2.229  -13.128 12.717  1.00 49.82 ? 135  PRO A CG  1 
ATOM   991  C  CD  . PRO A 1 135 ? -0.954  -13.905 12.604  1.00 49.90 ? 135  PRO A CD  1 
ATOM   992  N  N   . GLN A 1 136 ? 0.599   -12.483 15.635  1.00 48.42 ? 136  GLN A N   1 
ATOM   993  C  CA  . GLN A 1 136 ? 1.203   -12.319 16.956  1.00 48.19 ? 136  GLN A CA  1 
ATOM   994  C  C   . GLN A 1 136 ? 2.520   -11.526 16.915  1.00 47.64 ? 136  GLN A C   1 
ATOM   995  O  O   . GLN A 1 136 ? 2.802   -10.740 17.824  1.00 47.20 ? 136  GLN A O   1 
ATOM   996  C  CB  . GLN A 1 136 ? 1.345   -13.672 17.664  1.00 48.57 ? 136  GLN A CB  1 
ATOM   997  C  CG  . GLN A 1 136 ? 0.061   -14.077 18.394  1.00 49.83 ? 136  GLN A CG  1 
ATOM   998  C  CD  . GLN A 1 136 ? -0.118  -15.581 18.543  1.00 51.46 ? 136  GLN A CD  1 
ATOM   999  O  OE1 . GLN A 1 136 ? 0.757   -16.286 19.055  1.00 51.95 ? 136  GLN A OE1 1 
ATOM   1000 N  NE2 . GLN A 1 136 ? -1.277  -16.077 18.112  1.00 51.92 ? 136  GLN A NE2 1 
ATOM   1001 N  N   . TYR A 1 137 ? 3.295   -11.713 15.844  1.00 47.34 ? 137  TYR A N   1 
ATOM   1002 C  CA  . TYR A 1 137 ? 4.486   -10.893 15.579  1.00 46.99 ? 137  TYR A CA  1 
ATOM   1003 C  C   . TYR A 1 137 ? 4.121   -9.408  15.520  1.00 46.86 ? 137  TYR A C   1 
ATOM   1004 O  O   . TYR A 1 137 ? 4.749   -8.579  16.185  1.00 47.03 ? 137  TYR A O   1 
ATOM   1005 C  CB  . TYR A 1 137 ? 5.157   -11.324 14.269  1.00 46.83 ? 137  TYR A CB  1 
ATOM   1006 C  CG  . TYR A 1 137 ? 6.549   -10.755 14.054  1.00 46.51 ? 137  TYR A CG  1 
ATOM   1007 C  CD1 . TYR A 1 137 ? 7.674   -11.398 14.575  1.00 46.10 ? 137  TYR A CD1 1 
ATOM   1008 C  CD2 . TYR A 1 137 ? 6.742   -9.584  13.321  1.00 45.87 ? 137  TYR A CD2 1 
ATOM   1009 C  CE1 . TYR A 1 137 ? 8.959   -10.882 14.375  1.00 45.85 ? 137  TYR A CE1 1 
ATOM   1010 C  CE2 . TYR A 1 137 ? 8.019   -9.061  13.120  1.00 45.75 ? 137  TYR A CE2 1 
ATOM   1011 C  CZ  . TYR A 1 137 ? 9.123   -9.713  13.652  1.00 45.32 ? 137  TYR A CZ  1 
ATOM   1012 O  OH  . TYR A 1 137 ? 10.386  -9.205  13.460  1.00 44.02 ? 137  TYR A OH  1 
ATOM   1013 N  N   . ILE A 1 138 ? 3.090   -9.086  14.739  1.00 46.49 ? 138  ILE A N   1 
ATOM   1014 C  CA  . ILE A 1 138 ? 2.615   -7.707  14.601  1.00 46.17 ? 138  ILE A CA  1 
ATOM   1015 C  C   . ILE A 1 138 ? 2.142   -7.102  15.926  1.00 45.84 ? 138  ILE A C   1 
ATOM   1016 O  O   . ILE A 1 138 ? 2.527   -5.976  16.269  1.00 45.88 ? 138  ILE A O   1 
ATOM   1017 C  CB  . ILE A 1 138 ? 1.541   -7.587  13.490  1.00 46.28 ? 138  ILE A CB  1 
ATOM   1018 C  CG1 . ILE A 1 138 ? 2.188   -7.892  12.132  1.00 46.28 ? 138  ILE A CG1 1 
ATOM   1019 C  CG2 . ILE A 1 138 ? 0.875   -6.195  13.507  1.00 46.23 ? 138  ILE A CG2 1 
ATOM   1020 C  CD1 . ILE A 1 138 ? 1.270   -7.741  10.937  1.00 47.17 ? 138  ILE A CD1 1 
ATOM   1021 N  N   . LYS A 1 139 ? 1.331   -7.855  16.667  1.00 45.27 ? 139  LYS A N   1 
ATOM   1022 C  CA  . LYS A 1 139 ? 0.857   -7.426  17.982  1.00 44.75 ? 139  LYS A CA  1 
ATOM   1023 C  C   . LYS A 1 139 ? 2.000   -7.172  18.974  1.00 44.53 ? 139  LYS A C   1 
ATOM   1024 O  O   . LYS A 1 139 ? 1.918   -6.256  19.807  1.00 44.43 ? 139  LYS A O   1 
ATOM   1025 C  CB  . LYS A 1 139 ? -0.124  -8.453  18.556  1.00 44.74 ? 139  LYS A CB  1 
ATOM   1026 C  CG  . LYS A 1 139 ? -0.721  -8.048  19.895  1.00 44.98 ? 139  LYS A CG  1 
ATOM   1027 C  CD  . LYS A 1 139 ? -1.721  -9.063  20.419  1.00 45.15 ? 139  LYS A CD  1 
ATOM   1028 C  CE  . LYS A 1 139 ? -2.442  -8.512  21.645  1.00 45.06 ? 139  LYS A CE  1 
ATOM   1029 N  NZ  . LYS A 1 139 ? -3.271  -9.542  22.332  1.00 44.69 ? 139  LYS A NZ  1 
ATOM   1030 N  N   . ALA A 1 140 ? 3.052   -7.993  18.893  1.00 43.91 ? 140  ALA A N   1 
ATOM   1031 C  CA  . ALA A 1 140 ? 4.232   -7.834  19.752  1.00 43.40 ? 140  ALA A CA  1 
ATOM   1032 C  C   . ALA A 1 140 ? 4.965   -6.525  19.460  1.00 43.17 ? 140  ALA A C   1 
ATOM   1033 O  O   . ALA A 1 140 ? 5.419   -5.848  20.382  1.00 43.06 ? 140  ALA A O   1 
ATOM   1034 C  CB  . ALA A 1 140 ? 5.171   -9.027  19.612  1.00 43.15 ? 140  ALA A CB  1 
ATOM   1035 N  N   . LEU A 1 141 ? 5.058   -6.172  18.177  1.00 43.19 ? 141  LEU A N   1 
ATOM   1036 C  CA  . LEU A 1 141 ? 5.661   -4.908  17.747  1.00 43.33 ? 141  LEU A CA  1 
ATOM   1037 C  C   . LEU A 1 141 ? 4.839   -3.704  18.190  1.00 43.65 ? 141  LEU A C   1 
ATOM   1038 O  O   . LEU A 1 141 ? 5.371   -2.783  18.820  1.00 43.86 ? 141  LEU A O   1 
ATOM   1039 C  CB  . LEU A 1 141 ? 5.858   -4.883  16.225  1.00 43.30 ? 141  LEU A CB  1 
ATOM   1040 C  CG  . LEU A 1 141 ? 6.941   -5.788  15.619  1.00 42.82 ? 141  LEU A CG  1 
ATOM   1041 C  CD1 . LEU A 1 141 ? 7.023   -5.588  14.101  1.00 42.34 ? 141  LEU A CD1 1 
ATOM   1042 C  CD2 . LEU A 1 141 ? 8.302   -5.553  16.270  1.00 41.82 ? 141  LEU A CD2 1 
ATOM   1043 N  N   . LYS A 1 142 ? 3.541   -3.725  17.876  1.00 43.75 ? 142  LYS A N   1 
ATOM   1044 C  CA  . LYS A 1 142 ? 2.614   -2.654  18.251  1.00 43.48 ? 142  LYS A CA  1 
ATOM   1045 C  C   . LYS A 1 142 ? 2.717   -2.262  19.721  1.00 43.73 ? 142  LYS A C   1 
ATOM   1046 O  O   . LYS A 1 142 ? 2.523   -1.092  20.078  1.00 43.86 ? 142  LYS A O   1 
ATOM   1047 C  CB  . LYS A 1 142 ? 1.173   -3.068  17.943  1.00 43.67 ? 142  LYS A CB  1 
ATOM   1048 C  CG  . LYS A 1 142 ? 0.800   -3.073  16.455  1.00 42.93 ? 142  LYS A CG  1 
ATOM   1049 C  CD  . LYS A 1 142 ? 0.541   -1.669  15.936  1.00 42.12 ? 142  LYS A CD  1 
ATOM   1050 C  CE  . LYS A 1 142 ? -0.645  -1.017  16.629  1.00 41.20 ? 142  LYS A CE  1 
ATOM   1051 N  NZ  . LYS A 1 142 ? -0.560  0.450   16.478  1.00 41.45 ? 142  LYS A NZ  1 
ATOM   1052 N  N   . ALA A 1 143 ? 3.026   -3.246  20.567  1.00 43.45 ? 143  ALA A N   1 
ATOM   1053 C  CA  . ALA A 1 143 ? 3.123   -3.034  22.002  1.00 43.40 ? 143  ALA A CA  1 
ATOM   1054 C  C   . ALA A 1 143 ? 4.338   -2.191  22.385  1.00 43.46 ? 143  ALA A C   1 
ATOM   1055 O  O   . ALA A 1 143 ? 4.471   -1.770  23.534  1.00 43.38 ? 143  ALA A O   1 
ATOM   1056 C  CB  . ALA A 1 143 ? 3.157   -4.373  22.725  1.00 43.39 ? 143  ALA A CB  1 
ATOM   1057 N  N   . VAL A 1 144 ? 5.220   -1.947  21.421  1.00 43.59 ? 144  VAL A N   1 
ATOM   1058 C  CA  . VAL A 1 144 ? 6.471   -1.242  21.700  1.00 43.66 ? 144  VAL A CA  1 
ATOM   1059 C  C   . VAL A 1 144 ? 6.668   -0.005  20.799  1.00 43.59 ? 144  VAL A C   1 
ATOM   1060 O  O   . VAL A 1 144 ? 7.407   0.919   21.150  1.00 43.42 ? 144  VAL A O   1 
ATOM   1061 C  CB  . VAL A 1 144 ? 7.690   -2.221  21.680  1.00 43.59 ? 144  VAL A CB  1 
ATOM   1062 C  CG1 . VAL A 1 144 ? 8.167   -2.512  20.224  1.00 43.60 ? 144  VAL A CG1 1 
ATOM   1063 C  CG2 . VAL A 1 144 ? 8.821   -1.674  22.547  1.00 43.70 ? 144  VAL A CG2 1 
ATOM   1064 N  N   . LEU A 1 145 ? 5.990   0.002   19.654  1.00 43.67 ? 145  LEU A N   1 
ATOM   1065 C  CA  . LEU A 1 145 ? 5.934   1.174   18.789  1.00 44.15 ? 145  LEU A CA  1 
ATOM   1066 C  C   . LEU A 1 145 ? 5.004   2.248   19.394  1.00 44.78 ? 145  LEU A C   1 
ATOM   1067 O  O   . LEU A 1 145 ? 4.158   1.928   20.239  1.00 44.71 ? 145  LEU A O   1 
ATOM   1068 C  CB  . LEU A 1 145 ? 5.455   0.767   17.391  1.00 44.10 ? 145  LEU A CB  1 
ATOM   1069 C  CG  . LEU A 1 145 ? 6.267   -0.279  16.613  1.00 43.77 ? 145  LEU A CG  1 
ATOM   1070 C  CD1 . LEU A 1 145 ? 5.481   -0.775  15.406  1.00 43.03 ? 145  LEU A CD1 1 
ATOM   1071 C  CD2 . LEU A 1 145 ? 7.622   0.273   16.181  1.00 43.63 ? 145  LEU A CD2 1 
ATOM   1072 N  N   . PRO A 1 146 ? 5.167   3.526   18.986  1.00 45.21 ? 146  PRO A N   1 
ATOM   1073 C  CA  . PRO A 1 146 ? 4.261   4.563   19.487  1.00 45.51 ? 146  PRO A CA  1 
ATOM   1074 C  C   . PRO A 1 146 ? 2.801   4.242   19.148  1.00 45.58 ? 146  PRO A C   1 
ATOM   1075 O  O   . PRO A 1 146 ? 2.509   3.800   18.026  1.00 45.48 ? 146  PRO A O   1 
ATOM   1076 C  CB  . PRO A 1 146 ? 4.725   5.824   18.745  1.00 45.68 ? 146  PRO A CB  1 
ATOM   1077 C  CG  . PRO A 1 146 ? 6.144   5.548   18.389  1.00 45.47 ? 146  PRO A CG  1 
ATOM   1078 C  CD  . PRO A 1 146 ? 6.173   4.087   18.066  1.00 45.30 ? 146  PRO A CD  1 
ATOM   1079 N  N   . SER A 1 147 ? 1.915   4.466   20.121  1.00 45.62 ? 147  SER A N   1 
ATOM   1080 C  CA  . SER A 1 147 ? 0.521   3.996   20.086  1.00 45.86 ? 147  SER A CA  1 
ATOM   1081 C  C   . SER A 1 147 ? -0.291  4.390   18.848  1.00 45.82 ? 147  SER A C   1 
ATOM   1082 O  O   . SER A 1 147 ? -1.247  3.699   18.495  1.00 46.01 ? 147  SER A O   1 
ATOM   1083 C  CB  . SER A 1 147 ? -0.226  4.389   21.372  1.00 46.07 ? 147  SER A CB  1 
ATOM   1084 O  OG  . SER A 1 147 ? -0.325  5.796   21.523  1.00 46.47 ? 147  SER A OG  1 
ATOM   1085 N  N   . ASP A 1 148 ? 0.095   5.480   18.187  1.00 45.76 ? 148  ASP A N   1 
ATOM   1086 C  CA  . ASP A 1 148 ? -0.676  6.025   17.065  1.00 45.60 ? 148  ASP A CA  1 
ATOM   1087 C  C   . ASP A 1 148 ? -0.054  5.770   15.686  1.00 45.20 ? 148  ASP A C   1 
ATOM   1088 O  O   . ASP A 1 148 ? -0.429  6.408   14.692  1.00 45.05 ? 148  ASP A O   1 
ATOM   1089 C  CB  . ASP A 1 148 ? -0.905  7.529   17.269  1.00 46.03 ? 148  ASP A CB  1 
ATOM   1090 C  CG  . ASP A 1 148 ? 0.381   8.345   17.137  1.00 47.18 ? 148  ASP A CG  1 
ATOM   1091 O  OD1 . ASP A 1 148 ? 1.494   7.784   17.321  1.00 47.70 ? 148  ASP A OD1 1 
ATOM   1092 O  OD2 . ASP A 1 148 ? 0.273   9.560   16.847  1.00 48.61 ? 148  ASP A OD2 1 
ATOM   1093 N  N   . ILE A 1 149 ? 0.896   4.843   15.622  1.00 44.69 ? 149  ILE A N   1 
ATOM   1094 C  CA  . ILE A 1 149 ? 1.515   4.490   14.345  1.00 44.10 ? 149  ILE A CA  1 
ATOM   1095 C  C   . ILE A 1 149 ? 0.588   3.575   13.547  1.00 43.20 ? 149  ILE A C   1 
ATOM   1096 O  O   . ILE A 1 149 ? 0.105   2.554   14.062  1.00 43.05 ? 149  ILE A O   1 
ATOM   1097 C  CB  . ILE A 1 149 ? 2.944   3.888   14.532  1.00 44.47 ? 149  ILE A CB  1 
ATOM   1098 C  CG1 . ILE A 1 149 ? 3.882   4.917   15.202  1.00 45.57 ? 149  ILE A CG1 1 
ATOM   1099 C  CG2 . ILE A 1 149 ? 3.527   3.390   13.206  1.00 43.80 ? 149  ILE A CG2 1 
ATOM   1100 C  CD1 . ILE A 1 149 ? 4.055   6.261   14.439  1.00 46.79 ? 149  ILE A CD1 1 
ATOM   1101 N  N   . ALA A 1 150 ? 0.315   3.981   12.308  1.00 41.99 ? 150  ALA A N   1 
ATOM   1102 C  CA  . ALA A 1 150 ? -0.489  3.196   11.385  1.00 41.08 ? 150  ALA A CA  1 
ATOM   1103 C  C   . ALA A 1 150 ? 0.361   2.075   10.762  1.00 40.56 ? 150  ALA A C   1 
ATOM   1104 O  O   . ALA A 1 150 ? 1.358   2.334   10.082  1.00 40.18 ? 150  ALA A O   1 
ATOM   1105 C  CB  . ALA A 1 150 ? -1.090  4.100   10.314  1.00 41.21 ? 150  ALA A CB  1 
ATOM   1106 N  N   . VAL A 1 151 ? -0.045  0.833   11.016  1.00 40.00 ? 151  VAL A N   1 
ATOM   1107 C  CA  . VAL A 1 151 ? 0.726   -0.361  10.648  1.00 39.36 ? 151  VAL A CA  1 
ATOM   1108 C  C   . VAL A 1 151 ? -0.055  -1.237  9.658   1.00 38.99 ? 151  VAL A C   1 
ATOM   1109 O  O   . VAL A 1 151 ? -1.203  -1.591  9.904   1.00 39.19 ? 151  VAL A O   1 
ATOM   1110 C  CB  . VAL A 1 151 ? 1.112   -1.178  11.908  1.00 39.27 ? 151  VAL A CB  1 
ATOM   1111 C  CG1 . VAL A 1 151 ? 1.851   -2.452  11.534  1.00 39.37 ? 151  VAL A CG1 1 
ATOM   1112 C  CG2 . VAL A 1 151 ? 1.958   -0.331  12.862  1.00 39.26 ? 151  VAL A CG2 1 
ATOM   1113 N  N   . PHE A 1 152 ? 0.583   -1.583  8.546   1.00 38.52 ? 152  PHE A N   1 
ATOM   1114 C  CA  . PHE A 1 152 ? -0.069  -2.326  7.466   1.00 38.34 ? 152  PHE A CA  1 
ATOM   1115 C  C   . PHE A 1 152 ? 0.540   -3.702  7.284   1.00 38.20 ? 152  PHE A C   1 
ATOM   1116 O  O   . PHE A 1 152 ? 1.756   -3.840  7.246   1.00 38.57 ? 152  PHE A O   1 
ATOM   1117 C  CB  . PHE A 1 152 ? 0.013   -1.531  6.148   1.00 37.98 ? 152  PHE A CB  1 
ATOM   1118 C  CG  . PHE A 1 152 ? -0.887  -0.330  6.117   1.00 38.15 ? 152  PHE A CG  1 
ATOM   1119 C  CD1 . PHE A 1 152 ? -2.079  -0.361  5.403   1.00 37.95 ? 152  PHE A CD1 1 
ATOM   1120 C  CD2 . PHE A 1 152 ? -0.566  0.822   6.838   1.00 38.48 ? 152  PHE A CD2 1 
ATOM   1121 C  CE1 . PHE A 1 152 ? -2.937  0.753   5.387   1.00 39.14 ? 152  PHE A CE1 1 
ATOM   1122 C  CE2 . PHE A 1 152 ? -1.422  1.941   6.837   1.00 38.38 ? 152  PHE A CE2 1 
ATOM   1123 C  CZ  . PHE A 1 152 ? -2.608  1.902   6.109   1.00 37.89 ? 152  PHE A CZ  1 
ATOM   1124 N  N   . ALA A 1 153 ? -0.306  -4.723  7.192   1.00 38.18 ? 153  ALA A N   1 
ATOM   1125 C  CA  . ALA A 1 153 ? 0.171   -6.053  6.841   1.00 38.27 ? 153  ALA A CA  1 
ATOM   1126 C  C   . ALA A 1 153 ? 0.299   -6.171  5.320   1.00 38.28 ? 153  ALA A C   1 
ATOM   1127 O  O   . ALA A 1 153 ? -0.621  -5.816  4.585   1.00 38.09 ? 153  ALA A O   1 
ATOM   1128 C  CB  . ALA A 1 153 ? -0.758  -7.133  7.389   1.00 38.03 ? 153  ALA A CB  1 
ATOM   1129 N  N   . VAL A 1 154 ? 1.449   -6.651  4.855   1.00 38.50 ? 154  VAL A N   1 
ATOM   1130 C  CA  . VAL A 1 154 ? 1.642   -6.912  3.436   1.00 38.82 ? 154  VAL A CA  1 
ATOM   1131 C  C   . VAL A 1 154 ? 2.316   -8.257  3.280   1.00 39.71 ? 154  VAL A C   1 
ATOM   1132 O  O   . VAL A 1 154 ? 3.343   -8.537  3.903   1.00 40.52 ? 154  VAL A O   1 
ATOM   1133 C  CB  . VAL A 1 154 ? 2.453   -5.784  2.700   1.00 38.66 ? 154  VAL A CB  1 
ATOM   1134 C  CG1 . VAL A 1 154 ? 2.510   -6.035  1.203   1.00 37.42 ? 154  VAL A CG1 1 
ATOM   1135 C  CG2 . VAL A 1 154 ? 1.849   -4.401  2.956   1.00 37.99 ? 154  VAL A CG2 1 
ATOM   1136 N  N   . GLY A 1 155 ? 1.719   -9.108  2.458   1.00 40.47 ? 155  GLY A N   1 
ATOM   1137 C  CA  . GLY A 1 155 ? 2.308   -10.400 2.149   1.00 41.02 ? 155  GLY A CA  1 
ATOM   1138 C  C   . GLY A 1 155 ? 1.337   -11.501 2.475   1.00 41.54 ? 155  GLY A C   1 
ATOM   1139 O  O   . GLY A 1 155 ? 1.212   -11.901 3.635   1.00 41.75 ? 155  GLY A O   1 
ATOM   1140 N  N   . GLY A 1 156 ? 0.642   -11.978 1.446   1.00 41.96 ? 156  GLY A N   1 
ATOM   1141 C  CA  . GLY A 1 156 ? -0.333  -13.062 1.593   1.00 42.56 ? 156  GLY A CA  1 
ATOM   1142 C  C   . GLY A 1 156 ? -1.527  -12.730 2.475   1.00 42.56 ? 156  GLY A C   1 
ATOM   1143 O  O   . GLY A 1 156 ? -1.942  -13.548 3.298   1.00 43.07 ? 156  GLY A O   1 
ATOM   1144 N  N   . VAL A 1 157 ? -2.074  -11.529 2.322   1.00 42.72 ? 157  VAL A N   1 
ATOM   1145 C  CA  . VAL A 1 157 ? -3.284  -11.151 3.056   1.00 42.71 ? 157  VAL A CA  1 
ATOM   1146 C  C   . VAL A 1 157 ? -4.495  -11.500 2.208   1.00 42.91 ? 157  VAL A C   1 
ATOM   1147 O  O   . VAL A 1 157 ? -4.590  -11.086 1.042   1.00 42.56 ? 157  VAL A O   1 
ATOM   1148 C  CB  . VAL A 1 157 ? -3.304  -9.651  3.438   1.00 42.87 ? 157  VAL A CB  1 
ATOM   1149 C  CG1 . VAL A 1 157 ? -4.600  -9.294  4.207   1.00 42.64 ? 157  VAL A CG1 1 
ATOM   1150 C  CG2 . VAL A 1 157 ? -2.062  -9.286  4.260   1.00 42.45 ? 157  VAL A CG2 1 
ATOM   1151 N  N   . THR A 1 158 ? -5.410  -12.271 2.796   1.00 43.21 ? 158  THR A N   1 
ATOM   1152 C  CA  . THR A 1 158 ? -6.607  -12.735 2.091   1.00 43.60 ? 158  THR A CA  1 
ATOM   1153 C  C   . THR A 1 158 ? -7.887  -12.157 2.717   1.00 43.72 ? 158  THR A C   1 
ATOM   1154 O  O   . THR A 1 158 ? -7.849  -11.682 3.857   1.00 43.80 ? 158  THR A O   1 
ATOM   1155 C  CB  . THR A 1 158 ? -6.676  -14.281 2.075   1.00 43.50 ? 158  THR A CB  1 
ATOM   1156 O  OG1 . THR A 1 158 ? -6.893  -14.769 3.404   1.00 44.04 ? 158  THR A OG1 1 
ATOM   1157 C  CG2 . THR A 1 158 ? -5.384  -14.880 1.510   1.00 43.92 ? 158  THR A CG2 1 
ATOM   1158 N  N   . PRO A 1 159 ? -9.023  -12.180 1.977   1.00 43.80 ? 159  PRO A N   1 
ATOM   1159 C  CA  . PRO A 1 159 ? -10.294 -11.815 2.618   1.00 43.95 ? 159  PRO A CA  1 
ATOM   1160 C  C   . PRO A 1 159 ? -10.584 -12.698 3.831   1.00 44.12 ? 159  PRO A C   1 
ATOM   1161 O  O   . PRO A 1 159 ? -11.215 -12.242 4.786   1.00 44.07 ? 159  PRO A O   1 
ATOM   1162 C  CB  . PRO A 1 159 ? -11.332 -12.069 1.518   1.00 43.76 ? 159  PRO A CB  1 
ATOM   1163 C  CG  . PRO A 1 159 ? -10.560 -11.952 0.238   1.00 43.61 ? 159  PRO A CG  1 
ATOM   1164 C  CD  . PRO A 1 159 ? -9.212  -12.522 0.551   1.00 43.69 ? 159  PRO A CD  1 
ATOM   1165 N  N   . GLU A 1 160 ? -10.101 -13.940 3.791   1.00 44.57 ? 160  GLU A N   1 
ATOM   1166 C  CA  . GLU A 1 160 ? -10.337 -14.925 4.856   1.00 44.99 ? 160  GLU A CA  1 
ATOM   1167 C  C   . GLU A 1 160 ? -9.468  -14.690 6.093   1.00 45.01 ? 160  GLU A C   1 
ATOM   1168 O  O   . GLU A 1 160 ? -9.910  -14.945 7.213   1.00 45.14 ? 160  GLU A O   1 
ATOM   1169 C  CB  . GLU A 1 160 ? -10.126 -16.352 4.338   1.00 45.02 ? 160  GLU A CB  1 
ATOM   1170 C  CG  . GLU A 1 160 ? -11.260 -16.896 3.475   1.00 45.83 ? 160  GLU A CG  1 
ATOM   1171 C  CD  . GLU A 1 160 ? -11.375 -16.209 2.122   1.00 47.41 ? 160  GLU A CD  1 
ATOM   1172 O  OE1 . GLU A 1 160 ? -10.331 -15.872 1.514   1.00 47.68 ? 160  GLU A OE1 1 
ATOM   1173 O  OE2 . GLU A 1 160 ? -12.521 -16.004 1.666   1.00 48.34 ? 160  GLU A OE2 1 
ATOM   1174 N  N   . ASN A 1 161 ? -8.239  -14.216 5.891   1.00 45.07 ? 161  ASN A N   1 
ATOM   1175 C  CA  . ASN A 1 161 ? -7.328  -13.983 7.022   1.00 45.10 ? 161  ASN A CA  1 
ATOM   1176 C  C   . ASN A 1 161 ? -7.232  -12.515 7.480   1.00 44.79 ? 161  ASN A C   1 
ATOM   1177 O  O   . ASN A 1 161 ? -6.635  -12.223 8.523   1.00 44.92 ? 161  ASN A O   1 
ATOM   1178 C  CB  . ASN A 1 161 ? -5.935  -14.598 6.761   1.00 45.06 ? 161  ASN A CB  1 
ATOM   1179 C  CG  . ASN A 1 161 ? -5.045  -13.728 5.888   1.00 45.90 ? 161  ASN A CG  1 
ATOM   1180 O  OD1 . ASN A 1 161 ? -5.477  -12.709 5.343   1.00 46.68 ? 161  ASN A OD1 1 
ATOM   1181 N  ND2 . ASN A 1 161 ? -3.781  -14.132 5.749   1.00 46.51 ? 161  ASN A ND2 1 
ATOM   1182 N  N   . LEU A 1 162 ? -7.837  -11.610 6.708   1.00 44.07 ? 162  LEU A N   1 
ATOM   1183 C  CA  . LEU A 1 162 ? -7.799  -10.174 7.002   1.00 43.49 ? 162  LEU A CA  1 
ATOM   1184 C  C   . LEU A 1 162 ? -8.171  -9.825  8.450   1.00 43.43 ? 162  LEU A C   1 
ATOM   1185 O  O   . LEU A 1 162 ? -7.491  -9.016  9.091   1.00 43.08 ? 162  LEU A O   1 
ATOM   1186 C  CB  . LEU A 1 162 ? -8.684  -9.396  6.017   1.00 43.50 ? 162  LEU A CB  1 
ATOM   1187 C  CG  . LEU A 1 162 ? -8.731  -7.864  6.120   1.00 43.29 ? 162  LEU A CG  1 
ATOM   1188 C  CD1 . LEU A 1 162 ? -7.343  -7.219  5.965   1.00 41.64 ? 162  LEU A CD1 1 
ATOM   1189 C  CD2 . LEU A 1 162 ? -9.724  -7.290  5.103   1.00 43.04 ? 162  LEU A CD2 1 
ATOM   1190 N  N   . ALA A 1 163 ? -9.233  -10.451 8.962   1.00 43.21 ? 163  ALA A N   1 
ATOM   1191 C  CA  . ALA A 1 163 ? -9.745  -10.149 10.304  1.00 43.21 ? 163  ALA A CA  1 
ATOM   1192 C  C   . ALA A 1 163 ? -8.712  -10.338 11.419  1.00 43.17 ? 163  ALA A C   1 
ATOM   1193 O  O   . ALA A 1 163 ? -8.764  -9.647  12.437  1.00 43.11 ? 163  ALA A O   1 
ATOM   1194 C  CB  . ALA A 1 163 ? -11.012 -10.956 10.602  1.00 42.99 ? 163  ALA A CB  1 
ATOM   1195 N  N   . GLN A 1 164 ? -7.774  -11.263 11.230  1.00 43.20 ? 164  GLN A N   1 
ATOM   1196 C  CA  . GLN A 1 164 ? -6.794  -11.538 12.281  1.00 43.35 ? 164  GLN A CA  1 
ATOM   1197 C  C   . GLN A 1 164 ? -5.646  -10.523 12.311  1.00 42.85 ? 164  GLN A C   1 
ATOM   1198 O  O   . GLN A 1 164 ? -5.024  -10.326 13.356  1.00 43.19 ? 164  GLN A O   1 
ATOM   1199 C  CB  . GLN A 1 164 ? -6.301  -12.994 12.254  1.00 43.26 ? 164  GLN A CB  1 
ATOM   1200 C  CG  . GLN A 1 164 ? -5.560  -13.417 11.006  1.00 44.01 ? 164  GLN A CG  1 
ATOM   1201 C  CD  . GLN A 1 164 ? -5.067  -14.854 11.074  1.00 44.71 ? 164  GLN A CD  1 
ATOM   1202 O  OE1 . GLN A 1 164 ? -5.782  -15.755 11.515  1.00 45.77 ? 164  GLN A OE1 1 
ATOM   1203 N  NE2 . GLN A 1 164 ? -3.833  -15.075 10.622  1.00 46.58 ? 164  GLN A NE2 1 
ATOM   1204 N  N   . TRP A 1 165 ? -5.388  -9.877  11.176  1.00 42.23 ? 165  TRP A N   1 
ATOM   1205 C  CA  . TRP A 1 165 ? -4.490  -8.715  11.127  1.00 41.64 ? 165  TRP A CA  1 
ATOM   1206 C  C   . TRP A 1 165 ? -5.134  -7.488  11.785  1.00 41.13 ? 165  TRP A C   1 
ATOM   1207 O  O   . TRP A 1 165 ? -4.449  -6.675  12.405  1.00 40.91 ? 165  TRP A O   1 
ATOM   1208 C  CB  . TRP A 1 165 ? -4.088  -8.386  9.681   1.00 41.82 ? 165  TRP A CB  1 
ATOM   1209 C  CG  . TRP A 1 165 ? -3.546  -9.566  8.922   1.00 42.13 ? 165  TRP A CG  1 
ATOM   1210 C  CD1 . TRP A 1 165 ? -4.141  -10.205 7.874   1.00 42.79 ? 165  TRP A CD1 1 
ATOM   1211 C  CD2 . TRP A 1 165 ? -2.315  -10.262 9.170   1.00 41.84 ? 165  TRP A CD2 1 
ATOM   1212 N  NE1 . TRP A 1 165 ? -3.358  -11.252 7.451   1.00 43.23 ? 165  TRP A NE1 1 
ATOM   1213 C  CE2 . TRP A 1 165 ? -2.231  -11.307 8.227   1.00 41.83 ? 165  TRP A CE2 1 
ATOM   1214 C  CE3 . TRP A 1 165 ? -1.280  -10.105 10.100  1.00 41.71 ? 165  TRP A CE3 1 
ATOM   1215 C  CZ2 . TRP A 1 165 ? -1.151  -12.186 8.176   1.00 41.57 ? 165  TRP A CZ2 1 
ATOM   1216 C  CZ3 . TRP A 1 165 ? -0.193  -10.980 10.043  1.00 42.60 ? 165  TRP A CZ3 1 
ATOM   1217 C  CH2 . TRP A 1 165 ? -0.144  -12.008 9.091   1.00 42.18 ? 165  TRP A CH2 1 
ATOM   1218 N  N   . ILE A 1 166 ? -6.450  -7.360  11.628  1.00 40.55 ? 166  ILE A N   1 
ATOM   1219 C  CA  . ILE A 1 166 ? -7.226  -6.306  12.279  1.00 39.96 ? 166  ILE A CA  1 
ATOM   1220 C  C   . ILE A 1 166 ? -7.224  -6.509  13.797  1.00 39.50 ? 166  ILE A C   1 
ATOM   1221 O  O   . ILE A 1 166 ? -6.970  -5.570  14.552  1.00 38.93 ? 166  ILE A O   1 
ATOM   1222 C  CB  . ILE A 1 166 ? -8.689  -6.235  11.719  1.00 39.93 ? 166  ILE A CB  1 
ATOM   1223 C  CG1 . ILE A 1 166 ? -8.700  -5.934  10.209  1.00 39.73 ? 166  ILE A CG1 1 
ATOM   1224 C  CG2 . ILE A 1 166 ? -9.535  -5.219  12.488  1.00 40.10 ? 166  ILE A CG2 1 
ATOM   1225 C  CD1 . ILE A 1 166 ? -7.967  -4.667  9.782   1.00 39.77 ? 166  ILE A CD1 1 
ATOM   1226 N  N   . ASP A 1 167 ? -7.487  -7.743  14.228  1.00 39.40 ? 167  ASP A N   1 
ATOM   1227 C  CA  . ASP A 1 167 ? -7.490  -8.108  15.646  1.00 39.61 ? 167  ASP A CA  1 
ATOM   1228 C  C   . ASP A 1 167 ? -6.137  -7.898  16.321  1.00 39.38 ? 167  ASP A C   1 
ATOM   1229 O  O   . ASP A 1 167 ? -6.079  -7.623  17.518  1.00 39.19 ? 167  ASP A O   1 
ATOM   1230 C  CB  . ASP A 1 167 ? -7.940  -9.561  15.830  1.00 39.88 ? 167  ASP A CB  1 
ATOM   1231 C  CG  . ASP A 1 167 ? -9.429  -9.759  15.553  1.00 41.18 ? 167  ASP A CG  1 
ATOM   1232 O  OD1 . ASP A 1 167 ? -10.109 -8.813  15.091  1.00 43.09 ? 167  ASP A OD1 1 
ATOM   1233 O  OD2 . ASP A 1 167 ? -9.928  -10.875 15.798  1.00 42.76 ? 167  ASP A OD2 1 
ATOM   1234 N  N   . ALA A 1 168 ? -5.066  -8.023  15.535  1.00 39.27 ? 168  ALA A N   1 
ATOM   1235 C  CA  . ALA A 1 168 ? -3.686  -7.829  15.993  1.00 39.19 ? 168  ALA A CA  1 
ATOM   1236 C  C   . ALA A 1 168 ? -3.305  -6.352  16.130  1.00 39.18 ? 168  ALA A C   1 
ATOM   1237 O  O   . ALA A 1 168 ? -2.282  -6.025  16.740  1.00 39.26 ? 168  ALA A O   1 
ATOM   1238 C  CB  . ALA A 1 168 ? -2.715  -8.539  15.053  1.00 38.92 ? 168  ALA A CB  1 
ATOM   1239 N  N   . GLY A 1 169 ? -4.116  -5.468  15.549  1.00 38.98 ? 169  GLY A N   1 
ATOM   1240 C  CA  . GLY A 1 169 ? -3.953  -4.027  15.725  1.00 38.64 ? 169  GLY A CA  1 
ATOM   1241 C  C   . GLY A 1 169 ? -3.516  -3.251  14.498  1.00 38.47 ? 169  GLY A C   1 
ATOM   1242 O  O   . GLY A 1 169 ? -3.226  -2.055  14.587  1.00 38.21 ? 169  GLY A O   1 
ATOM   1243 N  N   . CYS A 1 170 ? -3.465  -3.918  13.349  1.00 38.40 ? 170  CYS A N   1 
ATOM   1244 C  CA  . CYS A 1 170 ? -3.119  -3.240  12.103  1.00 38.52 ? 170  CYS A CA  1 
ATOM   1245 C  C   . CYS A 1 170 ? -4.162  -2.190  11.736  1.00 38.49 ? 170  CYS A C   1 
ATOM   1246 O  O   . CYS A 1 170 ? -5.371  -2.394  11.929  1.00 38.06 ? 170  CYS A O   1 
ATOM   1247 C  CB  . CYS A 1 170 ? -2.979  -4.235  10.953  1.00 38.75 ? 170  CYS A CB  1 
ATOM   1248 S  SG  . CYS A 1 170 ? -1.563  -5.343  11.083  1.00 39.77 ? 170  CYS A SG  1 
ATOM   1249 N  N   . ALA A 1 171 ? -3.688  -1.058  11.222  1.00 38.40 ? 171  ALA A N   1 
ATOM   1250 C  CA  . ALA A 1 171 ? -4.585  -0.055  10.666  1.00 38.18 ? 171  ALA A CA  1 
ATOM   1251 C  C   . ALA A 1 171 ? -5.189  -0.611  9.368   1.00 38.10 ? 171  ALA A C   1 
ATOM   1252 O  O   . ALA A 1 171 ? -6.348  -0.347  9.056   1.00 37.94 ? 171  ALA A O   1 
ATOM   1253 C  CB  . ALA A 1 171 ? -3.849  1.253   10.420  1.00 37.95 ? 171  ALA A CB  1 
ATOM   1254 N  N   . GLY A 1 172 ? -4.411  -1.413  8.640   1.00 37.95 ? 172  GLY A N   1 
ATOM   1255 C  CA  . GLY A 1 172 ? -4.902  -2.044  7.413   1.00 38.11 ? 172  GLY A CA  1 
ATOM   1256 C  C   . GLY A 1 172 ? -3.961  -3.054  6.785   1.00 38.14 ? 172  GLY A C   1 
ATOM   1257 O  O   . GLY A 1 172 ? -3.213  -3.742  7.487   1.00 38.30 ? 172  GLY A O   1 
ATOM   1258 N  N   . ALA A 1 173 ? -4.007  -3.141  5.456   1.00 38.10 ? 173  ALA A N   1 
ATOM   1259 C  CA  . ALA A 1 173 ? -3.169  -4.067  4.699   1.00 38.00 ? 173  ALA A CA  1 
ATOM   1260 C  C   . ALA A 1 173 ? -2.953  -3.585  3.267   1.00 37.97 ? 173  ALA A C   1 
ATOM   1261 O  O   . ALA A 1 173 ? -3.795  -2.870  2.713   1.00 38.33 ? 173  ALA A O   1 
ATOM   1262 C  CB  . ALA A 1 173 ? -3.782  -5.479  4.704   1.00 37.86 ? 173  ALA A CB  1 
ATOM   1263 N  N   . GLY A 1 174 ? -1.812  -3.960  2.684   1.00 37.70 ? 174  GLY A N   1 
ATOM   1264 C  CA  . GLY A 1 174 ? -1.565  -3.788  1.253   1.00 37.49 ? 174  GLY A CA  1 
ATOM   1265 C  C   . GLY A 1 174 ? -1.866  -5.104  0.552   1.00 37.63 ? 174  GLY A C   1 
ATOM   1266 O  O   . GLY A 1 174 ? -1.409  -6.162  1.000   1.00 37.77 ? 174  GLY A O   1 
ATOM   1267 N  N   . LEU A 1 175 ? -2.631  -5.048  -0.538  1.00 37.07 ? 175  LEU A N   1 
ATOM   1268 C  CA  . LEU A 1 175 ? -3.128  -6.265  -1.191  1.00 37.13 ? 175  LEU A CA  1 
ATOM   1269 C  C   . LEU A 1 175 ? -2.513  -6.518  -2.573  1.00 37.10 ? 175  LEU A C   1 
ATOM   1270 O  O   . LEU A 1 175 ? -2.724  -5.741  -3.517  1.00 36.83 ? 175  LEU A O   1 
ATOM   1271 C  CB  . LEU A 1 175 ? -4.668  -6.256  -1.254  1.00 37.09 ? 175  LEU A CB  1 
ATOM   1272 C  CG  . LEU A 1 175 ? -5.320  -5.911  0.097   1.00 37.56 ? 175  LEU A CG  1 
ATOM   1273 C  CD1 . LEU A 1 175 ? -6.770  -5.554  -0.059  1.00 37.58 ? 175  LEU A CD1 1 
ATOM   1274 C  CD2 . LEU A 1 175 ? -5.122  -7.023  1.134   1.00 36.38 ? 175  LEU A CD2 1 
ATOM   1275 N  N   . GLY A 1 176 ? -1.764  -7.618  -2.668  1.00 36.99 ? 176  GLY A N   1 
ATOM   1276 C  CA  . GLY A 1 176 ? -0.993  -7.959  -3.859  1.00 37.30 ? 176  GLY A CA  1 
ATOM   1277 C  C   . GLY A 1 176 ? -1.683  -8.953  -4.769  1.00 37.85 ? 176  GLY A C   1 
ATOM   1278 O  O   . GLY A 1 176 ? -2.771  -8.687  -5.283  1.00 37.97 ? 176  GLY A O   1 
ATOM   1279 N  N   . SER A 1 177 ? -1.061  -10.115 -4.940  1.00 38.45 ? 177  SER A N   1 
ATOM   1280 C  CA  . SER A 1 177 ? -1.500  -11.107 -5.921  1.00 39.58 ? 177  SER A CA  1 
ATOM   1281 C  C   . SER A 1 177 ? -2.885  -11.725 -5.661  1.00 39.72 ? 177  SER A C   1 
ATOM   1282 O  O   . SER A 1 177 ? -3.483  -12.290 -6.581  1.00 39.57 ? 177  SER A O   1 
ATOM   1283 C  CB  . SER A 1 177 ? -0.451  -12.211 -6.077  1.00 39.39 ? 177  SER A CB  1 
ATOM   1284 O  OG  . SER A 1 177 ? -0.562  -13.142 -5.022  1.00 41.62 ? 177  SER A OG  1 
ATOM   1285 N  N   . ASP A 1 178 ? -3.383  -11.620 -4.428  1.00 39.90 ? 178  ASP A N   1 
ATOM   1286 C  CA  . ASP A 1 178 ? -4.742  -12.074 -4.110  1.00 40.21 ? 178  ASP A CA  1 
ATOM   1287 C  C   . ASP A 1 178 ? -5.786  -11.050 -4.539  1.00 39.31 ? 178  ASP A C   1 
ATOM   1288 O  O   . ASP A 1 178 ? -6.982  -11.331 -4.531  1.00 39.39 ? 178  ASP A O   1 
ATOM   1289 C  CB  . ASP A 1 178 ? -4.891  -12.381 -2.616  1.00 40.91 ? 178  ASP A CB  1 
ATOM   1290 C  CG  . ASP A 1 178 ? -4.080  -13.591 -2.188  1.00 44.34 ? 178  ASP A CG  1 
ATOM   1291 O  OD1 . ASP A 1 178 ? -4.416  -14.727 -2.611  1.00 47.61 ? 178  ASP A OD1 1 
ATOM   1292 O  OD2 . ASP A 1 178 ? -3.100  -13.402 -1.424  1.00 47.66 ? 178  ASP A OD2 1 
ATOM   1293 N  N   . LEU A 1 179 ? -5.335  -9.855  -4.898  1.00 38.39 ? 179  LEU A N   1 
ATOM   1294 C  CA  . LEU A 1 179 ? -6.228  -8.866  -5.488  1.00 37.46 ? 179  LEU A CA  1 
ATOM   1295 C  C   . LEU A 1 179 ? -6.018  -8.801  -7.001  1.00 36.77 ? 179  LEU A C   1 
ATOM   1296 O  O   . LEU A 1 179 ? -6.984  -8.840  -7.769  1.00 36.57 ? 179  LEU A O   1 
ATOM   1297 C  CB  . LEU A 1 179 ? -6.019  -7.486  -4.860  1.00 37.24 ? 179  LEU A CB  1 
ATOM   1298 C  CG  . LEU A 1 179 ? -6.823  -6.354  -5.518  1.00 37.28 ? 179  LEU A CG  1 
ATOM   1299 C  CD1 . LEU A 1 179 ? -8.317  -6.456  -5.209  1.00 35.87 ? 179  LEU A CD1 1 
ATOM   1300 C  CD2 . LEU A 1 179 ? -6.276  -4.994  -5.115  1.00 36.50 ? 179  LEU A CD2 1 
ATOM   1301 N  N   . TYR A 1 180 ? -4.753  -8.704  -7.410  1.00 35.77 ? 180  TYR A N   1 
ATOM   1302 C  CA  . TYR A 1 180 ? -4.393  -8.577  -8.809  1.00 35.25 ? 180  TYR A CA  1 
ATOM   1303 C  C   . TYR A 1 180 ? -3.156  -9.414  -9.166  1.00 35.08 ? 180  TYR A C   1 
ATOM   1304 O  O   . TYR A 1 180 ? -2.090  -9.250  -8.562  1.00 35.26 ? 180  TYR A O   1 
ATOM   1305 C  CB  . TYR A 1 180 ? -4.170  -7.095  -9.179  1.00 35.05 ? 180  TYR A CB  1 
ATOM   1306 C  CG  . TYR A 1 180 ? -3.769  -6.897  -10.634 1.00 34.89 ? 180  TYR A CG  1 
ATOM   1307 C  CD1 . TYR A 1 180 ? -4.742  -6.768  -11.636 1.00 33.93 ? 180  TYR A CD1 1 
ATOM   1308 C  CD2 . TYR A 1 180 ? -2.421  -6.870  -11.012 1.00 33.14 ? 180  TYR A CD2 1 
ATOM   1309 C  CE1 . TYR A 1 180 ? -4.383  -6.615  -12.966 1.00 33.25 ? 180  TYR A CE1 1 
ATOM   1310 C  CE2 . TYR A 1 180 ? -2.052  -6.727  -12.340 1.00 32.91 ? 180  TYR A CE2 1 
ATOM   1311 C  CZ  . TYR A 1 180 ? -3.034  -6.602  -13.313 1.00 33.81 ? 180  TYR A CZ  1 
ATOM   1312 O  OH  . TYR A 1 180 ? -2.674  -6.454  -14.640 1.00 34.71 ? 180  TYR A OH  1 
ATOM   1313 N  N   . ARG A 1 181 ? -3.308  -10.307 -10.141 1.00 34.33 ? 181  ARG A N   1 
ATOM   1314 C  CA  . ARG A 1 181 ? -2.166  -10.881 -10.858 1.00 33.75 ? 181  ARG A CA  1 
ATOM   1315 C  C   . ARG A 1 181 ? -2.223  -10.433 -12.330 1.00 33.73 ? 181  ARG A C   1 
ATOM   1316 O  O   . ARG A 1 181 ? -3.324  -10.268 -12.889 1.00 33.72 ? 181  ARG A O   1 
ATOM   1317 C  CB  . ARG A 1 181 ? -2.109  -12.415 -10.723 1.00 33.84 ? 181  ARG A CB  1 
ATOM   1318 C  CG  . ARG A 1 181 ? -3.198  -13.217 -11.466 1.00 33.31 ? 181  ARG A CG  1 
ATOM   1319 C  CD  . ARG A 1 181 ? -2.777  -13.555 -12.912 1.00 31.67 ? 181  ARG A CD  1 
ATOM   1320 N  NE  . ARG A 1 181 ? -3.715  -14.462 -13.565 1.00 30.71 ? 181  ARG A NE  1 
ATOM   1321 C  CZ  . ARG A 1 181 ? -3.761  -14.702 -14.876 1.00 30.12 ? 181  ARG A CZ  1 
ATOM   1322 N  NH1 . ARG A 1 181 ? -2.929  -14.083 -15.709 1.00 29.52 ? 181  ARG A NH1 1 
ATOM   1323 N  NH2 . ARG A 1 181 ? -4.645  -15.572 -15.356 1.00 26.49 ? 181  ARG A NH2 1 
ATOM   1324 N  N   . ALA A 1 182 ? -1.047  -10.222 -12.935 1.00 33.02 ? 182  ALA A N   1 
ATOM   1325 C  CA  . ALA A 1 182 ? -0.926  -9.684  -14.298 1.00 32.37 ? 182  ALA A CA  1 
ATOM   1326 C  C   . ALA A 1 182 ? -1.640  -10.563 -15.319 1.00 31.77 ? 182  ALA A C   1 
ATOM   1327 O  O   . ALA A 1 182 ? -1.365  -11.753 -15.417 1.00 31.69 ? 182  ALA A O   1 
ATOM   1328 C  CB  . ALA A 1 182 ? 0.561   -9.497  -14.688 1.00 31.85 ? 182  ALA A CB  1 
ATOM   1329 N  N   . GLY A 1 183 ? -2.562  -9.968  -16.068 1.00 31.68 ? 183  GLY A N   1 
ATOM   1330 C  CA  . GLY A 1 183 ? -3.305  -10.701 -17.100 1.00 31.11 ? 183  GLY A CA  1 
ATOM   1331 C  C   . GLY A 1 183 ? -4.646  -11.264 -16.657 1.00 31.03 ? 183  GLY A C   1 
ATOM   1332 O  O   . GLY A 1 183 ? -5.328  -11.923 -17.452 1.00 30.66 ? 183  GLY A O   1 
ATOM   1333 N  N   . GLN A 1 184 ? -5.030  -11.027 -15.394 1.00 30.87 ? 184  GLN A N   1 
ATOM   1334 C  CA  . GLN A 1 184 ? -6.385  -11.387 -14.929 1.00 30.51 ? 184  GLN A CA  1 
ATOM   1335 C  C   . GLN A 1 184 ? -7.386  -10.399 -15.536 1.00 30.33 ? 184  GLN A C   1 
ATOM   1336 O  O   . GLN A 1 184 ? -7.002  -9.300  -15.947 1.00 30.12 ? 184  GLN A O   1 
ATOM   1337 C  CB  . GLN A 1 184 ? -6.487  -11.424 -13.390 1.00 30.39 ? 184  GLN A CB  1 
ATOM   1338 C  CG  . GLN A 1 184 ? -6.671  -10.049 -12.697 1.00 30.11 ? 184  GLN A CG  1 
ATOM   1339 C  CD  . GLN A 1 184 ? -6.751  -10.140 -11.167 1.00 30.62 ? 184  GLN A CD  1 
ATOM   1340 O  OE1 . GLN A 1 184 ? -6.119  -10.993 -10.546 1.00 31.50 ? 184  GLN A OE1 1 
ATOM   1341 N  NE2 . GLN A 1 184 ? -7.513  -9.239  -10.558 1.00 29.68 ? 184  GLN A NE2 1 
ATOM   1342 N  N   . SER A 1 185 ? -8.652  -10.796 -15.605 1.00 30.36 ? 185  SER A N   1 
ATOM   1343 C  CA  . SER A 1 185 ? -9.709  -9.935  -16.157 1.00 30.62 ? 185  SER A CA  1 
ATOM   1344 C  C   . SER A 1 185 ? -10.140 -8.820  -15.204 1.00 31.07 ? 185  SER A C   1 
ATOM   1345 O  O   . SER A 1 185 ? -9.985  -8.933  -13.973 1.00 30.78 ? 185  SER A O   1 
ATOM   1346 C  CB  . SER A 1 185 ? -10.940 -10.766 -16.530 1.00 30.30 ? 185  SER A CB  1 
ATOM   1347 O  OG  . SER A 1 185 ? -11.556 -11.288 -15.371 1.00 29.61 ? 185  SER A OG  1 
ATOM   1348 N  N   . VAL A 1 186 ? -10.703 -7.759  -15.782 1.00 31.51 ? 186  VAL A N   1 
ATOM   1349 C  CA  . VAL A 1 186 ? -11.300 -6.658  -15.010 1.00 32.03 ? 186  VAL A CA  1 
ATOM   1350 C  C   . VAL A 1 186 ? -12.344 -7.188  -14.021 1.00 31.95 ? 186  VAL A C   1 
ATOM   1351 O  O   . VAL A 1 186 ? -12.379 -6.752  -12.872 1.00 32.46 ? 186  VAL A O   1 
ATOM   1352 C  CB  . VAL A 1 186 ? -11.921 -5.552  -15.921 1.00 32.28 ? 186  VAL A CB  1 
ATOM   1353 C  CG1 . VAL A 1 186 ? -12.300 -4.317  -15.093 1.00 32.65 ? 186  VAL A CG1 1 
ATOM   1354 C  CG2 . VAL A 1 186 ? -10.939 -5.142  -17.017 1.00 32.65 ? 186  VAL A CG2 1 
ATOM   1355 N  N   . GLU A 1 187 ? -13.163 -8.144  -14.462 1.00 31.62 ? 187  GLU A N   1 
ATOM   1356 C  CA  . GLU A 1 187 ? -14.189 -8.761  -13.617 1.00 31.45 ? 187  GLU A CA  1 
ATOM   1357 C  C   . GLU A 1 187 ? -13.599 -9.410  -12.364 1.00 31.30 ? 187  GLU A C   1 
ATOM   1358 O  O   . GLU A 1 187 ? -14.140 -9.255  -11.270 1.00 31.17 ? 187  GLU A O   1 
ATOM   1359 C  CB  . GLU A 1 187 ? -15.020 -9.778  -14.411 1.00 31.56 ? 187  GLU A CB  1 
ATOM   1360 C  CG  . GLU A 1 187 ? -15.969 -9.160  -15.474 1.00 32.80 ? 187  GLU A CG  1 
ATOM   1361 C  CD  . GLU A 1 187 ? -15.241 -8.589  -16.697 1.00 33.80 ? 187  GLU A CD  1 
ATOM   1362 O  OE1 . GLU A 1 187 ? -14.115 -9.034  -17.013 1.00 33.46 ? 187  GLU A OE1 1 
ATOM   1363 O  OE2 . GLU A 1 187 ? -15.800 -7.689  -17.353 1.00 35.39 ? 187  GLU A OE2 1 
ATOM   1364 N  N   . ARG A 1 188 ? -12.487 -10.127 -12.530 1.00 31.22 ? 188  ARG A N   1 
ATOM   1365 C  CA  . ARG A 1 188 ? -11.755 -10.701 -11.401 1.00 31.44 ? 188  ARG A CA  1 
ATOM   1366 C  C   . ARG A 1 188 ? -11.318 -9.624  -10.393 1.00 31.76 ? 188  ARG A C   1 
ATOM   1367 O  O   . ARG A 1 188 ? -11.447 -9.819  -9.183  1.00 31.72 ? 188  ARG A O   1 
ATOM   1368 C  CB  . ARG A 1 188 ? -10.555 -11.530 -11.890 1.00 31.32 ? 188  ARG A CB  1 
ATOM   1369 C  CG  . ARG A 1 188 ? -9.663  -12.119 -10.786 1.00 32.12 ? 188  ARG A CG  1 
ATOM   1370 C  CD  . ARG A 1 188 ? -10.473 -13.021 -9.848  1.00 34.78 ? 188  ARG A CD  1 
ATOM   1371 N  NE  . ARG A 1 188 ? -9.641  -13.842 -8.964  1.00 36.02 ? 188  ARG A NE  1 
ATOM   1372 C  CZ  . ARG A 1 188 ? -10.122 -14.794 -8.166  1.00 36.61 ? 188  ARG A CZ  1 
ATOM   1373 N  NH1 . ARG A 1 188 ? -11.427 -15.027 -8.117  1.00 36.91 ? 188  ARG A NH1 1 
ATOM   1374 N  NH2 . ARG A 1 188 ? -9.309  -15.508 -7.408  1.00 37.11 ? 188  ARG A NH2 1 
ATOM   1375 N  N   . THR A 1 189 ? -10.804 -8.501  -10.897 1.00 32.11 ? 189  THR A N   1 
ATOM   1376 C  CA  . THR A 1 189 ? -10.375 -7.394  -10.046 1.00 32.76 ? 189  THR A CA  1 
ATOM   1377 C  C   . THR A 1 189 ? -11.559 -6.816  -9.252  1.00 33.15 ? 189  THR A C   1 
ATOM   1378 O  O   . THR A 1 189 ? -11.458 -6.636  -8.033  1.00 33.56 ? 189  THR A O   1 
ATOM   1379 C  CB  . THR A 1 189 ? -9.617  -6.297  -10.856 1.00 33.05 ? 189  THR A CB  1 
ATOM   1380 O  OG1 . THR A 1 189 ? -8.478  -6.880  -11.510 1.00 32.82 ? 189  THR A OG1 1 
ATOM   1381 C  CG2 . THR A 1 189 ? -9.131  -5.181  -9.951  1.00 33.42 ? 189  THR A CG2 1 
ATOM   1382 N  N   . ALA A 1 190 ? -12.677 -6.566  -9.935  1.00 33.33 ? 190  ALA A N   1 
ATOM   1383 C  CA  . ALA A 1 190 ? -13.909 -6.095  -9.288  1.00 33.87 ? 190  ALA A CA  1 
ATOM   1384 C  C   . ALA A 1 190 ? -14.489 -7.092  -8.263  1.00 34.07 ? 190  ALA A C   1 
ATOM   1385 O  O   . ALA A 1 190 ? -14.971 -6.691  -7.197  1.00 33.99 ? 190  ALA A O   1 
ATOM   1386 C  CB  . ALA A 1 190 ? -14.957 -5.729  -10.342 1.00 33.85 ? 190  ALA A CB  1 
ATOM   1387 N  N   . GLN A 1 191 ? -14.432 -8.385  -8.580  1.00 34.47 ? 191  GLN A N   1 
ATOM   1388 C  CA  . GLN A 1 191 ? -14.818 -9.447  -7.630  1.00 34.92 ? 191  GLN A CA  1 
ATOM   1389 C  C   . GLN A 1 191 ? -13.925 -9.483  -6.368  1.00 34.65 ? 191  GLN A C   1 
ATOM   1390 O  O   . GLN A 1 191 ? -14.433 -9.557  -5.254  1.00 34.58 ? 191  GLN A O   1 
ATOM   1391 C  CB  . GLN A 1 191 ? -14.829 -10.819 -8.327  1.00 34.64 ? 191  GLN A CB  1 
ATOM   1392 C  CG  . GLN A 1 191 ? -14.931 -12.019 -7.371  1.00 36.43 ? 191  GLN A CG  1 
ATOM   1393 C  CD  . GLN A 1 191 ? -14.749 -13.379 -8.050  1.00 37.29 ? 191  GLN A CD  1 
ATOM   1394 O  OE1 . GLN A 1 191 ? -13.980 -13.522 -9.009  1.00 40.18 ? 191  GLN A OE1 1 
ATOM   1395 N  NE2 . GLN A 1 191 ? -15.452 -14.391 -7.540  1.00 39.13 ? 191  GLN A NE2 1 
ATOM   1396 N  N   . GLN A 1 192 ? -12.604 -9.429  -6.540  1.00 34.60 ? 192  GLN A N   1 
ATOM   1397 C  CA  . GLN A 1 192 ? -11.692 -9.521  -5.387  1.00 35.01 ? 192  GLN A CA  1 
ATOM   1398 C  C   . GLN A 1 192 ? -11.745 -8.286  -4.487  1.00 35.21 ? 192  GLN A C   1 
ATOM   1399 O  O   . GLN A 1 192 ? -11.687 -8.404  -3.257  1.00 35.34 ? 192  GLN A O   1 
ATOM   1400 C  CB  . GLN A 1 192 ? -10.250 -9.818  -5.820  1.00 34.68 ? 192  GLN A CB  1 
ATOM   1401 C  CG  . GLN A 1 192 ? -10.048 -11.212 -6.400  1.00 34.97 ? 192  GLN A CG  1 
ATOM   1402 C  CD  . GLN A 1 192 ? -10.365 -12.312 -5.398  1.00 35.19 ? 192  GLN A CD  1 
ATOM   1403 O  OE1 . GLN A 1 192 ? -11.468 -12.857 -5.392  1.00 36.42 ? 192  GLN A OE1 1 
ATOM   1404 N  NE2 . GLN A 1 192 ? -9.404  -12.633 -4.537  1.00 34.19 ? 192  GLN A NE2 1 
ATOM   1405 N  N   . ALA A 1 193 ? -11.869 -7.114  -5.111  1.00 35.17 ? 193  ALA A N   1 
ATOM   1406 C  CA  . ALA A 1 193 ? -11.921 -5.849  -4.397  1.00 35.37 ? 193  ALA A CA  1 
ATOM   1407 C  C   . ALA A 1 193 ? -13.162 -5.771  -3.501  1.00 35.63 ? 193  ALA A C   1 
ATOM   1408 O  O   . ALA A 1 193 ? -13.062 -5.364  -2.341  1.00 35.78 ? 193  ALA A O   1 
ATOM   1409 C  CB  . ALA A 1 193 ? -11.881 -4.673  -5.383  1.00 35.29 ? 193  ALA A CB  1 
ATOM   1410 N  N   . ALA A 1 194 ? -14.316 -6.176  -4.038  1.00 35.31 ? 194  ALA A N   1 
ATOM   1411 C  CA  . ALA A 1 194 ? -15.558 -6.227  -3.261  1.00 35.42 ? 194  ALA A CA  1 
ATOM   1412 C  C   . ALA A 1 194 ? -15.424 -7.133  -2.034  1.00 35.48 ? 194  ALA A C   1 
ATOM   1413 O  O   . ALA A 1 194 ? -15.926 -6.800  -0.954  1.00 35.69 ? 194  ALA A O   1 
ATOM   1414 C  CB  . ALA A 1 194 ? -16.741 -6.677  -4.134  1.00 34.86 ? 194  ALA A CB  1 
ATOM   1415 N  N   . ALA A 1 195 ? -14.748 -8.271  -2.209  1.00 35.28 ? 195  ALA A N   1 
ATOM   1416 C  CA  . ALA A 1 195 ? -14.613 -9.269  -1.154  1.00 35.37 ? 195  ALA A CA  1 
ATOM   1417 C  C   . ALA A 1 195 ? -13.721 -8.784  -0.008  1.00 35.66 ? 195  ALA A C   1 
ATOM   1418 O  O   . ALA A 1 195 ? -14.031 -9.019  1.156   1.00 36.16 ? 195  ALA A O   1 
ATOM   1419 C  CB  . ALA A 1 195 ? -14.110 -10.594 -1.725  1.00 35.05 ? 195  ALA A CB  1 
ATOM   1420 N  N   . PHE A 1 196 ? -12.622 -8.112  -0.348  1.00 35.88 ? 196  PHE A N   1 
ATOM   1421 C  CA  . PHE A 1 196 ? -11.732 -7.488  0.635   1.00 36.07 ? 196  PHE A CA  1 
ATOM   1422 C  C   . PHE A 1 196 ? -12.438 -6.382  1.433   1.00 36.52 ? 196  PHE A C   1 
ATOM   1423 O  O   . PHE A 1 196 ? -12.361 -6.365  2.670   1.00 36.80 ? 196  PHE A O   1 
ATOM   1424 C  CB  . PHE A 1 196 ? -10.472 -6.928  -0.041  1.00 35.74 ? 196  PHE A CB  1 
ATOM   1425 C  CG  . PHE A 1 196 ? -9.365  -7.946  -0.231  1.00 35.78 ? 196  PHE A CG  1 
ATOM   1426 C  CD1 . PHE A 1 196 ? -8.643  -8.428  0.861   1.00 34.77 ? 196  PHE A CD1 1 
ATOM   1427 C  CD2 . PHE A 1 196 ? -9.018  -8.388  -1.508  1.00 35.58 ? 196  PHE A CD2 1 
ATOM   1428 C  CE1 . PHE A 1 196 ? -7.611  -9.357  0.689   1.00 35.43 ? 196  PHE A CE1 1 
ATOM   1429 C  CE2 . PHE A 1 196 ? -7.983  -9.320  -1.696  1.00 35.63 ? 196  PHE A CE2 1 
ATOM   1430 C  CZ  . PHE A 1 196 ? -7.276  -9.804  -0.594  1.00 35.19 ? 196  PHE A CZ  1 
ATOM   1431 N  N   . VAL A 1 197 ? -13.123 -5.476  0.728   1.00 36.65 ? 197  VAL A N   1 
ATOM   1432 C  CA  . VAL A 1 197 ? -13.892 -4.390  1.360   1.00 37.02 ? 197  VAL A CA  1 
ATOM   1433 C  C   . VAL A 1 197 ? -14.972 -4.935  2.313   1.00 37.44 ? 197  VAL A C   1 
ATOM   1434 O  O   . VAL A 1 197 ? -15.104 -4.471  3.446   1.00 37.72 ? 197  VAL A O   1 
ATOM   1435 C  CB  . VAL A 1 197 ? -14.528 -3.433  0.298   1.00 37.22 ? 197  VAL A CB  1 
ATOM   1436 C  CG1 . VAL A 1 197 ? -15.517 -2.449  0.950   1.00 36.85 ? 197  VAL A CG1 1 
ATOM   1437 C  CG2 . VAL A 1 197 ? -13.447 -2.675  -0.469  1.00 35.77 ? 197  VAL A CG2 1 
ATOM   1438 N  N   . LYS A 1 198 ? -15.726 -5.928  1.850   1.00 37.72 ? 198  LYS A N   1 
ATOM   1439 C  CA  . LYS A 1 198 ? -16.739 -6.599  2.671   1.00 38.17 ? 198  LYS A CA  1 
ATOM   1440 C  C   . LYS A 1 198 ? -16.139 -7.212  3.948   1.00 38.37 ? 198  LYS A C   1 
ATOM   1441 O  O   . LYS A 1 198 ? -16.704 -7.063  5.031   1.00 38.53 ? 198  LYS A O   1 
ATOM   1442 C  CB  . LYS A 1 198 ? -17.455 -7.659  1.827   1.00 38.25 ? 198  LYS A CB  1 
ATOM   1443 C  CG  . LYS A 1 198 ? -18.502 -8.479  2.542   1.00 38.91 ? 198  LYS A CG  1 
ATOM   1444 C  CD  . LYS A 1 198 ? -19.344 -9.246  1.526   1.00 40.60 ? 198  LYS A CD  1 
ATOM   1445 C  CE  . LYS A 1 198 ? -19.908 -10.561 2.099   1.00 41.35 ? 198  LYS A CE  1 
ATOM   1446 N  NZ  . LYS A 1 198 ? -20.583 -10.405 3.422   1.00 41.52 ? 198  LYS A NZ  1 
ATOM   1447 N  N   . ALA A 1 199 ? -14.996 -7.887  3.810   1.00 38.55 ? 199  ALA A N   1 
ATOM   1448 C  CA  . ALA A 1 199 ? -14.315 -8.543  4.932   1.00 38.64 ? 199  ALA A CA  1 
ATOM   1449 C  C   . ALA A 1 199 ? -13.750 -7.535  5.934   1.00 38.86 ? 199  ALA A C   1 
ATOM   1450 O  O   . ALA A 1 199 ? -13.725 -7.795  7.135   1.00 38.59 ? 199  ALA A O   1 
ATOM   1451 C  CB  . ALA A 1 199 ? -13.208 -9.453  4.417   1.00 38.48 ? 199  ALA A CB  1 
ATOM   1452 N  N   . TYR A 1 200 ? -13.285 -6.394  5.426   1.00 39.41 ? 200  TYR A N   1 
ATOM   1453 C  CA  . TYR A 1 200 ? -12.808 -5.307  6.269   1.00 39.56 ? 200  TYR A CA  1 
ATOM   1454 C  C   . TYR A 1 200 ? -13.943 -4.722  7.135   1.00 40.23 ? 200  TYR A C   1 
ATOM   1455 O  O   . TYR A 1 200 ? -13.784 -4.580  8.353   1.00 40.12 ? 200  TYR A O   1 
ATOM   1456 C  CB  . TYR A 1 200 ? -12.131 -4.211  5.432   1.00 38.87 ? 200  TYR A CB  1 
ATOM   1457 C  CG  . TYR A 1 200 ? -11.738 -3.010  6.260   1.00 38.47 ? 200  TYR A CG  1 
ATOM   1458 C  CD1 . TYR A 1 200 ? -10.525 -2.979  6.957   1.00 37.68 ? 200  TYR A CD1 1 
ATOM   1459 C  CD2 . TYR A 1 200 ? -12.600 -1.921  6.385   1.00 37.61 ? 200  TYR A CD2 1 
ATOM   1460 C  CE1 . TYR A 1 200 ? -10.179 -1.881  7.740   1.00 37.48 ? 200  TYR A CE1 1 
ATOM   1461 C  CE2 . TYR A 1 200 ? -12.264 -0.824  7.162   1.00 37.25 ? 200  TYR A CE2 1 
ATOM   1462 C  CZ  . TYR A 1 200 ? -11.059 -0.806  7.834   1.00 37.56 ? 200  TYR A CZ  1 
ATOM   1463 O  OH  . TYR A 1 200 ? -10.744 0.289   8.597   1.00 38.31 ? 200  TYR A OH  1 
ATOM   1464 N  N   . ARG A 1 201 ? -15.071 -4.389  6.503   1.00 41.02 ? 201  ARG A N   1 
ATOM   1465 C  CA  . ARG A 1 201 ? -16.244 -3.851  7.216   1.00 42.23 ? 201  ARG A CA  1 
ATOM   1466 C  C   . ARG A 1 201 ? -16.745 -4.797  8.318   1.00 42.22 ? 201  ARG A C   1 
ATOM   1467 O  O   . ARG A 1 201 ? -17.141 -4.346  9.390   1.00 42.10 ? 201  ARG A O   1 
ATOM   1468 C  CB  . ARG A 1 201 ? -17.387 -3.501  6.248   1.00 42.52 ? 201  ARG A CB  1 
ATOM   1469 C  CG  . ARG A 1 201 ? -17.051 -2.423  5.198   1.00 45.37 ? 201  ARG A CG  1 
ATOM   1470 C  CD  . ARG A 1 201 ? -16.993 -1.015  5.803   1.00 50.08 ? 201  ARG A CD  1 
ATOM   1471 N  NE  . ARG A 1 201 ? -16.143 -0.110  5.009   1.00 53.63 ? 201  ARG A NE  1 
ATOM   1472 C  CZ  . ARG A 1 201 ? -15.905 1.171   5.315   1.00 55.59 ? 201  ARG A CZ  1 
ATOM   1473 N  NH1 . ARG A 1 201 ? -16.455 1.728   6.400   1.00 56.92 ? 201  ARG A NH1 1 
ATOM   1474 N  NH2 . ARG A 1 201 ? -15.117 1.908   4.531   1.00 56.09 ? 201  ARG A NH2 1 
ATOM   1475 N  N   . GLU A 1 202 ? -16.721 -6.099  8.044   1.00 42.53 ? 202  GLU A N   1 
ATOM   1476 C  CA  . GLU A 1 202 ? -17.033 -7.114  9.047   1.00 43.18 ? 202  GLU A CA  1 
ATOM   1477 C  C   . GLU A 1 202 ? -16.023 -7.149  10.203  1.00 43.20 ? 202  GLU A C   1 
ATOM   1478 O  O   . GLU A 1 202 ? -16.416 -7.227  11.369  1.00 43.36 ? 202  GLU A O   1 
ATOM   1479 C  CB  . GLU A 1 202 ? -17.167 -8.493  8.396   1.00 43.30 ? 202  GLU A CB  1 
ATOM   1480 C  CG  . GLU A 1 202 ? -18.573 -8.783  7.884   1.00 45.14 ? 202  GLU A CG  1 
ATOM   1481 C  CD  . GLU A 1 202 ? -18.604 -9.723  6.688   1.00 47.24 ? 202  GLU A CD  1 
ATOM   1482 O  OE1 . GLU A 1 202 ? -17.556 -10.318 6.352   1.00 48.61 ? 202  GLU A OE1 1 
ATOM   1483 O  OE2 . GLU A 1 202 ? -19.689 -9.861  6.077   1.00 47.87 ? 202  GLU A OE2 1 
ATOM   1484 N  N   . ALA A 1 203 ? -14.733 -7.079  9.877   1.00 43.13 ? 203  ALA A N   1 
ATOM   1485 C  CA  . ALA A 1 203 ? -13.669 -7.130  10.882  1.00 43.26 ? 203  ALA A CA  1 
ATOM   1486 C  C   . ALA A 1 203 ? -13.657 -5.919  11.824  1.00 43.39 ? 203  ALA A C   1 
ATOM   1487 O  O   . ALA A 1 203 ? -13.407 -6.061  13.024  1.00 43.00 ? 203  ALA A O   1 
ATOM   1488 C  CB  . ALA A 1 203 ? -12.301 -7.300  10.209  1.00 43.24 ? 203  ALA A CB  1 
ATOM   1489 N  N   . VAL A 1 204 ? -13.921 -4.735  11.273  1.00 43.75 ? 204  VAL A N   1 
ATOM   1490 C  CA  . VAL A 1 204 ? -13.921 -3.496  12.054  1.00 44.11 ? 204  VAL A CA  1 
ATOM   1491 C  C   . VAL A 1 204 ? -15.099 -3.458  13.028  1.00 44.38 ? 204  VAL A C   1 
ATOM   1492 O  O   . VAL A 1 204 ? -14.942 -3.051  14.187  1.00 44.46 ? 204  VAL A O   1 
ATOM   1493 C  CB  . VAL A 1 204 ? -13.883 -2.242  11.132  1.00 44.27 ? 204  VAL A CB  1 
ATOM   1494 C  CG1 . VAL A 1 204 ? -14.454 -1.000  11.830  1.00 44.17 ? 204  VAL A CG1 1 
ATOM   1495 C  CG2 . VAL A 1 204 ? -12.458 -1.987  10.669  1.00 43.96 ? 204  VAL A CG2 1 
ATOM   1496 N  N   . GLN A 1 205 ? -16.263 -3.899  12.548  1.00 44.46 ? 205  GLN A N   1 
ATOM   1497 C  CA  . GLN A 1 205 ? -17.471 -4.049  13.362  1.00 44.63 ? 205  GLN A CA  1 
ATOM   1498 C  C   . GLN A 1 205 ? -17.238 -4.969  14.571  1.00 44.56 ? 205  GLN A C   1 
ATOM   1499 O  O   . GLN A 1 205 ? -17.674 -4.659  15.677  1.00 44.13 ? 205  GLN A O   1 
ATOM   1500 C  CB  . GLN A 1 205 ? -18.636 -4.558  12.494  1.00 44.64 ? 205  GLN A CB  1 
ATOM   1501 C  CG  . GLN A 1 205 ? -19.937 -4.842  13.250  1.00 45.40 ? 205  GLN A CG  1 
ATOM   1502 C  CD  . GLN A 1 205 ? -20.654 -3.579  13.707  1.00 46.38 ? 205  GLN A CD  1 
ATOM   1503 O  OE1 . GLN A 1 205 ? -20.906 -2.669  12.911  1.00 47.42 ? 205  GLN A OE1 1 
ATOM   1504 N  NE2 . GLN A 1 205 ? -20.999 -3.526  14.993  1.00 45.93 ? 205  GLN A NE2 1 
ATOM   1505 N  N   . LEU A 1 206 ? -16.542 -6.087  14.348  1.00 44.81 ? 206  LEU A N   1 
ATOM   1506 C  CA  . LEU A 1 206 ? -16.205 -7.035  15.421  1.00 45.03 ? 206  LEU A CA  1 
ATOM   1507 C  C   . LEU A 1 206 ? -15.125 -6.490  16.354  1.00 45.04 ? 206  LEU A C   1 
ATOM   1508 O  O   . LEU A 1 206 ? -15.423 -5.897  17.398  1.00 45.12 ? 206  LEU A O   1 
ATOM   1509 C  CB  . LEU A 1 206 ? -15.739 -8.379  14.845  1.00 44.97 ? 206  LEU A CB  1 
ATOM   1510 C  CG  . LEU A 1 206 ? -16.724 -9.295  14.106  1.00 44.96 ? 206  LEU A CG  1 
ATOM   1511 C  CD1 . LEU A 1 206 ? -15.992 -10.540 13.621  1.00 44.40 ? 206  LEU A CD1 1 
ATOM   1512 C  CD2 . LEU A 1 206 ? -17.931 -9.683  14.964  1.00 43.99 ? 206  LEU A CD2 1 
HETATM 1513 O  O   . HOH B 2 .   ? -8.762  11.971  1.801   1.00 40.35 ? 2001 HOH A O   1 
HETATM 1514 O  O   . HOH B 2 .   ? -2.842  8.505   4.311   1.00 43.45 ? 2002 HOH A O   1 
HETATM 1515 O  O   . HOH B 2 .   ? -8.521  2.125   0.107   1.00 28.53 ? 2003 HOH A O   1 
HETATM 1516 O  O   . HOH B 2 .   ? -0.485  -7.142  -7.428  1.00 23.18 ? 2004 HOH A O   1 
HETATM 1517 O  O   . HOH B 2 .   ? 1.297   -9.626  -10.953 1.00 33.35 ? 2005 HOH A O   1 
HETATM 1518 O  O   . HOH B 2 .   ? -5.648  2.232   -19.327 1.00 32.75 ? 2006 HOH A O   1 
HETATM 1519 O  O   . HOH B 2 .   ? 9.759   8.911   -18.243 1.00 47.14 ? 2007 HOH A O   1 
HETATM 1520 O  O   . HOH B 2 .   ? -7.914  0.516   -19.433 1.00 38.18 ? 2008 HOH A O   1 
HETATM 1521 O  O   . HOH B 2 .   ? -9.050  -1.967  -20.605 1.00 40.05 ? 2009 HOH A O   1 
HETATM 1522 O  O   . HOH B 2 .   ? -4.546  -7.775  -16.377 1.00 24.14 ? 2010 HOH A O   1 
HETATM 1523 O  O   . HOH B 2 .   ? -13.480 -0.917  -14.773 1.00 35.81 ? 2011 HOH A O   1 
HETATM 1524 O  O   . HOH B 2 .   ? -15.905 -2.624  -8.857  1.00 36.58 ? 2012 HOH A O   1 
HETATM 1525 O  O   . HOH B 2 .   ? -17.307 -3.313  -2.658  1.00 43.27 ? 2013 HOH A O   1 
HETATM 1526 O  O   . HOH B 2 .   ? -12.802 7.484   -0.514  1.00 54.26 ? 2014 HOH A O   1 
HETATM 1527 O  O   . HOH B 2 .   ? 6.674   9.752   -18.189 1.00 34.26 ? 2015 HOH A O   1 
HETATM 1528 O  O   . HOH B 2 .   ? 9.631   0.628   -17.677 1.00 42.02 ? 2016 HOH A O   1 
HETATM 1529 O  O   . HOH B 2 .   ? 7.170   4.139   -21.095 1.00 51.82 ? 2017 HOH A O   1 
HETATM 1530 O  O   . HOH B 2 .   ? 0.746   8.304   -19.766 1.00 27.20 ? 2018 HOH A O   1 
HETATM 1531 O  O   . HOH B 2 .   ? 2.474   -0.124  -16.047 1.00 17.03 ? 2019 HOH A O   1 
HETATM 1532 O  O   . HOH B 2 .   ? -4.582  14.785  -9.724  1.00 44.66 ? 2020 HOH A O   1 
HETATM 1533 O  O   . HOH B 2 .   ? -1.806  11.985  -18.053 1.00 33.92 ? 2021 HOH A O   1 
HETATM 1534 O  O   . HOH B 2 .   ? -10.382 12.207  -9.844  1.00 54.96 ? 2022 HOH A O   1 
HETATM 1535 O  O   . HOH B 2 .   ? 7.081   -2.450  -2.507  1.00 12.13 ? 2023 HOH A O   1 
HETATM 1536 O  O   . HOH B 2 .   ? 15.906  -0.128  -8.641  1.00 46.27 ? 2024 HOH A O   1 
HETATM 1537 O  O   . HOH B 2 .   ? 9.474   12.348  -14.438 1.00 36.91 ? 2025 HOH A O   1 
HETATM 1538 O  O   . HOH B 2 .   ? -1.011  14.472  -3.262  1.00 55.18 ? 2026 HOH A O   1 
HETATM 1539 O  O   . HOH B 2 .   ? 13.615  1.922   -0.451  1.00 22.04 ? 2027 HOH A O   1 
HETATM 1540 O  O   . HOH B 2 .   ? 12.704  3.010   2.079   1.00 24.07 ? 2028 HOH A O   1 
HETATM 1541 O  O   . HOH B 2 .   ? 20.043  6.457   3.323   1.00 47.08 ? 2029 HOH A O   1 
HETATM 1542 O  O   . HOH B 2 .   ? 12.370  16.418  -1.395  1.00 43.90 ? 2030 HOH A O   1 
HETATM 1543 O  O   . HOH B 2 .   ? 15.148  -5.607  15.769  1.00 27.16 ? 2031 HOH A O   1 
HETATM 1544 O  O   . HOH B 2 .   ? 16.320  1.189   15.556  1.00 28.79 ? 2032 HOH A O   1 
HETATM 1545 O  O   . HOH B 2 .   ? 12.382  6.295   15.802  1.00 38.82 ? 2033 HOH A O   1 
HETATM 1546 O  O   . HOH B 2 .   ? 16.574  6.580   9.909   1.00 41.84 ? 2034 HOH A O   1 
HETATM 1547 O  O   . HOH B 2 .   ? 7.725   13.262  8.592   1.00 43.11 ? 2035 HOH A O   1 
HETATM 1548 O  O   . HOH B 2 .   ? 10.811  -5.641  5.061   1.00 23.52 ? 2036 HOH A O   1 
HETATM 1549 O  O   . HOH B 2 .   ? 4.432   -13.896 3.892   1.00 53.58 ? 2037 HOH A O   1 
HETATM 1550 O  O   . HOH B 2 .   ? 11.536  -7.539  15.715  1.00 34.48 ? 2038 HOH A O   1 
HETATM 1551 O  O   . HOH B 2 .   ? 1.644   1.250   18.479  1.00 44.72 ? 2039 HOH A O   1 
HETATM 1552 O  O   . HOH B 2 .   ? -11.316 -11.988 7.522   1.00 34.64 ? 2040 HOH A O   1 
HETATM 1553 O  O   . HOH B 2 .   ? -5.490  -11.896 15.327  1.00 47.12 ? 2041 HOH A O   1 
HETATM 1554 O  O   . HOH B 2 .   ? -1.797  -0.006  13.642  1.00 41.25 ? 2042 HOH A O   1 
HETATM 1555 O  O   . HOH B 2 .   ? -6.815  -2.981  14.029  1.00 40.15 ? 2043 HOH A O   1 
HETATM 1556 O  O   . HOH B 2 .   ? -0.416  -8.489  0.963   1.00 38.94 ? 2044 HOH A O   1 
HETATM 1557 O  O   . HOH B 2 .   ? 1.155   -10.585 -3.744  1.00 40.39 ? 2045 HOH A O   1 
HETATM 1558 O  O   . HOH B 2 .   ? -2.378  -10.455 -1.261  1.00 43.27 ? 2046 HOH A O   1 
HETATM 1559 O  O   . HOH B 2 .   ? 0.832   -13.184 -13.820 1.00 37.44 ? 2047 HOH A O   1 
HETATM 1560 O  O   . HOH B 2 .   ? -9.070  -13.543 -14.456 1.00 28.70 ? 2048 HOH A O   1 
HETATM 1561 O  O   . HOH B 2 .   ? -10.760 -7.938  -18.632 1.00 39.38 ? 2049 HOH A O   1 
HETATM 1562 O  O   . HOH B 2 .   ? -10.472 -17.287 -5.364  1.00 47.99 ? 2050 HOH A O   1 
HETATM 1563 O  O   . HOH B 2 .   ? -18.033 -5.200  -0.822  1.00 38.90 ? 2051 HOH A O   1 
HETATM 1564 O  O   . HOH B 2 .   ? -15.714 -11.326 1.786   1.00 34.96 ? 2052 HOH A O   1 
HETATM 1565 O  O   . HOH B 2 .   ? -12.966 -5.280  16.187  1.00 50.28 ? 2053 HOH A O   1 
# 
